data_4F14
# 
_entry.id   4F14 
# 
_audit_conform.dict_name       mmcif_pdbx.dic 
_audit_conform.dict_version    5.387 
_audit_conform.dict_location   http://mmcif.pdb.org/dictionaries/ascii/mmcif_pdbx.dic 
# 
loop_
_database_2.database_id 
_database_2.database_code 
_database_2.pdbx_database_accession 
_database_2.pdbx_DOI 
PDB   4F14         pdb_00004f14 10.2210/pdb4f14/pdb 
RCSB  RCSB072322   ?            ?                   
WWPDB D_1000072322 ?            ?                   
# 
loop_
_pdbx_audit_revision_history.ordinal 
_pdbx_audit_revision_history.data_content_type 
_pdbx_audit_revision_history.major_revision 
_pdbx_audit_revision_history.minor_revision 
_pdbx_audit_revision_history.revision_date 
1 'Structure model' 1 0 2012-06-20 
2 'Structure model' 1 1 2013-10-23 
3 'Structure model' 1 2 2017-11-15 
4 'Structure model' 1 3 2024-02-28 
# 
_pdbx_audit_revision_details.ordinal             1 
_pdbx_audit_revision_details.revision_ordinal    1 
_pdbx_audit_revision_details.data_content_type   'Structure model' 
_pdbx_audit_revision_details.provider            repository 
_pdbx_audit_revision_details.type                'Initial release' 
_pdbx_audit_revision_details.description         ? 
_pdbx_audit_revision_details.details             ? 
# 
loop_
_pdbx_audit_revision_group.ordinal 
_pdbx_audit_revision_group.revision_ordinal 
_pdbx_audit_revision_group.data_content_type 
_pdbx_audit_revision_group.group 
1 2 'Structure model' 'Database references'    
2 3 'Structure model' 'Refinement description' 
3 4 'Structure model' 'Data collection'        
4 4 'Structure model' 'Database references'    
5 4 'Structure model' 'Derived calculations'   
# 
loop_
_pdbx_audit_revision_category.ordinal 
_pdbx_audit_revision_category.revision_ordinal 
_pdbx_audit_revision_category.data_content_type 
_pdbx_audit_revision_category.category 
1 3 'Structure model' software               
2 4 'Structure model' chem_comp_atom         
3 4 'Structure model' chem_comp_bond         
4 4 'Structure model' database_2             
5 4 'Structure model' diffrn_source          
6 4 'Structure model' pdbx_struct_conn_angle 
7 4 'Structure model' struct_conn            
8 4 'Structure model' struct_ref_seq_dif     
9 4 'Structure model' struct_site            
# 
loop_
_pdbx_audit_revision_item.ordinal 
_pdbx_audit_revision_item.revision_ordinal 
_pdbx_audit_revision_item.data_content_type 
_pdbx_audit_revision_item.item 
1  3 'Structure model' '_software.name'                              
2  4 'Structure model' '_database_2.pdbx_DOI'                        
3  4 'Structure model' '_database_2.pdbx_database_accession'         
4  4 'Structure model' '_diffrn_source.pdbx_synchrotron_site'        
5  4 'Structure model' '_pdbx_struct_conn_angle.ptnr1_auth_comp_id'  
6  4 'Structure model' '_pdbx_struct_conn_angle.ptnr1_auth_seq_id'   
7  4 'Structure model' '_pdbx_struct_conn_angle.ptnr1_label_atom_id' 
8  4 'Structure model' '_pdbx_struct_conn_angle.ptnr1_label_comp_id' 
9  4 'Structure model' '_pdbx_struct_conn_angle.ptnr1_label_seq_id'  
10 4 'Structure model' '_pdbx_struct_conn_angle.ptnr3_auth_comp_id'  
11 4 'Structure model' '_pdbx_struct_conn_angle.ptnr3_auth_seq_id'   
12 4 'Structure model' '_pdbx_struct_conn_angle.ptnr3_label_atom_id' 
13 4 'Structure model' '_pdbx_struct_conn_angle.ptnr3_label_comp_id' 
14 4 'Structure model' '_pdbx_struct_conn_angle.ptnr3_label_seq_id'  
15 4 'Structure model' '_pdbx_struct_conn_angle.value'               
16 4 'Structure model' '_struct_conn.pdbx_dist_value'                
17 4 'Structure model' '_struct_conn.ptnr1_auth_comp_id'             
18 4 'Structure model' '_struct_conn.ptnr1_auth_seq_id'              
19 4 'Structure model' '_struct_conn.ptnr1_label_atom_id'            
20 4 'Structure model' '_struct_conn.ptnr1_label_comp_id'            
21 4 'Structure model' '_struct_conn.ptnr1_label_seq_id'             
22 4 'Structure model' '_struct_ref_seq_dif.details'                 
23 4 'Structure model' '_struct_site.pdbx_auth_asym_id'              
24 4 'Structure model' '_struct_site.pdbx_auth_comp_id'              
25 4 'Structure model' '_struct_site.pdbx_auth_seq_id'               
# 
_pdbx_database_status.status_code                     REL 
_pdbx_database_status.entry_id                        4F14 
_pdbx_database_status.recvd_initial_deposition_date   2012-05-06 
_pdbx_database_status.deposit_site                    RCSB 
_pdbx_database_status.process_site                    RCSB 
_pdbx_database_status.status_code_sf                  REL 
_pdbx_database_status.status_code_mr                  ? 
_pdbx_database_status.SG_entry                        ? 
_pdbx_database_status.status_code_cs                  ? 
_pdbx_database_status.methods_development_category    ? 
_pdbx_database_status.pdb_format_compatible           Y 
_pdbx_database_status.status_code_nmr_data            ? 
# 
loop_
_audit_author.name 
_audit_author.pdbx_ordinal 
'Sauer, F.'     1 
'Vahokoski, J.' 2 
'Wilmanns, M.'  3 
# 
_citation.id                        primary 
_citation.title                     
;Identification of Xin-repeat proteins as novel ligands of the SH3 domains of nebulin and nebulette and analysis of their interaction during myofibril formation and remodeling.
;
_citation.journal_abbrev            'Mol Biol Cell' 
_citation.journal_volume            24 
_citation.page_first                3215 
_citation.page_last                 3226 
_citation.year                      2013 
_citation.journal_id_ASTM           ? 
_citation.country                   US 
_citation.journal_id_ISSN           1059-1524 
_citation.journal_id_CSD            0353 
_citation.book_publisher            ? 
_citation.pdbx_database_id_PubMed   23985323 
_citation.pdbx_database_id_DOI      10.1091/mbc.E13-04-0202 
# 
loop_
_citation_author.citation_id 
_citation_author.name 
_citation_author.ordinal 
_citation_author.identifier_ORCID 
primary 'Eulitz, S.'        1  ? 
primary 'Sauer, F.'         2  ? 
primary 'Pelissier, M.C.'   3  ? 
primary 'Boisguerin, P.'    4  ? 
primary 'Molt, S.'          5  ? 
primary 'Schuld, J.'        6  ? 
primary 'Orfanos, Z.'       7  ? 
primary 'Kley, R.A.'        8  ? 
primary 'Volkmer, R.'       9  ? 
primary 'Wilmanns, M.'      10 ? 
primary 'Kirfel, G.'        11 ? 
primary 'van der Ven, P.F.' 12 ? 
primary 'Furst, D.O.'       13 ? 
# 
loop_
_entity.id 
_entity.type 
_entity.src_method 
_entity.pdbx_description 
_entity.formula_weight 
_entity.pdbx_number_of_molecules 
_entity.pdbx_ec 
_entity.pdbx_mutation 
_entity.pdbx_fragment 
_entity.details 
1 polymer     man Nebulette                                       7354.065 1   ? ? ? ? 
2 polymer     syn 'Xin actin-binding repeat-containing protein 2' 1453.809 1   ? ? ? ? 
3 non-polymer syn 'ZINC ION'                                      65.409   1   ? ? ? ? 
4 water       nat water                                           18.015   104 ? ? ? ? 
# 
loop_
_entity_name_com.entity_id 
_entity_name_com.name 
1 'Actin-binding Z-disk protein'                          
2 'Beta-xin, Cardiomyopathy-associated protein 3, Xeplin' 
# 
loop_
_entity_poly.entity_id 
_entity_poly.type 
_entity_poly.nstd_linkage 
_entity_poly.nstd_monomer 
_entity_poly.pdbx_seq_one_letter_code 
_entity_poly.pdbx_seq_one_letter_code_can 
_entity_poly.pdbx_strand_id 
_entity_poly.pdbx_target_identifier 
1 'polypeptide(L)' no no GAMANLRTYRAMYDYSAQDEDEVSFRDGDYIVNVQPIDDGWMYGTVQRTGRTGMLPANYIEFVN 
GAMANLRTYRAMYDYSAQDEDEVSFRDGDYIVNVQPIDDGWMYGTVQRTGRTGMLPANYIEFVN A ? 
2 'polypeptide(L)' no no PPPTLPKPKLPKH                                                    PPPTLPKPKLPKH B ? 
# 
loop_
_pdbx_entity_nonpoly.entity_id 
_pdbx_entity_nonpoly.name 
_pdbx_entity_nonpoly.comp_id 
3 'ZINC ION' ZN  
4 water      HOH 
# 
loop_
_entity_poly_seq.entity_id 
_entity_poly_seq.num 
_entity_poly_seq.mon_id 
_entity_poly_seq.hetero 
1 1  GLY n 
1 2  ALA n 
1 3  MET n 
1 4  ALA n 
1 5  ASN n 
1 6  LEU n 
1 7  ARG n 
1 8  THR n 
1 9  TYR n 
1 10 ARG n 
1 11 ALA n 
1 12 MET n 
1 13 TYR n 
1 14 ASP n 
1 15 TYR n 
1 16 SER n 
1 17 ALA n 
1 18 GLN n 
1 19 ASP n 
1 20 GLU n 
1 21 ASP n 
1 22 GLU n 
1 23 VAL n 
1 24 SER n 
1 25 PHE n 
1 26 ARG n 
1 27 ASP n 
1 28 GLY n 
1 29 ASP n 
1 30 TYR n 
1 31 ILE n 
1 32 VAL n 
1 33 ASN n 
1 34 VAL n 
1 35 GLN n 
1 36 PRO n 
1 37 ILE n 
1 38 ASP n 
1 39 ASP n 
1 40 GLY n 
1 41 TRP n 
1 42 MET n 
1 43 TYR n 
1 44 GLY n 
1 45 THR n 
1 46 VAL n 
1 47 GLN n 
1 48 ARG n 
1 49 THR n 
1 50 GLY n 
1 51 ARG n 
1 52 THR n 
1 53 GLY n 
1 54 MET n 
1 55 LEU n 
1 56 PRO n 
1 57 ALA n 
1 58 ASN n 
1 59 TYR n 
1 60 ILE n 
1 61 GLU n 
1 62 PHE n 
1 63 VAL n 
1 64 ASN n 
2 1  PRO n 
2 2  PRO n 
2 3  PRO n 
2 4  THR n 
2 5  LEU n 
2 6  PRO n 
2 7  LYS n 
2 8  PRO n 
2 9  LYS n 
2 10 LEU n 
2 11 PRO n 
2 12 LYS n 
2 13 HIS n 
# 
_entity_src_gen.entity_id                          1 
_entity_src_gen.pdbx_src_id                        1 
_entity_src_gen.pdbx_alt_source_flag               sample 
_entity_src_gen.pdbx_seq_type                      ? 
_entity_src_gen.pdbx_beg_seq_num                   ? 
_entity_src_gen.pdbx_end_seq_num                   ? 
_entity_src_gen.gene_src_common_name               human 
_entity_src_gen.gene_src_genus                     ? 
_entity_src_gen.pdbx_gene_src_gene                 NEBL 
_entity_src_gen.gene_src_species                   ? 
_entity_src_gen.gene_src_strain                    ? 
_entity_src_gen.gene_src_tissue                    ? 
_entity_src_gen.gene_src_tissue_fraction           ? 
_entity_src_gen.gene_src_details                   ? 
_entity_src_gen.pdbx_gene_src_fragment             ? 
_entity_src_gen.pdbx_gene_src_scientific_name      'Homo sapiens' 
_entity_src_gen.pdbx_gene_src_ncbi_taxonomy_id     9606 
_entity_src_gen.pdbx_gene_src_variant              ? 
_entity_src_gen.pdbx_gene_src_cell_line            ? 
_entity_src_gen.pdbx_gene_src_atcc                 ? 
_entity_src_gen.pdbx_gene_src_organ                ? 
_entity_src_gen.pdbx_gene_src_organelle            ? 
_entity_src_gen.pdbx_gene_src_cell                 ? 
_entity_src_gen.pdbx_gene_src_cellular_location    ? 
_entity_src_gen.host_org_common_name               ? 
_entity_src_gen.pdbx_host_org_scientific_name      'Escherichia coli' 
_entity_src_gen.pdbx_host_org_ncbi_taxonomy_id     562 
_entity_src_gen.host_org_genus                     ? 
_entity_src_gen.pdbx_host_org_gene                 ? 
_entity_src_gen.pdbx_host_org_organ                ? 
_entity_src_gen.host_org_species                   ? 
_entity_src_gen.pdbx_host_org_tissue               ? 
_entity_src_gen.pdbx_host_org_tissue_fraction      ? 
_entity_src_gen.pdbx_host_org_strain               ? 
_entity_src_gen.pdbx_host_org_variant              ? 
_entity_src_gen.pdbx_host_org_cell_line            ? 
_entity_src_gen.pdbx_host_org_atcc                 ? 
_entity_src_gen.pdbx_host_org_culture_collection   ? 
_entity_src_gen.pdbx_host_org_cell                 ? 
_entity_src_gen.pdbx_host_org_organelle            ? 
_entity_src_gen.pdbx_host_org_cellular_location    ? 
_entity_src_gen.pdbx_host_org_vector_type          ? 
_entity_src_gen.pdbx_host_org_vector               ? 
_entity_src_gen.host_org_details                   ? 
_entity_src_gen.expression_system_id               ? 
_entity_src_gen.plasmid_name                       ? 
_entity_src_gen.plasmid_details                    ? 
_entity_src_gen.pdbx_description                   ? 
# 
_pdbx_entity_src_syn.entity_id              2 
_pdbx_entity_src_syn.pdbx_src_id            1 
_pdbx_entity_src_syn.pdbx_alt_source_flag   sample 
_pdbx_entity_src_syn.pdbx_beg_seq_num       ? 
_pdbx_entity_src_syn.pdbx_end_seq_num       ? 
_pdbx_entity_src_syn.organism_scientific    'Homo sapiens' 
_pdbx_entity_src_syn.organism_common_name   human 
_pdbx_entity_src_syn.ncbi_taxonomy_id       9606 
_pdbx_entity_src_syn.details                'synthetic peptide' 
# 
loop_
_chem_comp.id 
_chem_comp.type 
_chem_comp.mon_nstd_flag 
_chem_comp.name 
_chem_comp.pdbx_synonyms 
_chem_comp.formula 
_chem_comp.formula_weight 
ALA 'L-peptide linking' y ALANINE         ? 'C3 H7 N O2'     89.093  
ARG 'L-peptide linking' y ARGININE        ? 'C6 H15 N4 O2 1' 175.209 
ASN 'L-peptide linking' y ASPARAGINE      ? 'C4 H8 N2 O3'    132.118 
ASP 'L-peptide linking' y 'ASPARTIC ACID' ? 'C4 H7 N O4'     133.103 
GLN 'L-peptide linking' y GLUTAMINE       ? 'C5 H10 N2 O3'   146.144 
GLU 'L-peptide linking' y 'GLUTAMIC ACID' ? 'C5 H9 N O4'     147.129 
GLY 'peptide linking'   y GLYCINE         ? 'C2 H5 N O2'     75.067  
HIS 'L-peptide linking' y HISTIDINE       ? 'C6 H10 N3 O2 1' 156.162 
HOH non-polymer         . WATER           ? 'H2 O'           18.015  
ILE 'L-peptide linking' y ISOLEUCINE      ? 'C6 H13 N O2'    131.173 
LEU 'L-peptide linking' y LEUCINE         ? 'C6 H13 N O2'    131.173 
LYS 'L-peptide linking' y LYSINE          ? 'C6 H15 N2 O2 1' 147.195 
MET 'L-peptide linking' y METHIONINE      ? 'C5 H11 N O2 S'  149.211 
PHE 'L-peptide linking' y PHENYLALANINE   ? 'C9 H11 N O2'    165.189 
PRO 'L-peptide linking' y PROLINE         ? 'C5 H9 N O2'     115.130 
SER 'L-peptide linking' y SERINE          ? 'C3 H7 N O3'     105.093 
THR 'L-peptide linking' y THREONINE       ? 'C4 H9 N O3'     119.119 
TRP 'L-peptide linking' y TRYPTOPHAN      ? 'C11 H12 N2 O2'  204.225 
TYR 'L-peptide linking' y TYROSINE        ? 'C9 H11 N O3'    181.189 
VAL 'L-peptide linking' y VALINE          ? 'C5 H11 N O2'    117.146 
ZN  non-polymer         . 'ZINC ION'      ? 'Zn 2'           65.409  
# 
loop_
_pdbx_poly_seq_scheme.asym_id 
_pdbx_poly_seq_scheme.entity_id 
_pdbx_poly_seq_scheme.seq_id 
_pdbx_poly_seq_scheme.mon_id 
_pdbx_poly_seq_scheme.ndb_seq_num 
_pdbx_poly_seq_scheme.pdb_seq_num 
_pdbx_poly_seq_scheme.auth_seq_num 
_pdbx_poly_seq_scheme.pdb_mon_id 
_pdbx_poly_seq_scheme.auth_mon_id 
_pdbx_poly_seq_scheme.pdb_strand_id 
_pdbx_poly_seq_scheme.pdb_ins_code 
_pdbx_poly_seq_scheme.hetero 
A 1 1  GLY 1  951  ?    ?   ?   A . n 
A 1 2  ALA 2  952  ?    ?   ?   A . n 
A 1 3  MET 3  953  ?    ?   ?   A . n 
A 1 4  ALA 4  954  ?    ?   ?   A . n 
A 1 5  ASN 5  955  ?    ?   ?   A . n 
A 1 6  LEU 6  956  ?    ?   ?   A . n 
A 1 7  ARG 7  957  ?    ?   ?   A . n 
A 1 8  THR 8  958  958  THR THR A . n 
A 1 9  TYR 9  959  959  TYR TYR A . n 
A 1 10 ARG 10 960  960  ARG ARG A . n 
A 1 11 ALA 11 961  961  ALA ALA A . n 
A 1 12 MET 12 962  962  MET MET A . n 
A 1 13 TYR 13 963  963  TYR TYR A . n 
A 1 14 ASP 14 964  964  ASP ASP A . n 
A 1 15 TYR 15 965  965  TYR TYR A . n 
A 1 16 SER 16 966  966  SER SER A . n 
A 1 17 ALA 17 967  967  ALA ALA A . n 
A 1 18 GLN 18 968  968  GLN GLN A . n 
A 1 19 ASP 19 969  969  ASP ASP A . n 
A 1 20 GLU 20 970  970  GLU GLU A . n 
A 1 21 ASP 21 971  971  ASP ASP A . n 
A 1 22 GLU 22 972  972  GLU GLU A . n 
A 1 23 VAL 23 973  973  VAL VAL A . n 
A 1 24 SER 24 974  974  SER SER A . n 
A 1 25 PHE 25 975  975  PHE PHE A . n 
A 1 26 ARG 26 976  976  ARG ARG A . n 
A 1 27 ASP 27 977  977  ASP ASP A . n 
A 1 28 GLY 28 978  978  GLY GLY A . n 
A 1 29 ASP 29 979  979  ASP ASP A . n 
A 1 30 TYR 30 980  980  TYR TYR A . n 
A 1 31 ILE 31 981  981  ILE ILE A . n 
A 1 32 VAL 32 982  982  VAL VAL A . n 
A 1 33 ASN 33 983  983  ASN ASN A . n 
A 1 34 VAL 34 984  984  VAL VAL A . n 
A 1 35 GLN 35 985  985  GLN GLN A . n 
A 1 36 PRO 36 986  986  PRO PRO A . n 
A 1 37 ILE 37 987  987  ILE ILE A . n 
A 1 38 ASP 38 988  988  ASP ASP A . n 
A 1 39 ASP 39 989  989  ASP ASP A . n 
A 1 40 GLY 40 990  990  GLY GLY A . n 
A 1 41 TRP 41 991  991  TRP TRP A . n 
A 1 42 MET 42 992  992  MET MET A . n 
A 1 43 TYR 43 993  993  TYR TYR A . n 
A 1 44 GLY 44 994  994  GLY GLY A . n 
A 1 45 THR 45 995  995  THR THR A . n 
A 1 46 VAL 46 996  996  VAL VAL A . n 
A 1 47 GLN 47 997  997  GLN GLN A . n 
A 1 48 ARG 48 998  998  ARG ARG A . n 
A 1 49 THR 49 999  999  THR THR A . n 
A 1 50 GLY 50 1000 1000 GLY GLY A . n 
A 1 51 ARG 51 1001 1001 ARG ARG A . n 
A 1 52 THR 52 1002 1002 THR THR A . n 
A 1 53 GLY 53 1003 1003 GLY GLY A . n 
A 1 54 MET 54 1004 1004 MET MET A . n 
A 1 55 LEU 55 1005 1005 LEU LEU A . n 
A 1 56 PRO 56 1006 1006 PRO PRO A . n 
A 1 57 ALA 57 1007 1007 ALA ALA A . n 
A 1 58 ASN 58 1008 1008 ASN ASN A . n 
A 1 59 TYR 59 1009 1009 TYR TYR A . n 
A 1 60 ILE 60 1010 1010 ILE ILE A . n 
A 1 61 GLU 61 1011 1011 GLU GLU A . n 
A 1 62 PHE 62 1012 1012 PHE PHE A . n 
A 1 63 VAL 63 1013 1013 VAL VAL A . n 
A 1 64 ASN 64 1014 ?    ?   ?   A . n 
B 2 1  PRO 1  2245 2245 PRO PRO B . n 
B 2 2  PRO 2  2246 2246 PRO PRO B . n 
B 2 3  PRO 3  2247 2247 PRO PRO B . n 
B 2 4  THR 4  2248 2248 THR THR B . n 
B 2 5  LEU 5  2249 2249 LEU LEU B . n 
B 2 6  PRO 6  2250 2250 PRO PRO B . n 
B 2 7  LYS 7  2251 2251 LYS LYS B . n 
B 2 8  PRO 8  2252 2252 PRO PRO B . n 
B 2 9  LYS 9  2253 2253 LYS LYS B . n 
B 2 10 LEU 10 2254 2254 LEU LEU B . n 
B 2 11 PRO 11 2255 2255 PRO PRO B . n 
B 2 12 LYS 12 2256 ?    ?   ?   B . n 
B 2 13 HIS 13 2257 ?    ?   ?   B . n 
# 
loop_
_pdbx_nonpoly_scheme.asym_id 
_pdbx_nonpoly_scheme.entity_id 
_pdbx_nonpoly_scheme.mon_id 
_pdbx_nonpoly_scheme.ndb_seq_num 
_pdbx_nonpoly_scheme.pdb_seq_num 
_pdbx_nonpoly_scheme.auth_seq_num 
_pdbx_nonpoly_scheme.pdb_mon_id 
_pdbx_nonpoly_scheme.auth_mon_id 
_pdbx_nonpoly_scheme.pdb_strand_id 
_pdbx_nonpoly_scheme.pdb_ins_code 
C 3 ZN  1  1101 1   ZN  ZN  A . 
D 4 HOH 1  1201 1   HOH HOH A . 
D 4 HOH 2  1202 2   HOH HOH A . 
D 4 HOH 3  1203 3   HOH HOH A . 
D 4 HOH 4  1204 4   HOH HOH A . 
D 4 HOH 5  1205 6   HOH HOH A . 
D 4 HOH 6  1206 7   HOH HOH A . 
D 4 HOH 7  1207 8   HOH HOH A . 
D 4 HOH 8  1208 9   HOH HOH A . 
D 4 HOH 9  1209 10  HOH HOH A . 
D 4 HOH 10 1210 11  HOH HOH A . 
D 4 HOH 11 1211 12  HOH HOH A . 
D 4 HOH 12 1212 14  HOH HOH A . 
D 4 HOH 13 1213 15  HOH HOH A . 
D 4 HOH 14 1214 16  HOH HOH A . 
D 4 HOH 15 1215 17  HOH HOH A . 
D 4 HOH 16 1216 18  HOH HOH A . 
D 4 HOH 17 1217 19  HOH HOH A . 
D 4 HOH 18 1218 21  HOH HOH A . 
D 4 HOH 19 1219 22  HOH HOH A . 
D 4 HOH 20 1220 23  HOH HOH A . 
D 4 HOH 21 1221 24  HOH HOH A . 
D 4 HOH 22 1222 25  HOH HOH A . 
D 4 HOH 23 1223 26  HOH HOH A . 
D 4 HOH 24 1224 28  HOH HOH A . 
D 4 HOH 25 1225 29  HOH HOH A . 
D 4 HOH 26 1226 30  HOH HOH A . 
D 4 HOH 27 1227 31  HOH HOH A . 
D 4 HOH 28 1228 33  HOH HOH A . 
D 4 HOH 29 1229 34  HOH HOH A . 
D 4 HOH 30 1230 37  HOH HOH A . 
D 4 HOH 31 1231 38  HOH HOH A . 
D 4 HOH 32 1232 39  HOH HOH A . 
D 4 HOH 33 1233 40  HOH HOH A . 
D 4 HOH 34 1234 41  HOH HOH A . 
D 4 HOH 35 1235 42  HOH HOH A . 
D 4 HOH 36 1236 43  HOH HOH A . 
D 4 HOH 37 1237 44  HOH HOH A . 
D 4 HOH 38 1238 46  HOH HOH A . 
D 4 HOH 39 1239 47  HOH HOH A . 
D 4 HOH 40 1240 48  HOH HOH A . 
D 4 HOH 41 1241 50  HOH HOH A . 
D 4 HOH 42 1242 52  HOH HOH A . 
D 4 HOH 43 1243 53  HOH HOH A . 
D 4 HOH 44 1244 54  HOH HOH A . 
D 4 HOH 45 1245 55  HOH HOH A . 
D 4 HOH 46 1246 57  HOH HOH A . 
D 4 HOH 47 1247 58  HOH HOH A . 
D 4 HOH 48 1248 59  HOH HOH A . 
D 4 HOH 49 1249 60  HOH HOH A . 
D 4 HOH 50 1250 61  HOH HOH A . 
D 4 HOH 51 1251 62  HOH HOH A . 
D 4 HOH 52 1252 63  HOH HOH A . 
D 4 HOH 53 1253 65  HOH HOH A . 
D 4 HOH 54 1254 66  HOH HOH A . 
D 4 HOH 55 1255 67  HOH HOH A . 
D 4 HOH 56 1256 68  HOH HOH A . 
D 4 HOH 57 1257 69  HOH HOH A . 
D 4 HOH 58 1258 72  HOH HOH A . 
D 4 HOH 59 1259 74  HOH HOH A . 
D 4 HOH 60 1260 75  HOH HOH A . 
D 4 HOH 61 1261 76  HOH HOH A . 
D 4 HOH 62 1262 78  HOH HOH A . 
D 4 HOH 63 1263 79  HOH HOH A . 
D 4 HOH 64 1264 80  HOH HOH A . 
D 4 HOH 65 1265 81  HOH HOH A . 
D 4 HOH 66 1266 82  HOH HOH A . 
D 4 HOH 67 1267 83  HOH HOH A . 
D 4 HOH 68 1268 84  HOH HOH A . 
D 4 HOH 69 1269 85  HOH HOH A . 
D 4 HOH 70 1270 86  HOH HOH A . 
D 4 HOH 71 1271 87  HOH HOH A . 
D 4 HOH 72 1272 88  HOH HOH A . 
D 4 HOH 73 1273 89  HOH HOH A . 
D 4 HOH 74 1274 90  HOH HOH A . 
D 4 HOH 75 1275 92  HOH HOH A . 
D 4 HOH 76 1276 93  HOH HOH A . 
D 4 HOH 77 1277 94  HOH HOH A . 
D 4 HOH 78 1278 95  HOH HOH A . 
D 4 HOH 79 1279 96  HOH HOH A . 
D 4 HOH 80 1280 97  HOH HOH A . 
D 4 HOH 81 1281 98  HOH HOH A . 
D 4 HOH 82 1282 99  HOH HOH A . 
D 4 HOH 83 1283 100 HOH HOH A . 
D 4 HOH 84 1284 101 HOH HOH A . 
D 4 HOH 85 1285 102 HOH HOH A . 
D 4 HOH 86 1286 103 HOH HOH A . 
D 4 HOH 87 1287 104 HOH HOH A . 
E 4 HOH 1  2301 5   HOH HOH B . 
E 4 HOH 2  2302 13  HOH HOH B . 
E 4 HOH 3  2303 20  HOH HOH B . 
E 4 HOH 4  2304 27  HOH HOH B . 
E 4 HOH 5  2305 32  HOH HOH B . 
E 4 HOH 6  2306 35  HOH HOH B . 
E 4 HOH 7  2307 36  HOH HOH B . 
E 4 HOH 8  2308 45  HOH HOH B . 
E 4 HOH 9  2309 49  HOH HOH B . 
E 4 HOH 10 2310 51  HOH HOH B . 
E 4 HOH 11 2311 56  HOH HOH B . 
E 4 HOH 12 2312 64  HOH HOH B . 
E 4 HOH 13 2313 70  HOH HOH B . 
E 4 HOH 14 2314 71  HOH HOH B . 
E 4 HOH 15 2315 73  HOH HOH B . 
E 4 HOH 16 2316 77  HOH HOH B . 
E 4 HOH 17 2317 91  HOH HOH B . 
# 
loop_
_pdbx_unobs_or_zero_occ_atoms.id 
_pdbx_unobs_or_zero_occ_atoms.PDB_model_num 
_pdbx_unobs_or_zero_occ_atoms.polymer_flag 
_pdbx_unobs_or_zero_occ_atoms.occupancy_flag 
_pdbx_unobs_or_zero_occ_atoms.auth_asym_id 
_pdbx_unobs_or_zero_occ_atoms.auth_comp_id 
_pdbx_unobs_or_zero_occ_atoms.auth_seq_id 
_pdbx_unobs_or_zero_occ_atoms.PDB_ins_code 
_pdbx_unobs_or_zero_occ_atoms.auth_atom_id 
_pdbx_unobs_or_zero_occ_atoms.label_alt_id 
_pdbx_unobs_or_zero_occ_atoms.label_asym_id 
_pdbx_unobs_or_zero_occ_atoms.label_comp_id 
_pdbx_unobs_or_zero_occ_atoms.label_seq_id 
_pdbx_unobs_or_zero_occ_atoms.label_atom_id 
1 1 Y 1 B LYS 2253 ? CG  ? B LYS 9  CG  
2 1 Y 1 B LYS 2253 ? CD  ? B LYS 9  CD  
3 1 Y 1 B LYS 2253 ? CE  ? B LYS 9  CE  
4 1 Y 1 B LYS 2253 ? NZ  ? B LYS 9  NZ  
5 1 Y 1 B LEU 2254 ? CG  ? B LEU 10 CG  
6 1 Y 1 B LEU 2254 ? CD1 ? B LEU 10 CD1 
7 1 Y 1 B LEU 2254 ? CD2 ? B LEU 10 CD2 
# 
loop_
_software.name 
_software.classification 
_software.version 
_software.citation_id 
_software.pdbx_ordinal 
MAR345 'data collection' .                            ? 1 
PHASER phasing           .                            ? 2 
PHENIX refinement        '(phenix.refine: 1.6.4_486)' ? 3 
XDS    'data reduction'  .                            ? 4 
XSCALE 'data scaling'    .                            ? 5 
# 
_cell.entry_id           4F14 
_cell.length_a           35.640 
_cell.length_b           38.420 
_cell.length_c           43.260 
_cell.angle_alpha        90.00 
_cell.angle_beta         90.00 
_cell.angle_gamma        90.00 
_cell.Z_PDB              4 
_cell.pdbx_unique_axis   ? 
_cell.length_a_esd       ? 
_cell.length_b_esd       ? 
_cell.length_c_esd       ? 
_cell.angle_alpha_esd    ? 
_cell.angle_beta_esd     ? 
_cell.angle_gamma_esd    ? 
# 
_symmetry.entry_id                         4F14 
_symmetry.space_group_name_H-M             'P 21 21 21' 
_symmetry.pdbx_full_space_group_name_H-M   ? 
_symmetry.cell_setting                     ? 
_symmetry.Int_Tables_number                19 
_symmetry.space_group_name_Hall            ? 
# 
_exptl.entry_id          4F14 
_exptl.method            'X-RAY DIFFRACTION' 
_exptl.crystals_number   1 
# 
_exptl_crystal.id                    1 
_exptl_crystal.density_meas          ? 
_exptl_crystal.density_Matthews      1.68 
_exptl_crystal.density_percent_sol   26.84 
_exptl_crystal.description           ? 
_exptl_crystal.F_000                 ? 
_exptl_crystal.preparation           ? 
# 
_exptl_crystal_grow.crystal_id      1 
_exptl_crystal_grow.method          'VAPOR DIFFUSION, SITTING DROP' 
_exptl_crystal_grow.temp            293 
_exptl_crystal_grow.temp_details    ? 
_exptl_crystal_grow.pH              8.0 
_exptl_crystal_grow.pdbx_details    '10 mM ZnCl2, 20% PEG6000, pH 8.0, VAPOR DIFFUSION, SITTING DROP, temperature 293K' 
_exptl_crystal_grow.pdbx_pH_range   ? 
# 
_diffrn.id                     1 
_diffrn.ambient_temp           100 
_diffrn.ambient_temp_details   ? 
_diffrn.crystal_id             1 
# 
_diffrn_detector.diffrn_id              1 
_diffrn_detector.detector               CCD 
_diffrn_detector.type                   'MAR CCD 165 mm' 
_diffrn_detector.pdbx_collection_date   2009-02-11 
_diffrn_detector.details                ? 
# 
_diffrn_radiation.diffrn_id                        1 
_diffrn_radiation.wavelength_id                    1 
_diffrn_radiation.pdbx_monochromatic_or_laue_m_l   M 
_diffrn_radiation.monochromator                    ? 
_diffrn_radiation.pdbx_diffrn_protocol             'SINGLE WAVELENGTH' 
_diffrn_radiation.pdbx_scattering_type             x-ray 
# 
_diffrn_radiation_wavelength.id           1 
_diffrn_radiation_wavelength.wavelength   0.8123 
_diffrn_radiation_wavelength.wt           1.0 
# 
_diffrn_source.diffrn_id                   1 
_diffrn_source.source                      SYNCHROTRON 
_diffrn_source.type                        'EMBL/DESY, HAMBURG BEAMLINE X13' 
_diffrn_source.pdbx_synchrotron_site       'EMBL/DESY, HAMBURG' 
_diffrn_source.pdbx_synchrotron_beamline   X13 
_diffrn_source.pdbx_wavelength             ? 
_diffrn_source.pdbx_wavelength_list        0.8123 
# 
_reflns.entry_id                     4F14 
_reflns.observed_criterion_sigma_I   -3 
_reflns.observed_criterion_sigma_F   0 
_reflns.d_resolution_low             30 
_reflns.d_resolution_high            1.2 
_reflns.number_obs                   18936 
_reflns.number_all                   19181 
_reflns.percent_possible_obs         98.7 
_reflns.pdbx_Rmerge_I_obs            0.042 
_reflns.pdbx_Rsym_value              ? 
_reflns.pdbx_netI_over_sigmaI        18.99 
_reflns.B_iso_Wilson_estimate        14.2 
_reflns.pdbx_redundancy              3.34 
_reflns.R_free_details               ? 
_reflns.limit_h_max                  ? 
_reflns.limit_h_min                  ? 
_reflns.limit_k_max                  ? 
_reflns.limit_k_min                  ? 
_reflns.limit_l_max                  ? 
_reflns.limit_l_min                  ? 
_reflns.observed_criterion_F_max     ? 
_reflns.observed_criterion_F_min     ? 
_reflns.pdbx_chi_squared             ? 
_reflns.pdbx_scaling_rejects         ? 
_reflns.pdbx_ordinal                 1 
_reflns.pdbx_diffrn_id               1 
# 
loop_
_reflns_shell.d_res_high 
_reflns_shell.d_res_low 
_reflns_shell.percent_possible_all 
_reflns_shell.Rmerge_I_obs 
_reflns_shell.pdbx_Rsym_value 
_reflns_shell.meanI_over_sigI_obs 
_reflns_shell.pdbx_redundancy 
_reflns_shell.percent_possible_obs 
_reflns_shell.number_unique_all 
_reflns_shell.number_measured_all 
_reflns_shell.number_measured_obs 
_reflns_shell.number_unique_obs 
_reflns_shell.pdbx_chi_squared 
_reflns_shell.pdbx_ordinal 
_reflns_shell.pdbx_diffrn_id 
1.20 1.23 98.0 ? ? ? ? ? ? ? ? ? ? 1 1 
1.23 1.26 98.2 ? ? ? ? ? ? ? ? ? ? 2 1 
1.26 1.30 98.4 ? ? ? ? ? ? ? ? ? ? 3 1 
1.30 1.34 98.7 ? ? ? ? ? ? ? ? ? ? 4 1 
1.34 1.39 99.0 ? ? ? ? ? ? ? ? ? ? 5 1 
1.39 1.40 99.0 ? ? ? ? ? ? ? ? ? ? 6 1 
# 
_refine.entry_id                                 4F14 
_refine.ls_number_reflns_obs                     18915 
_refine.ls_number_reflns_all                     19181 
_refine.pdbx_ls_sigma_I                          ? 
_refine.pdbx_ls_sigma_F                          1.11 
_refine.pdbx_data_cutoff_high_absF               ? 
_refine.pdbx_data_cutoff_low_absF                ? 
_refine.pdbx_data_cutoff_high_rms_absF           ? 
_refine.ls_d_res_low                             18.491 
_refine.ls_d_res_high                            1.200 
_refine.ls_percent_reflns_obs                    98.64 
_refine.ls_R_factor_obs                          0.1454 
_refine.ls_R_factor_all                          ? 
_refine.ls_R_factor_R_work                       0.1440 
_refine.ls_R_factor_R_free                       0.1705 
_refine.ls_R_factor_R_free_error                 ? 
_refine.ls_R_factor_R_free_error_details         ? 
_refine.ls_percent_reflns_R_free                 5.18 
_refine.ls_number_reflns_R_free                  979 
_refine.ls_number_parameters                     ? 
_refine.ls_number_restraints                     ? 
_refine.occupancy_min                            ? 
_refine.occupancy_max                            ? 
_refine.correlation_coeff_Fo_to_Fc               ? 
_refine.correlation_coeff_Fo_to_Fc_free          ? 
_refine.B_iso_mean                               ? 
_refine.aniso_B[1][1]                            0.0000 
_refine.aniso_B[2][2]                            0.0000 
_refine.aniso_B[3][3]                            0.0000 
_refine.aniso_B[1][2]                            0.0000 
_refine.aniso_B[1][3]                            0.0000 
_refine.aniso_B[2][3]                            0.0000 
_refine.solvent_model_details                    'FLAT BULK SOLVENT MODEL' 
_refine.solvent_model_param_ksol                 0.473 
_refine.solvent_model_param_bsol                 62.358 
_refine.pdbx_solvent_vdw_probe_radii             0.80 
_refine.pdbx_solvent_ion_probe_radii             ? 
_refine.pdbx_solvent_shrinkage_radii             0.47 
_refine.pdbx_ls_cross_valid_method               ? 
_refine.details                                  ? 
_refine.pdbx_starting_model                      ? 
_refine.pdbx_method_to_determine_struct          'MOLECULAR REPLACEMENT' 
_refine.pdbx_isotropic_thermal_model             ? 
_refine.pdbx_stereochemistry_target_values       ML 
_refine.pdbx_stereochem_target_val_spec_case     ? 
_refine.pdbx_R_Free_selection_details            random 
_refine.pdbx_overall_ESU_R                       ? 
_refine.pdbx_overall_ESU_R_Free                  ? 
_refine.overall_SU_ML                            0.15 
_refine.pdbx_overall_phase_error                 12.71 
_refine.overall_SU_B                             ? 
_refine.overall_SU_R_Cruickshank_DPI             ? 
_refine.ls_redundancy_reflns_obs                 ? 
_refine.B_iso_min                                ? 
_refine.B_iso_max                                ? 
_refine.overall_SU_R_free                        ? 
_refine.ls_wR_factor_R_free                      ? 
_refine.ls_wR_factor_R_work                      ? 
_refine.overall_FOM_free_R_set                   ? 
_refine.overall_FOM_work_R_set                   ? 
_refine.pdbx_diffrn_id                           1 
_refine.pdbx_refine_id                           'X-RAY DIFFRACTION' 
_refine.pdbx_TLS_residual_ADP_flag               ? 
_refine.pdbx_overall_SU_R_free_Cruickshank_DPI   ? 
_refine.pdbx_overall_SU_R_Blow_DPI               ? 
_refine.pdbx_overall_SU_R_free_Blow_DPI          ? 
# 
_refine_hist.pdbx_refine_id                   'X-RAY DIFFRACTION' 
_refine_hist.cycle_id                         LAST 
_refine_hist.pdbx_number_atoms_protein        534 
_refine_hist.pdbx_number_atoms_nucleic_acid   0 
_refine_hist.pdbx_number_atoms_ligand         1 
_refine_hist.number_atoms_solvent             104 
_refine_hist.number_atoms_total               639 
_refine_hist.d_res_high                       1.200 
_refine_hist.d_res_low                        18.491 
# 
loop_
_refine_ls_restr.type 
_refine_ls_restr.dev_ideal 
_refine_ls_restr.dev_ideal_target 
_refine_ls_restr.weight 
_refine_ls_restr.number 
_refine_ls_restr.pdbx_restraint_function 
_refine_ls_restr.pdbx_refine_id 
f_bond_d           0.011  ? ? 591 ? 'X-RAY DIFFRACTION' 
f_angle_d          1.471  ? ? 811 ? 'X-RAY DIFFRACTION' 
f_dihedral_angle_d 13.185 ? ? 229 ? 'X-RAY DIFFRACTION' 
f_chiral_restr     0.085  ? ? 84  ? 'X-RAY DIFFRACTION' 
f_plane_restr      0.012  ? ? 108 ? 'X-RAY DIFFRACTION' 
# 
loop_
_refine_ls_shell.pdbx_total_number_of_bins_used 
_refine_ls_shell.d_res_high 
_refine_ls_shell.d_res_low 
_refine_ls_shell.number_reflns_R_work 
_refine_ls_shell.R_factor_R_work 
_refine_ls_shell.percent_reflns_obs 
_refine_ls_shell.R_factor_R_free 
_refine_ls_shell.R_factor_R_free_error 
_refine_ls_shell.percent_reflns_R_free 
_refine_ls_shell.number_reflns_R_free 
_refine_ls_shell.number_reflns_all 
_refine_ls_shell.R_factor_all 
_refine_ls_shell.number_reflns_obs 
_refine_ls_shell.redundancy_reflns_obs 
_refine_ls_shell.pdbx_refine_id 
. 1.2000 1.2632  2491 0.1906 98.00  0.2017 . . 142 . . . . 'X-RAY DIFFRACTION' 
. 1.2632 1.3423  2512 0.1647 99.00  0.1972 . . 140 . . . . 'X-RAY DIFFRACTION' 
. 1.3423 1.4459  2570 0.1375 99.00  0.1787 . . 123 . . . . 'X-RAY DIFFRACTION' 
. 1.4459 1.5914  2539 0.1220 100.00 0.1545 . . 150 . . . . 'X-RAY DIFFRACTION' 
. 1.5914 1.8215  2572 0.1157 99.00  0.1484 . . 135 . . . . 'X-RAY DIFFRACTION' 
. 1.8215 2.2942  2592 0.1199 99.00  0.1521 . . 142 . . . . 'X-RAY DIFFRACTION' 
. 2.2942 18.4932 2660 0.1621 97.00  0.1817 . . 147 . . . . 'X-RAY DIFFRACTION' 
# 
_struct.entry_id                  4F14 
_struct.title                     'Structure of the SH3 domain of human nebulette in complex with a peptide of XIRP2' 
_struct.pdbx_model_details        ? 
_struct.pdbx_CASP_flag            ? 
_struct.pdbx_model_type_details   ? 
# 
_struct_keywords.entry_id        4F14 
_struct_keywords.pdbx_keywords   'ACTIN-BINDING PROTEIN/PEPTIDE' 
_struct_keywords.text            'SH3 domain, heart muscle, ACTIN-BINDING PROTEIN-PEPTIDE complex' 
# 
loop_
_struct_asym.id 
_struct_asym.pdbx_blank_PDB_chainid_flag 
_struct_asym.pdbx_modified 
_struct_asym.entity_id 
_struct_asym.details 
A N N 1 ? 
B N N 2 ? 
C N N 3 ? 
D N N 4 ? 
E N N 4 ? 
# 
loop_
_struct_ref.id 
_struct_ref.db_name 
_struct_ref.db_code 
_struct_ref.pdbx_db_accession 
_struct_ref.entity_id 
_struct_ref.pdbx_seq_one_letter_code 
_struct_ref.pdbx_align_begin 
_struct_ref.pdbx_db_isoform 
1 UNP NEBL_HUMAN  O76041 1 NLRTYRAMYDYSAQDEDEVSFRDGDYIVNVQPIDDGWMYGTVQRTGRTGMLPANYIEFVN 955  ? 
2 UNP XIRP2_HUMAN A4UGR9 2 PPPTLPKPKLPKH                                                2245 ? 
# 
loop_
_struct_ref_seq.align_id 
_struct_ref_seq.ref_id 
_struct_ref_seq.pdbx_PDB_id_code 
_struct_ref_seq.pdbx_strand_id 
_struct_ref_seq.seq_align_beg 
_struct_ref_seq.pdbx_seq_align_beg_ins_code 
_struct_ref_seq.seq_align_end 
_struct_ref_seq.pdbx_seq_align_end_ins_code 
_struct_ref_seq.pdbx_db_accession 
_struct_ref_seq.db_align_beg 
_struct_ref_seq.pdbx_db_align_beg_ins_code 
_struct_ref_seq.db_align_end 
_struct_ref_seq.pdbx_db_align_end_ins_code 
_struct_ref_seq.pdbx_auth_seq_align_beg 
_struct_ref_seq.pdbx_auth_seq_align_end 
1 1 4F14 A 5 ? 64 ? O76041 955  ? 1014 ? 955  1014 
2 2 4F14 B 1 ? 13 ? A4UGR9 2245 ? 2257 ? 2245 2257 
# 
loop_
_struct_ref_seq_dif.align_id 
_struct_ref_seq_dif.pdbx_pdb_id_code 
_struct_ref_seq_dif.mon_id 
_struct_ref_seq_dif.pdbx_pdb_strand_id 
_struct_ref_seq_dif.seq_num 
_struct_ref_seq_dif.pdbx_pdb_ins_code 
_struct_ref_seq_dif.pdbx_seq_db_name 
_struct_ref_seq_dif.pdbx_seq_db_accession_code 
_struct_ref_seq_dif.db_mon_id 
_struct_ref_seq_dif.pdbx_seq_db_seq_num 
_struct_ref_seq_dif.details 
_struct_ref_seq_dif.pdbx_auth_seq_num 
_struct_ref_seq_dif.pdbx_ordinal 
1 4F14 GLY A 1 ? UNP O76041 ? ? 'expression tag' 951 1 
1 4F14 ALA A 2 ? UNP O76041 ? ? 'expression tag' 952 2 
1 4F14 MET A 3 ? UNP O76041 ? ? 'expression tag' 953 3 
1 4F14 ALA A 4 ? UNP O76041 ? ? 'expression tag' 954 4 
# 
_pdbx_struct_assembly.id                   1 
_pdbx_struct_assembly.details              author_and_software_defined_assembly 
_pdbx_struct_assembly.method_details       PISA 
_pdbx_struct_assembly.oligomeric_details   dimeric 
_pdbx_struct_assembly.oligomeric_count     2 
# 
loop_
_pdbx_struct_assembly_prop.biol_id 
_pdbx_struct_assembly_prop.type 
_pdbx_struct_assembly_prop.value 
_pdbx_struct_assembly_prop.details 
1 'ABSA (A^2)' 990  ? 
1 MORE         -25  ? 
1 'SSA (A^2)'  4340 ? 
# 
_pdbx_struct_assembly_gen.assembly_id       1 
_pdbx_struct_assembly_gen.oper_expression   1 
_pdbx_struct_assembly_gen.asym_id_list      A,B,C,D,E 
# 
_pdbx_struct_oper_list.id                   1 
_pdbx_struct_oper_list.type                 'identity operation' 
_pdbx_struct_oper_list.name                 1_555 
_pdbx_struct_oper_list.symmetry_operation   x,y,z 
_pdbx_struct_oper_list.matrix[1][1]         1.0000000000 
_pdbx_struct_oper_list.matrix[1][2]         0.0000000000 
_pdbx_struct_oper_list.matrix[1][3]         0.0000000000 
_pdbx_struct_oper_list.vector[1]            0.0000000000 
_pdbx_struct_oper_list.matrix[2][1]         0.0000000000 
_pdbx_struct_oper_list.matrix[2][2]         1.0000000000 
_pdbx_struct_oper_list.matrix[2][3]         0.0000000000 
_pdbx_struct_oper_list.vector[2]            0.0000000000 
_pdbx_struct_oper_list.matrix[3][1]         0.0000000000 
_pdbx_struct_oper_list.matrix[3][2]         0.0000000000 
_pdbx_struct_oper_list.matrix[3][3]         1.0000000000 
_pdbx_struct_oper_list.vector[3]            0.0000000000 
# 
_struct_biol.id        1 
_struct_biol.details   ? 
# 
loop_
_struct_conn.id 
_struct_conn.conn_type_id 
_struct_conn.pdbx_leaving_atom_flag 
_struct_conn.pdbx_PDB_id 
_struct_conn.ptnr1_label_asym_id 
_struct_conn.ptnr1_label_comp_id 
_struct_conn.ptnr1_label_seq_id 
_struct_conn.ptnr1_label_atom_id 
_struct_conn.pdbx_ptnr1_label_alt_id 
_struct_conn.pdbx_ptnr1_PDB_ins_code 
_struct_conn.pdbx_ptnr1_standard_comp_id 
_struct_conn.ptnr1_symmetry 
_struct_conn.ptnr2_label_asym_id 
_struct_conn.ptnr2_label_comp_id 
_struct_conn.ptnr2_label_seq_id 
_struct_conn.ptnr2_label_atom_id 
_struct_conn.pdbx_ptnr2_label_alt_id 
_struct_conn.pdbx_ptnr2_PDB_ins_code 
_struct_conn.ptnr1_auth_asym_id 
_struct_conn.ptnr1_auth_comp_id 
_struct_conn.ptnr1_auth_seq_id 
_struct_conn.ptnr2_auth_asym_id 
_struct_conn.ptnr2_auth_comp_id 
_struct_conn.ptnr2_auth_seq_id 
_struct_conn.ptnr2_symmetry 
_struct_conn.pdbx_ptnr3_label_atom_id 
_struct_conn.pdbx_ptnr3_label_seq_id 
_struct_conn.pdbx_ptnr3_label_comp_id 
_struct_conn.pdbx_ptnr3_label_asym_id 
_struct_conn.pdbx_ptnr3_label_alt_id 
_struct_conn.pdbx_ptnr3_PDB_ins_code 
_struct_conn.details 
_struct_conn.pdbx_dist_value 
_struct_conn.pdbx_value_order 
_struct_conn.pdbx_role 
metalc1 metalc ? ? A ASP 19 OD1 ? ? ? 1_555 C ZN  . ZN ? ? A ASP 969  A ZN  1101 1_555 ? ? ? ? ? ? ? 2.079 ? ? 
metalc2 metalc ? ? A GLU 20 OE1 ? ? ? 1_555 C ZN  . ZN ? ? A GLU 970  A ZN  1101 1_555 ? ? ? ? ? ? ? 1.978 ? ? 
metalc3 metalc ? ? C ZN  .  ZN  ? ? ? 1_555 D HOH . O  ? ? A ZN  1101 A HOH 1244 1_555 ? ? ? ? ? ? ? 2.217 ? ? 
# 
_struct_conn_type.id          metalc 
_struct_conn_type.criteria    ? 
_struct_conn_type.reference   ? 
# 
loop_
_pdbx_struct_conn_angle.id 
_pdbx_struct_conn_angle.ptnr1_label_atom_id 
_pdbx_struct_conn_angle.ptnr1_label_alt_id 
_pdbx_struct_conn_angle.ptnr1_label_asym_id 
_pdbx_struct_conn_angle.ptnr1_label_comp_id 
_pdbx_struct_conn_angle.ptnr1_label_seq_id 
_pdbx_struct_conn_angle.ptnr1_auth_atom_id 
_pdbx_struct_conn_angle.ptnr1_auth_asym_id 
_pdbx_struct_conn_angle.ptnr1_auth_comp_id 
_pdbx_struct_conn_angle.ptnr1_auth_seq_id 
_pdbx_struct_conn_angle.ptnr1_PDB_ins_code 
_pdbx_struct_conn_angle.ptnr1_symmetry 
_pdbx_struct_conn_angle.ptnr2_label_atom_id 
_pdbx_struct_conn_angle.ptnr2_label_alt_id 
_pdbx_struct_conn_angle.ptnr2_label_asym_id 
_pdbx_struct_conn_angle.ptnr2_label_comp_id 
_pdbx_struct_conn_angle.ptnr2_label_seq_id 
_pdbx_struct_conn_angle.ptnr2_auth_atom_id 
_pdbx_struct_conn_angle.ptnr2_auth_asym_id 
_pdbx_struct_conn_angle.ptnr2_auth_comp_id 
_pdbx_struct_conn_angle.ptnr2_auth_seq_id 
_pdbx_struct_conn_angle.ptnr2_PDB_ins_code 
_pdbx_struct_conn_angle.ptnr2_symmetry 
_pdbx_struct_conn_angle.ptnr3_label_atom_id 
_pdbx_struct_conn_angle.ptnr3_label_alt_id 
_pdbx_struct_conn_angle.ptnr3_label_asym_id 
_pdbx_struct_conn_angle.ptnr3_label_comp_id 
_pdbx_struct_conn_angle.ptnr3_label_seq_id 
_pdbx_struct_conn_angle.ptnr3_auth_atom_id 
_pdbx_struct_conn_angle.ptnr3_auth_asym_id 
_pdbx_struct_conn_angle.ptnr3_auth_comp_id 
_pdbx_struct_conn_angle.ptnr3_auth_seq_id 
_pdbx_struct_conn_angle.ptnr3_PDB_ins_code 
_pdbx_struct_conn_angle.ptnr3_symmetry 
_pdbx_struct_conn_angle.value 
_pdbx_struct_conn_angle.value_esd 
1 OD1 ? A ASP 19 ? A ASP 969 ? 1_555 ZN ? C ZN . ? A ZN 1101 ? 1_555 OE1 ? A GLU 20 ? A GLU 970  ? 1_555 81.4  ? 
2 OD1 ? A ASP 19 ? A ASP 969 ? 1_555 ZN ? C ZN . ? A ZN 1101 ? 1_555 O   ? D HOH .  ? A HOH 1244 ? 1_555 98.4  ? 
3 OE1 ? A GLU 20 ? A GLU 970 ? 1_555 ZN ? C ZN . ? A ZN 1101 ? 1_555 O   ? D HOH .  ? A HOH 1244 ? 1_555 122.2 ? 
# 
_struct_mon_prot_cis.pdbx_id                1 
_struct_mon_prot_cis.label_comp_id          LEU 
_struct_mon_prot_cis.label_seq_id           10 
_struct_mon_prot_cis.label_asym_id          B 
_struct_mon_prot_cis.label_alt_id           . 
_struct_mon_prot_cis.pdbx_PDB_ins_code      ? 
_struct_mon_prot_cis.auth_comp_id           LEU 
_struct_mon_prot_cis.auth_seq_id            2254 
_struct_mon_prot_cis.auth_asym_id           B 
_struct_mon_prot_cis.pdbx_label_comp_id_2   PRO 
_struct_mon_prot_cis.pdbx_label_seq_id_2    11 
_struct_mon_prot_cis.pdbx_label_asym_id_2   B 
_struct_mon_prot_cis.pdbx_PDB_ins_code_2    ? 
_struct_mon_prot_cis.pdbx_auth_comp_id_2    PRO 
_struct_mon_prot_cis.pdbx_auth_seq_id_2     2255 
_struct_mon_prot_cis.pdbx_auth_asym_id_2    B 
_struct_mon_prot_cis.pdbx_PDB_model_num     1 
_struct_mon_prot_cis.pdbx_omega_angle       -0.40 
# 
_struct_sheet.id               A 
_struct_sheet.type             ? 
_struct_sheet.number_strands   5 
_struct_sheet.details          ? 
# 
loop_
_struct_sheet_order.sheet_id 
_struct_sheet_order.range_id_1 
_struct_sheet_order.range_id_2 
_struct_sheet_order.offset 
_struct_sheet_order.sense 
A 1 2 ? anti-parallel 
A 2 3 ? anti-parallel 
A 3 4 ? anti-parallel 
A 4 5 ? anti-parallel 
# 
loop_
_struct_sheet_range.sheet_id 
_struct_sheet_range.id 
_struct_sheet_range.beg_label_comp_id 
_struct_sheet_range.beg_label_asym_id 
_struct_sheet_range.beg_label_seq_id 
_struct_sheet_range.pdbx_beg_PDB_ins_code 
_struct_sheet_range.end_label_comp_id 
_struct_sheet_range.end_label_asym_id 
_struct_sheet_range.end_label_seq_id 
_struct_sheet_range.pdbx_end_PDB_ins_code 
_struct_sheet_range.beg_auth_comp_id 
_struct_sheet_range.beg_auth_asym_id 
_struct_sheet_range.beg_auth_seq_id 
_struct_sheet_range.end_auth_comp_id 
_struct_sheet_range.end_auth_asym_id 
_struct_sheet_range.end_auth_seq_id 
A 1 ARG A 51 ? PRO A 56 ? ARG A 1001 PRO A 1006 
A 2 TRP A 41 ? VAL A 46 ? TRP A 991  VAL A 996  
A 3 TYR A 30 ? PRO A 36 ? TYR A 980  PRO A 986  
A 4 TYR A 9  ? ALA A 11 ? TYR A 959  ALA A 961  
A 5 ILE A 60 ? PHE A 62 ? ILE A 1010 PHE A 1012 
# 
loop_
_pdbx_struct_sheet_hbond.sheet_id 
_pdbx_struct_sheet_hbond.range_id_1 
_pdbx_struct_sheet_hbond.range_id_2 
_pdbx_struct_sheet_hbond.range_1_label_atom_id 
_pdbx_struct_sheet_hbond.range_1_label_comp_id 
_pdbx_struct_sheet_hbond.range_1_label_asym_id 
_pdbx_struct_sheet_hbond.range_1_label_seq_id 
_pdbx_struct_sheet_hbond.range_1_PDB_ins_code 
_pdbx_struct_sheet_hbond.range_1_auth_atom_id 
_pdbx_struct_sheet_hbond.range_1_auth_comp_id 
_pdbx_struct_sheet_hbond.range_1_auth_asym_id 
_pdbx_struct_sheet_hbond.range_1_auth_seq_id 
_pdbx_struct_sheet_hbond.range_2_label_atom_id 
_pdbx_struct_sheet_hbond.range_2_label_comp_id 
_pdbx_struct_sheet_hbond.range_2_label_asym_id 
_pdbx_struct_sheet_hbond.range_2_label_seq_id 
_pdbx_struct_sheet_hbond.range_2_PDB_ins_code 
_pdbx_struct_sheet_hbond.range_2_auth_atom_id 
_pdbx_struct_sheet_hbond.range_2_auth_comp_id 
_pdbx_struct_sheet_hbond.range_2_auth_asym_id 
_pdbx_struct_sheet_hbond.range_2_auth_seq_id 
A 1 2 O ARG A 51 ? O ARG A 1001 N VAL A 46 ? N VAL A 996  
A 2 3 O THR A 45 ? O THR A 995  N VAL A 32 ? N VAL A 982  
A 3 4 O ILE A 31 ? O ILE A 981  N TYR A 9  ? N TYR A 959  
A 4 5 N ARG A 10 ? N ARG A 960  O GLU A 61 ? O GLU A 1011 
# 
loop_
_struct_site.id 
_struct_site.pdbx_evidence_code 
_struct_site.pdbx_auth_asym_id 
_struct_site.pdbx_auth_comp_id 
_struct_site.pdbx_auth_seq_id 
_struct_site.pdbx_auth_ins_code 
_struct_site.pdbx_num_residues 
_struct_site.details 
AC1 Software A ZN 1101 ? 4  'BINDING SITE FOR RESIDUE ZN A 1101'                                        
AC2 Software ? ?  ?    ? 36 'BINDING SITE FOR CHAIN B OF XIN ACTIN-BINDING REPEAT-CONTAINING PROTEIN 2' 
# 
loop_
_struct_site_gen.id 
_struct_site_gen.site_id 
_struct_site_gen.pdbx_num_res 
_struct_site_gen.label_comp_id 
_struct_site_gen.label_asym_id 
_struct_site_gen.label_seq_id 
_struct_site_gen.pdbx_auth_ins_code 
_struct_site_gen.auth_comp_id 
_struct_site_gen.auth_asym_id 
_struct_site_gen.auth_seq_id 
_struct_site_gen.label_atom_id 
_struct_site_gen.label_alt_id 
_struct_site_gen.symmetry 
_struct_site_gen.details 
1  AC1 4  ASP A 19 ? ASP A 969  . ? 1_555 ? 
2  AC1 4  GLU A 20 ? GLU A 970  . ? 1_555 ? 
3  AC1 4  HOH D .  ? HOH A 1244 . ? 1_555 ? 
4  AC1 4  PRO B 1  ? PRO B 2245 . ? 4_555 ? 
5  AC2 36 TYR A 9  ? TYR A 959  . ? 3_555 ? 
6  AC2 36 ARG A 10 ? ARG A 960  . ? 1_655 ? 
7  AC2 36 TYR A 13 ? TYR A 963  . ? 1_555 ? 
8  AC2 36 ASP A 19 ? ASP A 969  . ? 4_455 ? 
9  AC2 36 ASP A 19 ? ASP A 969  . ? 1_555 ? 
10 AC2 36 GLU A 20 ? GLU A 970  . ? 4_455 ? 
11 AC2 36 ASP A 21 ? ASP A 971  . ? 1_555 ? 
12 AC2 36 GLU A 22 ? GLU A 972  . ? 1_555 ? 
13 AC2 36 PRO A 36 ? PRO A 986  . ? 3_555 ? 
14 AC2 36 ILE A 37 ? ILE A 987  . ? 1_555 ? 
15 AC2 36 ASP A 38 ? ASP A 988  . ? 1_555 ? 
16 AC2 36 ASP A 39 ? ASP A 989  . ? 1_555 ? 
17 AC2 36 TRP A 41 ? TRP A 991  . ? 1_555 ? 
18 AC2 36 THR A 45 ? THR A 995  . ? 4_545 ? 
19 AC2 36 ARG A 48 ? ARG A 998  . ? 2_455 ? 
20 AC2 36 THR A 49 ? THR A 999  . ? 2_455 ? 
21 AC2 36 MET A 54 ? MET A 1004 . ? 1_555 ? 
22 AC2 36 ASN A 58 ? ASN A 1008 . ? 1_555 ? 
23 AC2 36 TYR A 59 ? TYR A 1009 . ? 1_555 ? 
24 AC2 36 ZN  C .  ? ZN  A 1101 . ? 4_455 ? 
25 AC2 36 HOH D .  ? HOH A 1219 . ? 1_555 ? 
26 AC2 36 HOH D .  ? HOH A 1237 . ? 2_455 ? 
27 AC2 36 HOH D .  ? HOH A 1244 . ? 4_455 ? 
28 AC2 36 HOH D .  ? HOH A 1246 . ? 1_555 ? 
29 AC2 36 HOH D .  ? HOH A 1269 . ? 1_555 ? 
30 AC2 36 HOH E .  ? HOH B 2301 . ? 1_555 ? 
31 AC2 36 HOH E .  ? HOH B 2302 . ? 1_555 ? 
32 AC2 36 HOH E .  ? HOH B 2305 . ? 1_555 ? 
33 AC2 36 HOH E .  ? HOH B 2306 . ? 1_555 ? 
34 AC2 36 HOH E .  ? HOH B 2307 . ? 1_555 ? 
35 AC2 36 HOH E .  ? HOH B 2308 . ? 1_555 ? 
36 AC2 36 HOH E .  ? HOH B 2310 . ? 1_555 ? 
37 AC2 36 HOH E .  ? HOH B 2312 . ? 1_555 ? 
38 AC2 36 HOH E .  ? HOH B 2315 . ? 1_555 ? 
39 AC2 36 HOH E .  ? HOH B 2316 . ? 1_555 ? 
40 AC2 36 HOH E .  ? HOH B 2317 . ? 1_555 ? 
# 
loop_
_pdbx_validate_close_contact.id 
_pdbx_validate_close_contact.PDB_model_num 
_pdbx_validate_close_contact.auth_atom_id_1 
_pdbx_validate_close_contact.auth_asym_id_1 
_pdbx_validate_close_contact.auth_comp_id_1 
_pdbx_validate_close_contact.auth_seq_id_1 
_pdbx_validate_close_contact.PDB_ins_code_1 
_pdbx_validate_close_contact.label_alt_id_1 
_pdbx_validate_close_contact.auth_atom_id_2 
_pdbx_validate_close_contact.auth_asym_id_2 
_pdbx_validate_close_contact.auth_comp_id_2 
_pdbx_validate_close_contact.auth_seq_id_2 
_pdbx_validate_close_contact.PDB_ins_code_2 
_pdbx_validate_close_contact.label_alt_id_2 
_pdbx_validate_close_contact.dist 
1 1 O A HOH 1268 ? ? O A HOH 1271 ? ? 1.88 
2 1 O A HOH 1277 ? ? O A HOH 1285 ? ? 1.97 
3 1 O A HOH 1260 ? ? O B HOH 2314 ? ? 2.02 
4 1 O A HOH 1277 ? ? O A HOH 1279 ? ? 2.02 
5 1 O A HOH 1263 ? ? O A HOH 1271 ? ? 2.06 
6 1 O A HOH 1255 ? ? O A HOH 1256 ? ? 2.13 
# 
loop_
_pdbx_validate_symm_contact.id 
_pdbx_validate_symm_contact.PDB_model_num 
_pdbx_validate_symm_contact.auth_atom_id_1 
_pdbx_validate_symm_contact.auth_asym_id_1 
_pdbx_validate_symm_contact.auth_comp_id_1 
_pdbx_validate_symm_contact.auth_seq_id_1 
_pdbx_validate_symm_contact.PDB_ins_code_1 
_pdbx_validate_symm_contact.label_alt_id_1 
_pdbx_validate_symm_contact.site_symmetry_1 
_pdbx_validate_symm_contact.auth_atom_id_2 
_pdbx_validate_symm_contact.auth_asym_id_2 
_pdbx_validate_symm_contact.auth_comp_id_2 
_pdbx_validate_symm_contact.auth_seq_id_2 
_pdbx_validate_symm_contact.PDB_ins_code_2 
_pdbx_validate_symm_contact.label_alt_id_2 
_pdbx_validate_symm_contact.site_symmetry_2 
_pdbx_validate_symm_contact.dist 
1 1 O A HOH 1266 ? ? 1_555 O A HOH 1267 ? ? 3_544 1.93 
2 1 O A HOH 1264 ? ? 1_555 O A HOH 1267 ? ? 3_544 2.01 
# 
_pdbx_validate_rmsd_angle.id                         1 
_pdbx_validate_rmsd_angle.PDB_model_num              1 
_pdbx_validate_rmsd_angle.auth_atom_id_1             CB 
_pdbx_validate_rmsd_angle.auth_asym_id_1             A 
_pdbx_validate_rmsd_angle.auth_comp_id_1             ASP 
_pdbx_validate_rmsd_angle.auth_seq_id_1              964 
_pdbx_validate_rmsd_angle.PDB_ins_code_1             ? 
_pdbx_validate_rmsd_angle.label_alt_id_1             ? 
_pdbx_validate_rmsd_angle.auth_atom_id_2             CG 
_pdbx_validate_rmsd_angle.auth_asym_id_2             A 
_pdbx_validate_rmsd_angle.auth_comp_id_2             ASP 
_pdbx_validate_rmsd_angle.auth_seq_id_2              964 
_pdbx_validate_rmsd_angle.PDB_ins_code_2             ? 
_pdbx_validate_rmsd_angle.label_alt_id_2             ? 
_pdbx_validate_rmsd_angle.auth_atom_id_3             OD1 
_pdbx_validate_rmsd_angle.auth_asym_id_3             A 
_pdbx_validate_rmsd_angle.auth_comp_id_3             ASP 
_pdbx_validate_rmsd_angle.auth_seq_id_3              964 
_pdbx_validate_rmsd_angle.PDB_ins_code_3             ? 
_pdbx_validate_rmsd_angle.label_alt_id_3             ? 
_pdbx_validate_rmsd_angle.angle_value                123.99 
_pdbx_validate_rmsd_angle.angle_target_value         118.30 
_pdbx_validate_rmsd_angle.angle_deviation            5.69 
_pdbx_validate_rmsd_angle.angle_standard_deviation   0.90 
_pdbx_validate_rmsd_angle.linker_flag                N 
# 
loop_
_pdbx_unobs_or_zero_occ_residues.id 
_pdbx_unobs_or_zero_occ_residues.PDB_model_num 
_pdbx_unobs_or_zero_occ_residues.polymer_flag 
_pdbx_unobs_or_zero_occ_residues.occupancy_flag 
_pdbx_unobs_or_zero_occ_residues.auth_asym_id 
_pdbx_unobs_or_zero_occ_residues.auth_comp_id 
_pdbx_unobs_or_zero_occ_residues.auth_seq_id 
_pdbx_unobs_or_zero_occ_residues.PDB_ins_code 
_pdbx_unobs_or_zero_occ_residues.label_asym_id 
_pdbx_unobs_or_zero_occ_residues.label_comp_id 
_pdbx_unobs_or_zero_occ_residues.label_seq_id 
1  1 Y 1 A GLY 951  ? A GLY 1  
2  1 Y 1 A ALA 952  ? A ALA 2  
3  1 Y 1 A MET 953  ? A MET 3  
4  1 Y 1 A ALA 954  ? A ALA 4  
5  1 Y 1 A ASN 955  ? A ASN 5  
6  1 Y 1 A LEU 956  ? A LEU 6  
7  1 Y 1 A ARG 957  ? A ARG 7  
8  1 Y 1 A ASN 1014 ? A ASN 64 
9  1 Y 1 B LYS 2256 ? B LYS 12 
10 1 Y 1 B HIS 2257 ? B HIS 13 
# 
loop_
_chem_comp_atom.comp_id 
_chem_comp_atom.atom_id 
_chem_comp_atom.type_symbol 
_chem_comp_atom.pdbx_aromatic_flag 
_chem_comp_atom.pdbx_stereo_config 
_chem_comp_atom.pdbx_ordinal 
ALA N    N  N N 1   
ALA CA   C  N S 2   
ALA C    C  N N 3   
ALA O    O  N N 4   
ALA CB   C  N N 5   
ALA OXT  O  N N 6   
ALA H    H  N N 7   
ALA H2   H  N N 8   
ALA HA   H  N N 9   
ALA HB1  H  N N 10  
ALA HB2  H  N N 11  
ALA HB3  H  N N 12  
ALA HXT  H  N N 13  
ARG N    N  N N 14  
ARG CA   C  N S 15  
ARG C    C  N N 16  
ARG O    O  N N 17  
ARG CB   C  N N 18  
ARG CG   C  N N 19  
ARG CD   C  N N 20  
ARG NE   N  N N 21  
ARG CZ   C  N N 22  
ARG NH1  N  N N 23  
ARG NH2  N  N N 24  
ARG OXT  O  N N 25  
ARG H    H  N N 26  
ARG H2   H  N N 27  
ARG HA   H  N N 28  
ARG HB2  H  N N 29  
ARG HB3  H  N N 30  
ARG HG2  H  N N 31  
ARG HG3  H  N N 32  
ARG HD2  H  N N 33  
ARG HD3  H  N N 34  
ARG HE   H  N N 35  
ARG HH11 H  N N 36  
ARG HH12 H  N N 37  
ARG HH21 H  N N 38  
ARG HH22 H  N N 39  
ARG HXT  H  N N 40  
ASN N    N  N N 41  
ASN CA   C  N S 42  
ASN C    C  N N 43  
ASN O    O  N N 44  
ASN CB   C  N N 45  
ASN CG   C  N N 46  
ASN OD1  O  N N 47  
ASN ND2  N  N N 48  
ASN OXT  O  N N 49  
ASN H    H  N N 50  
ASN H2   H  N N 51  
ASN HA   H  N N 52  
ASN HB2  H  N N 53  
ASN HB3  H  N N 54  
ASN HD21 H  N N 55  
ASN HD22 H  N N 56  
ASN HXT  H  N N 57  
ASP N    N  N N 58  
ASP CA   C  N S 59  
ASP C    C  N N 60  
ASP O    O  N N 61  
ASP CB   C  N N 62  
ASP CG   C  N N 63  
ASP OD1  O  N N 64  
ASP OD2  O  N N 65  
ASP OXT  O  N N 66  
ASP H    H  N N 67  
ASP H2   H  N N 68  
ASP HA   H  N N 69  
ASP HB2  H  N N 70  
ASP HB3  H  N N 71  
ASP HD2  H  N N 72  
ASP HXT  H  N N 73  
GLN N    N  N N 74  
GLN CA   C  N S 75  
GLN C    C  N N 76  
GLN O    O  N N 77  
GLN CB   C  N N 78  
GLN CG   C  N N 79  
GLN CD   C  N N 80  
GLN OE1  O  N N 81  
GLN NE2  N  N N 82  
GLN OXT  O  N N 83  
GLN H    H  N N 84  
GLN H2   H  N N 85  
GLN HA   H  N N 86  
GLN HB2  H  N N 87  
GLN HB3  H  N N 88  
GLN HG2  H  N N 89  
GLN HG3  H  N N 90  
GLN HE21 H  N N 91  
GLN HE22 H  N N 92  
GLN HXT  H  N N 93  
GLU N    N  N N 94  
GLU CA   C  N S 95  
GLU C    C  N N 96  
GLU O    O  N N 97  
GLU CB   C  N N 98  
GLU CG   C  N N 99  
GLU CD   C  N N 100 
GLU OE1  O  N N 101 
GLU OE2  O  N N 102 
GLU OXT  O  N N 103 
GLU H    H  N N 104 
GLU H2   H  N N 105 
GLU HA   H  N N 106 
GLU HB2  H  N N 107 
GLU HB3  H  N N 108 
GLU HG2  H  N N 109 
GLU HG3  H  N N 110 
GLU HE2  H  N N 111 
GLU HXT  H  N N 112 
GLY N    N  N N 113 
GLY CA   C  N N 114 
GLY C    C  N N 115 
GLY O    O  N N 116 
GLY OXT  O  N N 117 
GLY H    H  N N 118 
GLY H2   H  N N 119 
GLY HA2  H  N N 120 
GLY HA3  H  N N 121 
GLY HXT  H  N N 122 
HIS N    N  N N 123 
HIS CA   C  N S 124 
HIS C    C  N N 125 
HIS O    O  N N 126 
HIS CB   C  N N 127 
HIS CG   C  Y N 128 
HIS ND1  N  Y N 129 
HIS CD2  C  Y N 130 
HIS CE1  C  Y N 131 
HIS NE2  N  Y N 132 
HIS OXT  O  N N 133 
HIS H    H  N N 134 
HIS H2   H  N N 135 
HIS HA   H  N N 136 
HIS HB2  H  N N 137 
HIS HB3  H  N N 138 
HIS HD1  H  N N 139 
HIS HD2  H  N N 140 
HIS HE1  H  N N 141 
HIS HE2  H  N N 142 
HIS HXT  H  N N 143 
HOH O    O  N N 144 
HOH H1   H  N N 145 
HOH H2   H  N N 146 
ILE N    N  N N 147 
ILE CA   C  N S 148 
ILE C    C  N N 149 
ILE O    O  N N 150 
ILE CB   C  N S 151 
ILE CG1  C  N N 152 
ILE CG2  C  N N 153 
ILE CD1  C  N N 154 
ILE OXT  O  N N 155 
ILE H    H  N N 156 
ILE H2   H  N N 157 
ILE HA   H  N N 158 
ILE HB   H  N N 159 
ILE HG12 H  N N 160 
ILE HG13 H  N N 161 
ILE HG21 H  N N 162 
ILE HG22 H  N N 163 
ILE HG23 H  N N 164 
ILE HD11 H  N N 165 
ILE HD12 H  N N 166 
ILE HD13 H  N N 167 
ILE HXT  H  N N 168 
LEU N    N  N N 169 
LEU CA   C  N S 170 
LEU C    C  N N 171 
LEU O    O  N N 172 
LEU CB   C  N N 173 
LEU CG   C  N N 174 
LEU CD1  C  N N 175 
LEU CD2  C  N N 176 
LEU OXT  O  N N 177 
LEU H    H  N N 178 
LEU H2   H  N N 179 
LEU HA   H  N N 180 
LEU HB2  H  N N 181 
LEU HB3  H  N N 182 
LEU HG   H  N N 183 
LEU HD11 H  N N 184 
LEU HD12 H  N N 185 
LEU HD13 H  N N 186 
LEU HD21 H  N N 187 
LEU HD22 H  N N 188 
LEU HD23 H  N N 189 
LEU HXT  H  N N 190 
LYS N    N  N N 191 
LYS CA   C  N S 192 
LYS C    C  N N 193 
LYS O    O  N N 194 
LYS CB   C  N N 195 
LYS CG   C  N N 196 
LYS CD   C  N N 197 
LYS CE   C  N N 198 
LYS NZ   N  N N 199 
LYS OXT  O  N N 200 
LYS H    H  N N 201 
LYS H2   H  N N 202 
LYS HA   H  N N 203 
LYS HB2  H  N N 204 
LYS HB3  H  N N 205 
LYS HG2  H  N N 206 
LYS HG3  H  N N 207 
LYS HD2  H  N N 208 
LYS HD3  H  N N 209 
LYS HE2  H  N N 210 
LYS HE3  H  N N 211 
LYS HZ1  H  N N 212 
LYS HZ2  H  N N 213 
LYS HZ3  H  N N 214 
LYS HXT  H  N N 215 
MET N    N  N N 216 
MET CA   C  N S 217 
MET C    C  N N 218 
MET O    O  N N 219 
MET CB   C  N N 220 
MET CG   C  N N 221 
MET SD   S  N N 222 
MET CE   C  N N 223 
MET OXT  O  N N 224 
MET H    H  N N 225 
MET H2   H  N N 226 
MET HA   H  N N 227 
MET HB2  H  N N 228 
MET HB3  H  N N 229 
MET HG2  H  N N 230 
MET HG3  H  N N 231 
MET HE1  H  N N 232 
MET HE2  H  N N 233 
MET HE3  H  N N 234 
MET HXT  H  N N 235 
PHE N    N  N N 236 
PHE CA   C  N S 237 
PHE C    C  N N 238 
PHE O    O  N N 239 
PHE CB   C  N N 240 
PHE CG   C  Y N 241 
PHE CD1  C  Y N 242 
PHE CD2  C  Y N 243 
PHE CE1  C  Y N 244 
PHE CE2  C  Y N 245 
PHE CZ   C  Y N 246 
PHE OXT  O  N N 247 
PHE H    H  N N 248 
PHE H2   H  N N 249 
PHE HA   H  N N 250 
PHE HB2  H  N N 251 
PHE HB3  H  N N 252 
PHE HD1  H  N N 253 
PHE HD2  H  N N 254 
PHE HE1  H  N N 255 
PHE HE2  H  N N 256 
PHE HZ   H  N N 257 
PHE HXT  H  N N 258 
PRO N    N  N N 259 
PRO CA   C  N S 260 
PRO C    C  N N 261 
PRO O    O  N N 262 
PRO CB   C  N N 263 
PRO CG   C  N N 264 
PRO CD   C  N N 265 
PRO OXT  O  N N 266 
PRO H    H  N N 267 
PRO HA   H  N N 268 
PRO HB2  H  N N 269 
PRO HB3  H  N N 270 
PRO HG2  H  N N 271 
PRO HG3  H  N N 272 
PRO HD2  H  N N 273 
PRO HD3  H  N N 274 
PRO HXT  H  N N 275 
SER N    N  N N 276 
SER CA   C  N S 277 
SER C    C  N N 278 
SER O    O  N N 279 
SER CB   C  N N 280 
SER OG   O  N N 281 
SER OXT  O  N N 282 
SER H    H  N N 283 
SER H2   H  N N 284 
SER HA   H  N N 285 
SER HB2  H  N N 286 
SER HB3  H  N N 287 
SER HG   H  N N 288 
SER HXT  H  N N 289 
THR N    N  N N 290 
THR CA   C  N S 291 
THR C    C  N N 292 
THR O    O  N N 293 
THR CB   C  N R 294 
THR OG1  O  N N 295 
THR CG2  C  N N 296 
THR OXT  O  N N 297 
THR H    H  N N 298 
THR H2   H  N N 299 
THR HA   H  N N 300 
THR HB   H  N N 301 
THR HG1  H  N N 302 
THR HG21 H  N N 303 
THR HG22 H  N N 304 
THR HG23 H  N N 305 
THR HXT  H  N N 306 
TRP N    N  N N 307 
TRP CA   C  N S 308 
TRP C    C  N N 309 
TRP O    O  N N 310 
TRP CB   C  N N 311 
TRP CG   C  Y N 312 
TRP CD1  C  Y N 313 
TRP CD2  C  Y N 314 
TRP NE1  N  Y N 315 
TRP CE2  C  Y N 316 
TRP CE3  C  Y N 317 
TRP CZ2  C  Y N 318 
TRP CZ3  C  Y N 319 
TRP CH2  C  Y N 320 
TRP OXT  O  N N 321 
TRP H    H  N N 322 
TRP H2   H  N N 323 
TRP HA   H  N N 324 
TRP HB2  H  N N 325 
TRP HB3  H  N N 326 
TRP HD1  H  N N 327 
TRP HE1  H  N N 328 
TRP HE3  H  N N 329 
TRP HZ2  H  N N 330 
TRP HZ3  H  N N 331 
TRP HH2  H  N N 332 
TRP HXT  H  N N 333 
TYR N    N  N N 334 
TYR CA   C  N S 335 
TYR C    C  N N 336 
TYR O    O  N N 337 
TYR CB   C  N N 338 
TYR CG   C  Y N 339 
TYR CD1  C  Y N 340 
TYR CD2  C  Y N 341 
TYR CE1  C  Y N 342 
TYR CE2  C  Y N 343 
TYR CZ   C  Y N 344 
TYR OH   O  N N 345 
TYR OXT  O  N N 346 
TYR H    H  N N 347 
TYR H2   H  N N 348 
TYR HA   H  N N 349 
TYR HB2  H  N N 350 
TYR HB3  H  N N 351 
TYR HD1  H  N N 352 
TYR HD2  H  N N 353 
TYR HE1  H  N N 354 
TYR HE2  H  N N 355 
TYR HH   H  N N 356 
TYR HXT  H  N N 357 
VAL N    N  N N 358 
VAL CA   C  N S 359 
VAL C    C  N N 360 
VAL O    O  N N 361 
VAL CB   C  N N 362 
VAL CG1  C  N N 363 
VAL CG2  C  N N 364 
VAL OXT  O  N N 365 
VAL H    H  N N 366 
VAL H2   H  N N 367 
VAL HA   H  N N 368 
VAL HB   H  N N 369 
VAL HG11 H  N N 370 
VAL HG12 H  N N 371 
VAL HG13 H  N N 372 
VAL HG21 H  N N 373 
VAL HG22 H  N N 374 
VAL HG23 H  N N 375 
VAL HXT  H  N N 376 
ZN  ZN   ZN N N 377 
# 
loop_
_chem_comp_bond.comp_id 
_chem_comp_bond.atom_id_1 
_chem_comp_bond.atom_id_2 
_chem_comp_bond.value_order 
_chem_comp_bond.pdbx_aromatic_flag 
_chem_comp_bond.pdbx_stereo_config 
_chem_comp_bond.pdbx_ordinal 
ALA N   CA   sing N N 1   
ALA N   H    sing N N 2   
ALA N   H2   sing N N 3   
ALA CA  C    sing N N 4   
ALA CA  CB   sing N N 5   
ALA CA  HA   sing N N 6   
ALA C   O    doub N N 7   
ALA C   OXT  sing N N 8   
ALA CB  HB1  sing N N 9   
ALA CB  HB2  sing N N 10  
ALA CB  HB3  sing N N 11  
ALA OXT HXT  sing N N 12  
ARG N   CA   sing N N 13  
ARG N   H    sing N N 14  
ARG N   H2   sing N N 15  
ARG CA  C    sing N N 16  
ARG CA  CB   sing N N 17  
ARG CA  HA   sing N N 18  
ARG C   O    doub N N 19  
ARG C   OXT  sing N N 20  
ARG CB  CG   sing N N 21  
ARG CB  HB2  sing N N 22  
ARG CB  HB3  sing N N 23  
ARG CG  CD   sing N N 24  
ARG CG  HG2  sing N N 25  
ARG CG  HG3  sing N N 26  
ARG CD  NE   sing N N 27  
ARG CD  HD2  sing N N 28  
ARG CD  HD3  sing N N 29  
ARG NE  CZ   sing N N 30  
ARG NE  HE   sing N N 31  
ARG CZ  NH1  sing N N 32  
ARG CZ  NH2  doub N N 33  
ARG NH1 HH11 sing N N 34  
ARG NH1 HH12 sing N N 35  
ARG NH2 HH21 sing N N 36  
ARG NH2 HH22 sing N N 37  
ARG OXT HXT  sing N N 38  
ASN N   CA   sing N N 39  
ASN N   H    sing N N 40  
ASN N   H2   sing N N 41  
ASN CA  C    sing N N 42  
ASN CA  CB   sing N N 43  
ASN CA  HA   sing N N 44  
ASN C   O    doub N N 45  
ASN C   OXT  sing N N 46  
ASN CB  CG   sing N N 47  
ASN CB  HB2  sing N N 48  
ASN CB  HB3  sing N N 49  
ASN CG  OD1  doub N N 50  
ASN CG  ND2  sing N N 51  
ASN ND2 HD21 sing N N 52  
ASN ND2 HD22 sing N N 53  
ASN OXT HXT  sing N N 54  
ASP N   CA   sing N N 55  
ASP N   H    sing N N 56  
ASP N   H2   sing N N 57  
ASP CA  C    sing N N 58  
ASP CA  CB   sing N N 59  
ASP CA  HA   sing N N 60  
ASP C   O    doub N N 61  
ASP C   OXT  sing N N 62  
ASP CB  CG   sing N N 63  
ASP CB  HB2  sing N N 64  
ASP CB  HB3  sing N N 65  
ASP CG  OD1  doub N N 66  
ASP CG  OD2  sing N N 67  
ASP OD2 HD2  sing N N 68  
ASP OXT HXT  sing N N 69  
GLN N   CA   sing N N 70  
GLN N   H    sing N N 71  
GLN N   H2   sing N N 72  
GLN CA  C    sing N N 73  
GLN CA  CB   sing N N 74  
GLN CA  HA   sing N N 75  
GLN C   O    doub N N 76  
GLN C   OXT  sing N N 77  
GLN CB  CG   sing N N 78  
GLN CB  HB2  sing N N 79  
GLN CB  HB3  sing N N 80  
GLN CG  CD   sing N N 81  
GLN CG  HG2  sing N N 82  
GLN CG  HG3  sing N N 83  
GLN CD  OE1  doub N N 84  
GLN CD  NE2  sing N N 85  
GLN NE2 HE21 sing N N 86  
GLN NE2 HE22 sing N N 87  
GLN OXT HXT  sing N N 88  
GLU N   CA   sing N N 89  
GLU N   H    sing N N 90  
GLU N   H2   sing N N 91  
GLU CA  C    sing N N 92  
GLU CA  CB   sing N N 93  
GLU CA  HA   sing N N 94  
GLU C   O    doub N N 95  
GLU C   OXT  sing N N 96  
GLU CB  CG   sing N N 97  
GLU CB  HB2  sing N N 98  
GLU CB  HB3  sing N N 99  
GLU CG  CD   sing N N 100 
GLU CG  HG2  sing N N 101 
GLU CG  HG3  sing N N 102 
GLU CD  OE1  doub N N 103 
GLU CD  OE2  sing N N 104 
GLU OE2 HE2  sing N N 105 
GLU OXT HXT  sing N N 106 
GLY N   CA   sing N N 107 
GLY N   H    sing N N 108 
GLY N   H2   sing N N 109 
GLY CA  C    sing N N 110 
GLY CA  HA2  sing N N 111 
GLY CA  HA3  sing N N 112 
GLY C   O    doub N N 113 
GLY C   OXT  sing N N 114 
GLY OXT HXT  sing N N 115 
HIS N   CA   sing N N 116 
HIS N   H    sing N N 117 
HIS N   H2   sing N N 118 
HIS CA  C    sing N N 119 
HIS CA  CB   sing N N 120 
HIS CA  HA   sing N N 121 
HIS C   O    doub N N 122 
HIS C   OXT  sing N N 123 
HIS CB  CG   sing N N 124 
HIS CB  HB2  sing N N 125 
HIS CB  HB3  sing N N 126 
HIS CG  ND1  sing Y N 127 
HIS CG  CD2  doub Y N 128 
HIS ND1 CE1  doub Y N 129 
HIS ND1 HD1  sing N N 130 
HIS CD2 NE2  sing Y N 131 
HIS CD2 HD2  sing N N 132 
HIS CE1 NE2  sing Y N 133 
HIS CE1 HE1  sing N N 134 
HIS NE2 HE2  sing N N 135 
HIS OXT HXT  sing N N 136 
HOH O   H1   sing N N 137 
HOH O   H2   sing N N 138 
ILE N   CA   sing N N 139 
ILE N   H    sing N N 140 
ILE N   H2   sing N N 141 
ILE CA  C    sing N N 142 
ILE CA  CB   sing N N 143 
ILE CA  HA   sing N N 144 
ILE C   O    doub N N 145 
ILE C   OXT  sing N N 146 
ILE CB  CG1  sing N N 147 
ILE CB  CG2  sing N N 148 
ILE CB  HB   sing N N 149 
ILE CG1 CD1  sing N N 150 
ILE CG1 HG12 sing N N 151 
ILE CG1 HG13 sing N N 152 
ILE CG2 HG21 sing N N 153 
ILE CG2 HG22 sing N N 154 
ILE CG2 HG23 sing N N 155 
ILE CD1 HD11 sing N N 156 
ILE CD1 HD12 sing N N 157 
ILE CD1 HD13 sing N N 158 
ILE OXT HXT  sing N N 159 
LEU N   CA   sing N N 160 
LEU N   H    sing N N 161 
LEU N   H2   sing N N 162 
LEU CA  C    sing N N 163 
LEU CA  CB   sing N N 164 
LEU CA  HA   sing N N 165 
LEU C   O    doub N N 166 
LEU C   OXT  sing N N 167 
LEU CB  CG   sing N N 168 
LEU CB  HB2  sing N N 169 
LEU CB  HB3  sing N N 170 
LEU CG  CD1  sing N N 171 
LEU CG  CD2  sing N N 172 
LEU CG  HG   sing N N 173 
LEU CD1 HD11 sing N N 174 
LEU CD1 HD12 sing N N 175 
LEU CD1 HD13 sing N N 176 
LEU CD2 HD21 sing N N 177 
LEU CD2 HD22 sing N N 178 
LEU CD2 HD23 sing N N 179 
LEU OXT HXT  sing N N 180 
LYS N   CA   sing N N 181 
LYS N   H    sing N N 182 
LYS N   H2   sing N N 183 
LYS CA  C    sing N N 184 
LYS CA  CB   sing N N 185 
LYS CA  HA   sing N N 186 
LYS C   O    doub N N 187 
LYS C   OXT  sing N N 188 
LYS CB  CG   sing N N 189 
LYS CB  HB2  sing N N 190 
LYS CB  HB3  sing N N 191 
LYS CG  CD   sing N N 192 
LYS CG  HG2  sing N N 193 
LYS CG  HG3  sing N N 194 
LYS CD  CE   sing N N 195 
LYS CD  HD2  sing N N 196 
LYS CD  HD3  sing N N 197 
LYS CE  NZ   sing N N 198 
LYS CE  HE2  sing N N 199 
LYS CE  HE3  sing N N 200 
LYS NZ  HZ1  sing N N 201 
LYS NZ  HZ2  sing N N 202 
LYS NZ  HZ3  sing N N 203 
LYS OXT HXT  sing N N 204 
MET N   CA   sing N N 205 
MET N   H    sing N N 206 
MET N   H2   sing N N 207 
MET CA  C    sing N N 208 
MET CA  CB   sing N N 209 
MET CA  HA   sing N N 210 
MET C   O    doub N N 211 
MET C   OXT  sing N N 212 
MET CB  CG   sing N N 213 
MET CB  HB2  sing N N 214 
MET CB  HB3  sing N N 215 
MET CG  SD   sing N N 216 
MET CG  HG2  sing N N 217 
MET CG  HG3  sing N N 218 
MET SD  CE   sing N N 219 
MET CE  HE1  sing N N 220 
MET CE  HE2  sing N N 221 
MET CE  HE3  sing N N 222 
MET OXT HXT  sing N N 223 
PHE N   CA   sing N N 224 
PHE N   H    sing N N 225 
PHE N   H2   sing N N 226 
PHE CA  C    sing N N 227 
PHE CA  CB   sing N N 228 
PHE CA  HA   sing N N 229 
PHE C   O    doub N N 230 
PHE C   OXT  sing N N 231 
PHE CB  CG   sing N N 232 
PHE CB  HB2  sing N N 233 
PHE CB  HB3  sing N N 234 
PHE CG  CD1  doub Y N 235 
PHE CG  CD2  sing Y N 236 
PHE CD1 CE1  sing Y N 237 
PHE CD1 HD1  sing N N 238 
PHE CD2 CE2  doub Y N 239 
PHE CD2 HD2  sing N N 240 
PHE CE1 CZ   doub Y N 241 
PHE CE1 HE1  sing N N 242 
PHE CE2 CZ   sing Y N 243 
PHE CE2 HE2  sing N N 244 
PHE CZ  HZ   sing N N 245 
PHE OXT HXT  sing N N 246 
PRO N   CA   sing N N 247 
PRO N   CD   sing N N 248 
PRO N   H    sing N N 249 
PRO CA  C    sing N N 250 
PRO CA  CB   sing N N 251 
PRO CA  HA   sing N N 252 
PRO C   O    doub N N 253 
PRO C   OXT  sing N N 254 
PRO CB  CG   sing N N 255 
PRO CB  HB2  sing N N 256 
PRO CB  HB3  sing N N 257 
PRO CG  CD   sing N N 258 
PRO CG  HG2  sing N N 259 
PRO CG  HG3  sing N N 260 
PRO CD  HD2  sing N N 261 
PRO CD  HD3  sing N N 262 
PRO OXT HXT  sing N N 263 
SER N   CA   sing N N 264 
SER N   H    sing N N 265 
SER N   H2   sing N N 266 
SER CA  C    sing N N 267 
SER CA  CB   sing N N 268 
SER CA  HA   sing N N 269 
SER C   O    doub N N 270 
SER C   OXT  sing N N 271 
SER CB  OG   sing N N 272 
SER CB  HB2  sing N N 273 
SER CB  HB3  sing N N 274 
SER OG  HG   sing N N 275 
SER OXT HXT  sing N N 276 
THR N   CA   sing N N 277 
THR N   H    sing N N 278 
THR N   H2   sing N N 279 
THR CA  C    sing N N 280 
THR CA  CB   sing N N 281 
THR CA  HA   sing N N 282 
THR C   O    doub N N 283 
THR C   OXT  sing N N 284 
THR CB  OG1  sing N N 285 
THR CB  CG2  sing N N 286 
THR CB  HB   sing N N 287 
THR OG1 HG1  sing N N 288 
THR CG2 HG21 sing N N 289 
THR CG2 HG22 sing N N 290 
THR CG2 HG23 sing N N 291 
THR OXT HXT  sing N N 292 
TRP N   CA   sing N N 293 
TRP N   H    sing N N 294 
TRP N   H2   sing N N 295 
TRP CA  C    sing N N 296 
TRP CA  CB   sing N N 297 
TRP CA  HA   sing N N 298 
TRP C   O    doub N N 299 
TRP C   OXT  sing N N 300 
TRP CB  CG   sing N N 301 
TRP CB  HB2  sing N N 302 
TRP CB  HB3  sing N N 303 
TRP CG  CD1  doub Y N 304 
TRP CG  CD2  sing Y N 305 
TRP CD1 NE1  sing Y N 306 
TRP CD1 HD1  sing N N 307 
TRP CD2 CE2  doub Y N 308 
TRP CD2 CE3  sing Y N 309 
TRP NE1 CE2  sing Y N 310 
TRP NE1 HE1  sing N N 311 
TRP CE2 CZ2  sing Y N 312 
TRP CE3 CZ3  doub Y N 313 
TRP CE3 HE3  sing N N 314 
TRP CZ2 CH2  doub Y N 315 
TRP CZ2 HZ2  sing N N 316 
TRP CZ3 CH2  sing Y N 317 
TRP CZ3 HZ3  sing N N 318 
TRP CH2 HH2  sing N N 319 
TRP OXT HXT  sing N N 320 
TYR N   CA   sing N N 321 
TYR N   H    sing N N 322 
TYR N   H2   sing N N 323 
TYR CA  C    sing N N 324 
TYR CA  CB   sing N N 325 
TYR CA  HA   sing N N 326 
TYR C   O    doub N N 327 
TYR C   OXT  sing N N 328 
TYR CB  CG   sing N N 329 
TYR CB  HB2  sing N N 330 
TYR CB  HB3  sing N N 331 
TYR CG  CD1  doub Y N 332 
TYR CG  CD2  sing Y N 333 
TYR CD1 CE1  sing Y N 334 
TYR CD1 HD1  sing N N 335 
TYR CD2 CE2  doub Y N 336 
TYR CD2 HD2  sing N N 337 
TYR CE1 CZ   doub Y N 338 
TYR CE1 HE1  sing N N 339 
TYR CE2 CZ   sing Y N 340 
TYR CE2 HE2  sing N N 341 
TYR CZ  OH   sing N N 342 
TYR OH  HH   sing N N 343 
TYR OXT HXT  sing N N 344 
VAL N   CA   sing N N 345 
VAL N   H    sing N N 346 
VAL N   H2   sing N N 347 
VAL CA  C    sing N N 348 
VAL CA  CB   sing N N 349 
VAL CA  HA   sing N N 350 
VAL C   O    doub N N 351 
VAL C   OXT  sing N N 352 
VAL CB  CG1  sing N N 353 
VAL CB  CG2  sing N N 354 
VAL CB  HB   sing N N 355 
VAL CG1 HG11 sing N N 356 
VAL CG1 HG12 sing N N 357 
VAL CG1 HG13 sing N N 358 
VAL CG2 HG21 sing N N 359 
VAL CG2 HG22 sing N N 360 
VAL CG2 HG23 sing N N 361 
VAL OXT HXT  sing N N 362 
# 
_atom_sites.entry_id                    4F14 
_atom_sites.fract_transf_matrix[1][1]   0.00238004 
_atom_sites.fract_transf_matrix[1][2]   0.01101577 
_atom_sites.fract_transf_matrix[1][3]   0.02569513 
_atom_sites.fract_transf_matrix[2][1]   -0.00281765 
_atom_sites.fract_transf_matrix[2][2]   0.02387521 
_atom_sites.fract_transf_matrix[2][3]   -0.00997457 
_atom_sites.fract_transf_matrix[3][1]   -0.02289634 
_atom_sites.fract_transf_matrix[3][2]   -0.00154024 
_atom_sites.fract_transf_matrix[3][3]   0.00278112 
_atom_sites.fract_transf_vector[1]      -0.102014 
_atom_sites.fract_transf_vector[2]      -0.033794 
_atom_sites.fract_transf_vector[3]      0.052172 
# 
loop_
_atom_type.symbol 
C  
H  
N  
O  
S  
ZN 
# 
loop_
_atom_site.group_PDB 
_atom_site.id 
_atom_site.type_symbol 
_atom_site.label_atom_id 
_atom_site.label_alt_id 
_atom_site.label_comp_id 
_atom_site.label_asym_id 
_atom_site.label_entity_id 
_atom_site.label_seq_id 
_atom_site.pdbx_PDB_ins_code 
_atom_site.Cartn_x 
_atom_site.Cartn_y 
_atom_site.Cartn_z 
_atom_site.occupancy 
_atom_site.B_iso_or_equiv 
_atom_site.pdbx_formal_charge 
_atom_site.auth_seq_id 
_atom_site.auth_comp_id 
_atom_site.auth_asym_id 
_atom_site.auth_atom_id 
_atom_site.pdbx_PDB_model_num 
ATOM   1    N  N    . THR A 1 8  ? -1.427  -12.428 0.321   1.00 19.50 ? 958  THR A N    1 
ATOM   2    C  CA   . THR A 1 8  ? -0.987  -11.763 -0.903  1.00 20.32 ? 958  THR A CA   1 
ATOM   3    C  C    . THR A 1 8  ? -2.108  -11.030 -1.688  1.00 20.62 ? 958  THR A C    1 
ATOM   4    O  O    . THR A 1 8  ? -3.231  -11.520 -1.891  1.00 22.98 ? 958  THR A O    1 
ATOM   5    C  CB   . THR A 1 8  ? -0.226  -12.750 -1.818  1.00 21.09 ? 958  THR A CB   1 
ATOM   6    O  OG1  . THR A 1 8  ? 0.824   -13.362 -1.049  1.00 23.50 ? 958  THR A OG1  1 
ATOM   7    C  CG2  . THR A 1 8  ? 0.354   -12.017 -3.039  1.00 20.04 ? 958  THR A CG2  1 
ATOM   8    H  HA   . THR A 1 8  ? -0.341  -11.074 -0.643  1.00 24.39 ? 958  THR A HA   1 
ATOM   9    H  HB   . THR A 1 8  ? -0.837  -13.435 -2.133  1.00 25.31 ? 958  THR A HB   1 
ATOM   10   H  HG1  . THR A 1 8  ? 1.242   -13.891 -1.516  1.00 28.20 ? 958  THR A HG1  1 
ATOM   11   H  HG21 . THR A 1 8  ? 0.825   -12.637 -3.601  1.00 24.05 ? 958  THR A HG21 1 
ATOM   12   H  HG22 . THR A 1 8  ? -0.353  -11.612 -3.546  1.00 24.05 ? 958  THR A HG22 1 
ATOM   13   H  HG23 . THR A 1 8  ? 0.963   -11.333 -2.751  1.00 24.05 ? 958  THR A HG23 1 
ATOM   14   N  N    . TYR A 1 9  ? -1.739  -9.849  -2.154  1.00 17.19 ? 959  TYR A N    1 
ATOM   15   C  CA   . TYR A 1 9  ? -2.616  -8.926  -2.874  1.00 13.60 ? 959  TYR A CA   1 
ATOM   16   C  C    . TYR A 1 9  ? -1.910  -8.525  -4.173  1.00 12.00 ? 959  TYR A C    1 
ATOM   17   O  O    . TYR A 1 9  ? -0.738  -8.839  -4.383  1.00 12.97 ? 959  TYR A O    1 
ATOM   18   C  CB   . TYR A 1 9  ? -2.841  -7.704  -1.991  1.00 14.25 ? 959  TYR A CB   1 
ATOM   19   C  CG   . TYR A 1 9  ? -3.716  -7.927  -0.765  1.00 16.25 ? 959  TYR A CG   1 
ATOM   20   C  CD1  . TYR A 1 9  ? -3.364  -8.832  0.222   1.00 17.77 ? 959  TYR A CD1  1 
ATOM   21   C  CD2  . TYR A 1 9  ? -4.878  -7.194  -0.591  1.00 17.22 ? 959  TYR A CD2  1 
ATOM   22   C  CE1  . TYR A 1 9  ? -4.152  -9.008  1.352   1.00 19.76 ? 959  TYR A CE1  1 
ATOM   23   C  CE2  . TYR A 1 9  ? -5.669  -7.349  0.554   1.00 18.89 ? 959  TYR A CE2  1 
ATOM   24   C  CZ   . TYR A 1 9  ? -5.289  -8.260  1.510   1.00 20.46 ? 959  TYR A CZ   1 
ATOM   25   O  OH   . TYR A 1 9  ? -6.048  -8.442  2.646   1.00 23.58 ? 959  TYR A OH   1 
ATOM   26   H  H    . TYR A 1 9  ? -0.942  -9.541  -2.062  1.00 20.62 ? 959  TYR A H    1 
ATOM   27   H  HA   . TYR A 1 9  ? -3.474  -9.351  -3.079  1.00 16.32 ? 959  TYR A HA   1 
ATOM   28   H  HB2  . TYR A 1 9  ? -1.978  -7.390  -1.678  1.00 17.10 ? 959  TYR A HB2  1 
ATOM   29   H  HB3  . TYR A 1 9  ? -3.263  -7.014  -2.526  1.00 17.10 ? 959  TYR A HB3  1 
ATOM   30   H  HD1  . TYR A 1 9  ? -2.586  -9.332  0.127   1.00 21.32 ? 959  TYR A HD1  1 
ATOM   31   H  HD2  . TYR A 1 9  ? -5.123  -6.568  -1.233  1.00 20.66 ? 959  TYR A HD2  1 
ATOM   32   H  HE1  . TYR A 1 9  ? -3.898  -9.617  2.007   1.00 23.71 ? 959  TYR A HE1  1 
ATOM   33   H  HE2  . TYR A 1 9  ? -6.446  -6.851  0.661   1.00 22.67 ? 959  TYR A HE2  1 
ATOM   34   H  HH   . TYR A 1 9  ? -6.804  -8.684  2.442   1.00 28.30 ? 959  TYR A HH   1 
ATOM   35   N  N    . ARG A 1 10 ? -2.612  -7.819  -5.040  1.00 11.84 ? 960  ARG A N    1 
ATOM   36   C  CA   . ARG A 1 10 ? -2.003  -7.314  -6.276  1.00 11.80 ? 960  ARG A CA   1 
ATOM   37   C  C    . ARG A 1 10 ? -2.406  -5.859  -6.486  1.00 10.95 ? 960  ARG A C    1 
ATOM   38   O  O    . ARG A 1 10 ? -3.565  -5.497  -6.372  1.00 12.16 ? 960  ARG A O    1 
ATOM   39   C  CB   . ARG A 1 10 ? -2.409  -8.206  -7.446  1.00 14.09 ? 960  ARG A CB   1 
ATOM   40   C  CG   . ARG A 1 10 ? -1.700  -7.928  -8.771  1.00 15.99 ? 960  ARG A CG   1 
ATOM   41   C  CD   . ARG A 1 10 ? -2.103  -8.958  -9.819  1.00 18.26 ? 960  ARG A CD   1 
ATOM   42   N  NE   . ARG A 1 10 ? -3.539  -8.877  -10.042 1.00 19.47 ? 960  ARG A NE   1 
ATOM   43   C  CZ   . ARG A 1 10 ? -4.348  -9.898  -10.315 1.00 22.35 ? 960  ARG A CZ   1 
ATOM   44   N  NH1  . ARG A 1 10 ? -5.643  -9.659  -10.484 1.00 24.60 ? 960  ARG A NH1  1 
ATOM   45   N  NH2  . ARG A 1 10 ? -3.891  -11.140 -10.429 1.00 23.59 ? 960  ARG A NH2  1 
ATOM   46   H  H    . ARG A 1 10 ? -3.442  -7.614  -4.945  1.00 14.20 ? 960  ARG A H    1 
ATOM   47   H  HA   . ARG A 1 10 ? -1.027  -7.349  -6.191  1.00 14.16 ? 960  ARG A HA   1 
ATOM   48   H  HB2  . ARG A 1 10 ? -2.224  -9.127  -7.207  1.00 16.90 ? 960  ARG A HB2  1 
ATOM   49   H  HB3  . ARG A 1 10 ? -3.361  -8.096  -7.598  1.00 16.90 ? 960  ARG A HB3  1 
ATOM   50   H  HG2  . ARG A 1 10 ? -1.951  -7.048  -9.094  1.00 19.18 ? 960  ARG A HG2  1 
ATOM   51   H  HG3  . ARG A 1 10 ? -0.740  -7.981  -8.642  1.00 19.18 ? 960  ARG A HG3  1 
ATOM   52   H  HD2  . ARG A 1 10 ? -1.647  -8.771  -10.654 1.00 21.91 ? 960  ARG A HD2  1 
ATOM   53   H  HD3  . ARG A 1 10 ? -1.888  -9.849  -9.501  1.00 21.91 ? 960  ARG A HD3  1 
ATOM   54   H  HE   . ARG A 1 10 ? -3.899  -8.097  -9.994  1.00 23.36 ? 960  ARG A HE   1 
ATOM   55   H  HH11 . ARG A 1 10 ? -5.945  -8.857  -10.416 1.00 29.51 ? 960  ARG A HH11 1 
ATOM   56   H  HH12 . ARG A 1 10 ? -6.179  -10.307 -10.667 1.00 29.51 ? 960  ARG A HH12 1 
ATOM   57   H  HH21 . ARG A 1 10 ? -3.054  -11.302 -10.319 1.00 28.30 ? 960  ARG A HH21 1 
ATOM   58   H  HH22 . ARG A 1 10 ? -4.434  -11.783 -10.608 1.00 28.30 ? 960  ARG A HH22 1 
ATOM   59   N  N    . ALA A 1 11 ? -1.435  -5.026  -6.841  1.00 10.31 ? 961  ALA A N    1 
ATOM   60   C  CA   . ALA A 1 11 ? -1.697  -3.606  -7.115  1.00 10.64 ? 961  ALA A CA   1 
ATOM   61   C  C    . ALA A 1 11 ? -2.531  -3.467  -8.390  1.00 11.05 ? 961  ALA A C    1 
ATOM   62   O  O    . ALA A 1 11 ? -2.303  -4.188  -9.375  1.00 12.37 ? 961  ALA A O    1 
ATOM   63   C  CB   . ALA A 1 11 ? -0.386  -2.845  -7.266  1.00 11.02 ? 961  ALA A CB   1 
ATOM   64   H  H    . ALA A 1 11 ? -0.611  -5.254  -6.932  1.00 12.37 ? 961  ALA A H    1 
ATOM   65   H  HA   . ALA A 1 11 ? -2.200  -3.216  -6.369  1.00 12.76 ? 961  ALA A HA   1 
ATOM   66   H  HB1  . ALA A 1 11 ? -0.580  -1.922  -7.444  1.00 13.23 ? 961  ALA A HB1  1 
ATOM   67   H  HB2  . ALA A 1 11 ? 0.117   -2.925  -6.452  1.00 13.23 ? 961  ALA A HB2  1 
ATOM   68   H  HB3  . ALA A 1 11 ? 0.111   -3.222  -7.996  1.00 13.23 ? 961  ALA A HB3  1 
ATOM   69   N  N    . MET A 1 12 ? -3.481  -2.538  -8.353  1.00 11.59 ? 962  MET A N    1 
ATOM   70   C  CA   . MET A 1 12 ? -4.320  -2.180  -9.487  1.00 13.12 ? 962  MET A CA   1 
ATOM   71   C  C    . MET A 1 12 ? -3.882  -0.924  -10.204 1.00 12.03 ? 962  MET A C    1 
ATOM   72   O  O    . MET A 1 12 ? -4.442  -0.602  -11.259 1.00 13.40 ? 962  MET A O    1 
ATOM   73   C  CB   . MET A 1 12 ? -5.760  -1.904  -9.006  1.00 16.29 ? 962  MET A CB   1 
ATOM   74   C  CG   . MET A 1 12 ? -6.420  -3.050  -8.338  1.00 18.13 ? 962  MET A CG   1 
ATOM   75   S  SD   . MET A 1 12 ? -8.140  -2.688  -7.973  1.00 18.25 ? 962  MET A SD   1 
ATOM   76   C  CE   . MET A 1 12 ? -8.058  -1.380  -6.749  1.00 20.39 ? 962  MET A CE   1 
ATOM   77   H  H    . MET A 1 12 ? -3.664  -2.083  -7.647  1.00 13.91 ? 962  MET A H    1 
ATOM   78   H  HA   . MET A 1 12 ? -4.343  -2.926  -10.122 1.00 15.74 ? 962  MET A HA   1 
ATOM   79   H  HB2  . MET A 1 12 ? -5.740  -1.168  -8.375  1.00 19.55 ? 962  MET A HB2  1 
ATOM   80   H  HB3  . MET A 1 12 ? -6.301  -1.661  -9.774  1.00 19.55 ? 962  MET A HB3  1 
ATOM   81   H  HG2  . MET A 1 12 ? -6.389  -3.824  -8.922  1.00 21.76 ? 962  MET A HG2  1 
ATOM   82   H  HG3  . MET A 1 12 ? -5.964  -3.241  -7.503  1.00 21.76 ? 962  MET A HG3  1 
ATOM   83   H  HE1  . MET A 1 12 ? -8.950  -1.129  -6.501  1.00 24.46 ? 962  MET A HE1  1 
ATOM   84   H  HE2  . MET A 1 12 ? -7.581  -1.703  -5.980  1.00 24.46 ? 962  MET A HE2  1 
ATOM   85   H  HE3  . MET A 1 12 ? -7.598  -0.627  -7.128  1.00 24.46 ? 962  MET A HE3  1 
ATOM   86   N  N    . TYR A 1 13 ? -2.954  -0.174  -9.609  1.00 11.04 ? 963  TYR A N    1 
ATOM   87   C  CA   . TYR A 1 13 ? -2.424  1.077   -10.134 1.00 12.31 ? 963  TYR A CA   1 
ATOM   88   C  C    . TYR A 1 13 ? -0.963  1.217   -9.721  1.00 11.52 ? 963  TYR A C    1 
ATOM   89   O  O    . TYR A 1 13 ? -0.540  0.672   -8.712  1.00 12.29 ? 963  TYR A O    1 
ATOM   90   C  CB   . TYR A 1 13 ? -3.168  2.265   -9.552  1.00 12.69 ? 963  TYR A CB   1 
ATOM   91   C  CG   . TYR A 1 13 ? -4.663  2.299   -9.764  1.00 11.97 ? 963  TYR A CG   1 
ATOM   92   C  CD1  . TYR A 1 13 ? -5.206  2.643   -10.994 1.00 12.47 ? 963  TYR A CD1  1 
ATOM   93   C  CD2  . TYR A 1 13 ? -5.535  2.032   -8.729  1.00 11.54 ? 963  TYR A CD2  1 
ATOM   94   C  CE1  . TYR A 1 13 ? -6.566  2.730   -11.184 1.00 12.59 ? 963  TYR A CE1  1 
ATOM   95   C  CE2  . TYR A 1 13 ? -6.886  2.100   -8.901  1.00 11.60 ? 963  TYR A CE2  1 
ATOM   96   C  CZ   . TYR A 1 13 ? -7.406  2.466   -10.130 1.00 11.76 ? 963  TYR A CZ   1 
ATOM   97   O  OH   . TYR A 1 13 ? -8.765  2.546   -10.336 1.00 12.86 ? 963  TYR A OH   1 
ATOM   98   H  H    . TYR A 1 13 ? -2.598  -0.389  -8.856  1.00 13.25 ? 963  TYR A H    1 
ATOM   99   H  HA   . TYR A 1 13 ? -2.491  1.096   -11.112 1.00 14.77 ? 963  TYR A HA   1 
ATOM   100  H  HB2  . TYR A 1 13 ? -3.014  2.279   -8.594  1.00 15.23 ? 963  TYR A HB2  1 
ATOM   101  H  HB3  . TYR A 1 13 ? -2.804  3.073   -9.947  1.00 15.23 ? 963  TYR A HB3  1 
ATOM   102  H  HD1  . TYR A 1 13 ? -4.636  2.845   -11.701 1.00 14.97 ? 963  TYR A HD1  1 
ATOM   103  H  HD2  . TYR A 1 13 ? -5.193  1.807   -7.894  1.00 13.84 ? 963  TYR A HD2  1 
ATOM   104  H  HE1  . TYR A 1 13 ? -6.912  2.965   -12.015 1.00 15.11 ? 963  TYR A HE1  1 
ATOM   105  H  HE2  . TYR A 1 13 ? -7.457  1.921   -8.188  1.00 13.92 ? 963  TYR A HE2  1 
ATOM   106  H  HH   . TYR A 1 13 ? -9.091  3.111   -9.839  1.00 15.44 ? 963  TYR A HH   1 
ATOM   107  N  N    . ASP A 1 14 ? -0.235  2.042   -10.447 1.00 11.55 ? 964  ASP A N    1 
ATOM   108  C  CA   . ASP A 1 14 ? 1.053   2.549   -9.985  1.00 11.98 ? 964  ASP A CA   1 
ATOM   109  C  C    . ASP A 1 14 ? 0.836   3.509   -8.820  1.00 11.67 ? 964  ASP A C    1 
ATOM   110  O  O    . ASP A 1 14 ? -0.158  4.234   -8.765  1.00 12.25 ? 964  ASP A O    1 
ATOM   111  C  CB   . ASP A 1 14 ? 1.765   3.356   -11.071 1.00 12.92 ? 964  ASP A CB   1 
ATOM   112  C  CG   . ASP A 1 14 ? 2.205   2.545   -12.293 1.00 15.00 ? 964  ASP A CG   1 
ATOM   113  O  OD1  . ASP A 1 14 ? 2.081   1.315   -12.389 1.00 14.81 ? 964  ASP A OD1  1 
ATOM   114  O  OD2  . ASP A 1 14 ? 2.713   3.209   -13.217 1.00 19.81 ? 964  ASP A OD2  1 
ATOM   115  H  H    . ASP A 1 14 ? -0.464  2.332   -11.223 1.00 13.86 ? 964  ASP A H    1 
ATOM   116  H  HA   . ASP A 1 14 ? 1.628   1.810   -9.697  1.00 14.38 ? 964  ASP A HA   1 
ATOM   117  H  HB2  . ASP A 1 14 ? 1.165   4.052   -11.382 1.00 15.51 ? 964  ASP A HB2  1 
ATOM   118  H  HB3  . ASP A 1 14 ? 2.559   3.760   -10.685 1.00 15.51 ? 964  ASP A HB3  1 
ATOM   119  N  N    . TYR A 1 15 ? 1.826   3.558   -7.939  1.00 11.82 ? 965  TYR A N    1 
ATOM   120  C  CA   . TYR A 1 15 ? 1.847   4.490   -6.820  1.00 11.80 ? 965  TYR A CA   1 
ATOM   121  C  C    . TYR A 1 15 ? 3.271   4.902   -6.504  1.00 12.27 ? 965  TYR A C    1 
ATOM   122  O  O    . TYR A 1 15 ? 4.151   4.061   -6.403  1.00 12.53 ? 965  TYR A O    1 
ATOM   123  C  CB   . TYR A 1 15 ? 1.225   3.866   -5.552  1.00 11.72 ? 965  TYR A CB   1 
ATOM   124  C  CG   . TYR A 1 15 ? 1.115   4.849   -4.394  1.00 11.62 ? 965  TYR A CG   1 
ATOM   125  C  CD1  . TYR A 1 15 ? 0.237   5.915   -4.453  1.00 11.85 ? 965  TYR A CD1  1 
ATOM   126  C  CD2  . TYR A 1 15 ? 1.877   4.711   -3.242  1.00 11.74 ? 965  TYR A CD2  1 
ATOM   127  C  CE1  . TYR A 1 15 ? 0.127   6.818   -3.421  1.00 12.28 ? 965  TYR A CE1  1 
ATOM   128  C  CE2  . TYR A 1 15 ? 1.774   5.609   -2.180  1.00 12.34 ? 965  TYR A CE2  1 
ATOM   129  C  CZ   . TYR A 1 15 ? 0.886   6.675   -2.286  1.00 12.06 ? 965  TYR A CZ   1 
ATOM   130  O  OH   . TYR A 1 15 ? 0.769   7.597   -1.265  1.00 13.80 ? 965  TYR A OH   1 
ATOM   131  H  H    . TYR A 1 15 ? 2.517   3.047   -7.970  1.00 14.18 ? 965  TYR A H    1 
ATOM   132  H  HA   . TYR A 1 15 ? 1.335   5.293   -7.053  1.00 14.16 ? 965  TYR A HA   1 
ATOM   133  H  HB2  . TYR A 1 15 ? 0.332   3.551   -5.763  1.00 14.07 ? 965  TYR A HB2  1 
ATOM   134  H  HB3  . TYR A 1 15 ? 1.779   3.124   -5.263  1.00 14.07 ? 965  TYR A HB3  1 
ATOM   135  H  HD1  . TYR A 1 15 ? -0.282  6.032   -5.215  1.00 14.22 ? 965  TYR A HD1  1 
ATOM   136  H  HD2  . TYR A 1 15 ? 2.472   3.998   -3.176  1.00 14.09 ? 965  TYR A HD2  1 
ATOM   137  H  HE1  . TYR A 1 15 ? -0.467  7.529   -3.492  1.00 14.73 ? 965  TYR A HE1  1 
ATOM   138  H  HE2  . TYR A 1 15 ? 2.299   5.504   -1.420  1.00 14.80 ? 965  TYR A HE2  1 
ATOM   139  H  HH   . TYR A 1 15 ? 1.492   7.959   -1.130  1.00 16.56 ? 965  TYR A HH   1 
ATOM   140  N  N    . SER A 1 16 ? 3.482   6.206   -6.344  1.00 13.87 ? 966  SER A N    1 
ATOM   141  C  CA   . SER A 1 16 ? 4.749   6.759   -5.857  1.00 15.84 ? 966  SER A CA   1 
ATOM   142  C  C    . SER A 1 16 ? 4.595   7.172   -4.398  1.00 14.74 ? 966  SER A C    1 
ATOM   143  O  O    . SER A 1 16 ? 3.712   7.981   -4.042  1.00 15.97 ? 966  SER A O    1 
ATOM   144  C  CB   . SER A 1 16 ? 5.179   7.986   -6.684  1.00 19.79 ? 966  SER A CB   1 
ATOM   145  O  OG   . SER A 1 16 ? 5.366   7.646   -8.038  1.00 24.05 ? 966  SER A OG   1 
ATOM   146  H  H    . SER A 1 16 ? 2.893   6.808   -6.516  1.00 16.64 ? 966  SER A H    1 
ATOM   147  H  HA   . SER A 1 16 ? 5.451   6.079   -5.917  1.00 19.01 ? 966  SER A HA   1 
ATOM   148  H  HB2  . SER A 1 16 ? 4.489   8.665   -6.623  1.00 23.75 ? 966  SER A HB2  1 
ATOM   149  H  HB3  . SER A 1 16 ? 6.013   8.329   -6.327  1.00 23.75 ? 966  SER A HB3  1 
ATOM   150  H  HG   . SER A 1 16 ? 5.213   6.849   -8.151  1.00 28.86 ? 966  SER A HG   1 
ATOM   151  N  N    . ALA A 1 17 ? 5.449   6.619   -3.543  1.00 14.87 ? 967  ALA A N    1 
ATOM   152  C  CA   . ALA A 1 17 ? 5.445   6.936   -2.120  1.00 14.72 ? 967  ALA A CA   1 
ATOM   153  C  C    . ALA A 1 17 ? 5.487   8.448   -1.872  1.00 15.81 ? 967  ALA A C    1 
ATOM   154  O  O    . ALA A 1 17 ? 6.296   9.160   -2.479  1.00 17.32 ? 967  ALA A O    1 
ATOM   155  C  CB   . ALA A 1 17 ? 6.642   6.271   -1.438  1.00 15.34 ? 967  ALA A CB   1 
ATOM   156  H  H    . ALA A 1 17 ? 6.051   6.047   -3.768  1.00 17.84 ? 967  ALA A H    1 
ATOM   157  H  HA   . ALA A 1 17 ? 4.626   6.583   -1.714  1.00 17.66 ? 967  ALA A HA   1 
ATOM   158  H  HB1  . ALA A 1 17 ? 6.628   6.487   -0.503  1.00 18.41 ? 967  ALA A HB1  1 
ATOM   159  H  HB2  . ALA A 1 17 ? 6.581   5.320   -1.556  1.00 18.41 ? 967  ALA A HB2  1 
ATOM   160  H  HB3  . ALA A 1 17 ? 7.451   6.599   -1.838  1.00 18.41 ? 967  ALA A HB3  1 
ATOM   161  N  N    . GLN A 1 18 ? 4.664   8.912   -0.930  1.00 16.59 ? 968  GLN A N    1 
ATOM   162  C  CA   . GLN A 1 18 ? 4.572   10.336  -0.608  1.00 17.78 ? 968  GLN A CA   1 
ATOM   163  C  C    . GLN A 1 18 ? 5.081   10.656  0.792   1.00 17.37 ? 968  GLN A C    1 
ATOM   164  O  O    . GLN A 1 18 ? 4.977   11.791  1.244   1.00 18.10 ? 968  GLN A O    1 
ATOM   165  C  CB   . GLN A 1 18 ? 3.119   10.796  -0.717  1.00 20.08 ? 968  GLN A CB   1 
ATOM   166  C  CG   . GLN A 1 18 ? 2.535   10.654  -2.115  1.00 22.73 ? 968  GLN A CG   1 
ATOM   167  C  CD   . GLN A 1 18 ? 3.243   11.530  -3.131  1.00 26.71 ? 968  GLN A CD   1 
ATOM   168  O  OE1  . GLN A 1 18 ? 3.319   12.753  -2.974  1.00 29.52 ? 968  GLN A OE1  1 
ATOM   169  N  NE2  . GLN A 1 18 ? 3.762   10.911  -4.186  1.00 28.07 ? 968  GLN A NE2  1 
ATOM   170  H  H    . GLN A 1 18 ? 4.142   8.416   -0.458  1.00 19.90 ? 968  GLN A H    1 
ATOM   171  H  HA   . GLN A 1 18 ? 5.104   10.847  -1.252  1.00 21.33 ? 968  GLN A HA   1 
ATOM   172  H  HB2  . GLN A 1 18 ? 2.577   10.265  -0.113  1.00 24.10 ? 968  GLN A HB2  1 
ATOM   173  H  HB3  . GLN A 1 18 ? 3.068   11.733  -0.467  1.00 24.10 ? 968  GLN A HB3  1 
ATOM   174  H  HG2  . GLN A 1 18 ? 2.619   9.731   -2.402  1.00 27.27 ? 968  GLN A HG2  1 
ATOM   175  H  HG3  . GLN A 1 18 ? 1.600   10.912  -2.096  1.00 27.27 ? 968  GLN A HG3  1 
ATOM   176  H  HE21 . GLN A 1 18 ? 4.174   11.363  -4.791  1.00 33.69 ? 968  GLN A HE21 1 
ATOM   177  H  HE22 . GLN A 1 18 ? 3.686   10.058  -4.265  1.00 33.69 ? 968  GLN A HE22 1 
ATOM   178  N  N    . ASP A 1 19 ? 5.625   9.668   1.486   1.00 16.11 ? 969  ASP A N    1 
ATOM   179  C  CA   . ASP A 1 19 ? 6.225   9.894   2.796   1.00 15.73 ? 969  ASP A CA   1 
ATOM   180  C  C    . ASP A 1 19 ? 7.182   8.738   3.083   1.00 16.19 ? 969  ASP A C    1 
ATOM   181  O  O    . ASP A 1 19 ? 7.154   7.700   2.404   1.00 16.86 ? 969  ASP A O    1 
ATOM   182  C  CB   . ASP A 1 19 ? 5.150   10.034  3.878   1.00 17.17 ? 969  ASP A CB   1 
ATOM   183  C  CG   . ASP A 1 19 ? 5.606   10.854  5.073   1.00 20.50 ? 969  ASP A CG   1 
ATOM   184  O  OD1  . ASP A 1 19 ? 6.803   11.209  5.162   1.00 18.61 ? 969  ASP A OD1  1 
ATOM   185  O  OD2  . ASP A 1 19 ? 4.756   11.129  5.951   1.00 23.75 ? 969  ASP A OD2  1 
ATOM   186  H  H    . ASP A 1 19 ? 5.661   8.850   1.221   1.00 19.33 ? 969  ASP A H    1 
ATOM   187  H  HA   . ASP A 1 19 ? 6.746   10.724  2.773   1.00 18.88 ? 969  ASP A HA   1 
ATOM   188  H  HB2  . ASP A 1 19 ? 4.373   10.471  3.495   1.00 20.60 ? 969  ASP A HB2  1 
ATOM   189  H  HB3  . ASP A 1 19 ? 4.908   9.150   4.198   1.00 20.60 ? 969  ASP A HB3  1 
ATOM   190  N  N    . GLU A 1 20 ? 8.039   8.921   4.081   1.00 17.07 ? 970  GLU A N    1 
ATOM   191  C  CA   . GLU A 1 20 ? 9.123   7.991   4.339   1.00 17.74 ? 970  GLU A CA   1 
ATOM   192  C  C    . GLU A 1 20 ? 8.656   6.625   4.813   1.00 16.59 ? 970  GLU A C    1 
ATOM   193  O  O    . GLU A 1 20 ? 9.423   5.667   4.741   1.00 18.78 ? 970  GLU A O    1 
ATOM   194  C  CB   . GLU A 1 20 ? 10.107  8.598   5.341   1.00 20.64 ? 970  GLU A CB   1 
ATOM   195  C  CG   . GLU A 1 20 ? 10.820  9.861   4.850   1.00 23.77 ? 970  GLU A CG   1 
ATOM   196  C  CD   . GLU A 1 20 ? 9.946   11.102  4.897   1.00 25.40 ? 970  GLU A CD   1 
ATOM   197  O  OE1  . GLU A 1 20 ? 9.328   11.345  5.944   1.00 23.31 ? 970  GLU A OE1  1 
ATOM   198  O  OE2  . GLU A 1 20 ? 9.855   11.818  3.875   1.00 27.25 ? 970  GLU A OE2  1 
ATOM   199  H  H    . GLU A 1 20 ? 8.010   9.584   4.628   1.00 20.48 ? 970  GLU A H    1 
ATOM   200  H  HA   . GLU A 1 20 ? 9.612   7.853   3.501   1.00 21.29 ? 970  GLU A HA   1 
ATOM   201  H  HB2  . GLU A 1 20 ? 9.622   8.830   6.149   1.00 24.76 ? 970  GLU A HB2  1 
ATOM   202  H  HB3  . GLU A 1 20 ? 10.787  7.938   5.546   1.00 24.76 ? 970  GLU A HB3  1 
ATOM   203  H  HG2  . GLU A 1 20 ? 11.595  10.021  5.411   1.00 28.52 ? 970  GLU A HG2  1 
ATOM   204  H  HG3  . GLU A 1 20 ? 11.099  9.727   3.931   1.00 28.52 ? 970  GLU A HG3  1 
ATOM   205  N  N    . ASP A 1 21 ? 7.415   6.529   5.286   1.00 15.40 ? 971  ASP A N    1 
ATOM   206  C  CA   . ASP A 1 21 ? 6.855   5.266   5.741   1.00 15.32 ? 971  ASP A CA   1 
ATOM   207  C  C    . ASP A 1 21 ? 6.073   4.523   4.672   1.00 13.68 ? 971  ASP A C    1 
ATOM   208  O  O    . ASP A 1 21 ? 5.540   3.448   4.954   1.00 14.94 ? 971  ASP A O    1 
ATOM   209  C  CB   . ASP A 1 21 ? 5.991   5.469   7.001   1.00 17.36 ? 971  ASP A CB   1 
ATOM   210  C  CG   . ASP A 1 21 ? 4.870   6.496   6.810   1.00 19.04 ? 971  ASP A CG   1 
ATOM   211  O  OD1  . ASP A 1 21 ? 4.772   7.120   5.725   1.00 16.90 ? 971  ASP A OD1  1 
ATOM   212  O  OD2  . ASP A 1 21 ? 4.096   6.713   7.783   1.00 23.65 ? 971  ASP A OD2  1 
ATOM   213  H  H    . ASP A 1 21 ? 6.873   7.193   5.353   1.00 18.48 ? 971  ASP A H    1 
ATOM   214  H  HA   . ASP A 1 21 ? 7.601   4.685   6.000   1.00 18.38 ? 971  ASP A HA   1 
ATOM   215  H  HB2  . ASP A 1 21 ? 5.582   4.623   7.241   1.00 20.83 ? 971  ASP A HB2  1 
ATOM   216  H  HB3  . ASP A 1 21 ? 6.558   5.778   7.724   1.00 20.83 ? 971  ASP A HB3  1 
ATOM   217  N  N    . GLU A 1 22 ? 5.993   5.081   3.465   1.00 12.67 ? 972  GLU A N    1 
ATOM   218  C  CA   . GLU A 1 22 ? 5.249   4.474   2.371   1.00 12.65 ? 972  GLU A CA   1 
ATOM   219  C  C    . GLU A 1 22 ? 6.198   3.778   1.416   1.00 12.03 ? 972  GLU A C    1 
ATOM   220  O  O    . GLU A 1 22 ? 7.404   4.066   1.397   1.00 14.30 ? 972  GLU A O    1 
ATOM   221  C  CB   . GLU A 1 22 ? 4.459   5.549   1.614   1.00 12.67 ? 972  GLU A CB   1 
ATOM   222  C  CG   . GLU A 1 22 ? 3.461   6.290   2.486   1.00 13.10 ? 972  GLU A CG   1 
ATOM   223  C  CD   . GLU A 1 22 ? 2.724   7.369   1.744   1.00 13.33 ? 972  GLU A CD   1 
ATOM   224  O  OE1  . GLU A 1 22 ? 2.759   7.388   0.490   1.00 13.70 ? 972  GLU A OE1  1 
ATOM   225  O  OE2  . GLU A 1 22 ? 2.127   8.229   2.436   1.00 15.22 ? 972  GLU A OE2  1 
ATOM   226  H  H    . GLU A 1 22 ? 6.370   5.826   3.254   1.00 15.20 ? 972  GLU A H    1 
ATOM   227  H  HA   . GLU A 1 22 ? 4.619   3.812   2.726   1.00 15.18 ? 972  GLU A HA   1 
ATOM   228  H  HB2  . GLU A 1 22 ? 5.081   6.201   1.254   1.00 15.21 ? 972  GLU A HB2  1 
ATOM   229  H  HB3  . GLU A 1 22 ? 3.967   5.127   0.891   1.00 15.21 ? 972  GLU A HB3  1 
ATOM   230  H  HG2  . GLU A 1 22 ? 2.806   5.658   2.823   1.00 15.72 ? 972  GLU A HG2  1 
ATOM   231  H  HG3  . GLU A 1 22 ? 3.934   6.704   3.225   1.00 15.72 ? 972  GLU A HG3  1 
ATOM   232  N  N    . VAL A 1 23 ? 5.640   2.901   0.598   1.00 11.36 ? 973  VAL A N    1 
ATOM   233  C  CA   . VAL A 1 23 ? 6.383   2.250   -0.471  1.00 12.14 ? 973  VAL A CA   1 
ATOM   234  C  C    . VAL A 1 23 ? 5.746   2.509   -1.839  1.00 11.45 ? 973  VAL A C    1 
ATOM   235  O  O    . VAL A 1 23 ? 4.535   2.693   -1.967  1.00 13.50 ? 973  VAL A O    1 
ATOM   236  C  CB   . VAL A 1 23 ? 6.525   0.724   -0.251  1.00 13.45 ? 973  VAL A CB   1 
ATOM   237  C  CG1  . VAL A 1 23 ? 7.400   0.440   0.959   1.00 14.84 ? 973  VAL A CG1  1 
ATOM   238  C  CG2  . VAL A 1 23 ? 5.161   0.049   -0.080  1.00 14.12 ? 973  VAL A CG2  1 
ATOM   239  H  H    . VAL A 1 23 ? 4.816   2.660   0.641   1.00 13.63 ? 973  VAL A H    1 
ATOM   240  H  HA   . VAL A 1 23 ? 7.287   2.628   -0.492  1.00 14.57 ? 973  VAL A HA   1 
ATOM   241  H  HB   . VAL A 1 23 ? 6.958   0.330   -1.036  1.00 16.14 ? 973  VAL A HB   1 
ATOM   242  H  HG11 . VAL A 1 23 ? 7.473   -0.510  1.076   1.00 17.81 ? 973  VAL A HG11 1 
ATOM   243  H  HG12 . VAL A 1 23 ? 8.270   0.820   0.812   1.00 17.81 ? 973  VAL A HG12 1 
ATOM   244  H  HG13 . VAL A 1 23 ? 6.998   0.836   1.735   1.00 17.81 ? 973  VAL A HG13 1 
ATOM   245  H  HG21 . VAL A 1 23 ? 5.293   -0.892  0.054   1.00 16.95 ? 973  VAL A HG21 1 
ATOM   246  H  HG22 . VAL A 1 23 ? 4.718   0.429   0.683   1.00 16.95 ? 973  VAL A HG22 1 
ATOM   247  H  HG23 . VAL A 1 23 ? 4.638   0.198   -0.871  1.00 16.95 ? 973  VAL A HG23 1 
ATOM   248  N  N    . SER A 1 24 ? 6.601   2.559   -2.861  1.00 11.63 ? 974  SER A N    1 
ATOM   249  C  CA   . SER A 1 24 ? 6.162   2.703   -4.239  1.00 11.27 ? 974  SER A CA   1 
ATOM   250  C  C    . SER A 1 24 ? 5.942   1.337   -4.872  1.00 11.36 ? 974  SER A C    1 
ATOM   251  O  O    . SER A 1 24 ? 6.553   0.351   -4.475  1.00 11.84 ? 974  SER A O    1 
ATOM   252  C  CB   . SER A 1 24 ? 7.212   3.470   -5.047  1.00 12.99 ? 974  SER A CB   1 
ATOM   253  O  OG   . SER A 1 24 ? 7.380   4.790   -4.535  1.00 14.41 ? 974  SER A OG   1 
ATOM   254  H  H    . SER A 1 24 ? 7.456   2.511   -2.775  1.00 13.96 ? 974  SER A H    1 
ATOM   255  H  HA   . SER A 1 24 ? 5.319   3.201   -4.266  1.00 13.52 ? 974  SER A HA   1 
ATOM   256  H  HB2  . SER A 1 24 ? 8.059   2.999   -4.993  1.00 15.59 ? 974  SER A HB2  1 
ATOM   257  H  HB3  . SER A 1 24 ? 6.922   3.525   -5.971  1.00 15.59 ? 974  SER A HB3  1 
ATOM   258  H  HG   . SER A 1 24 ? 7.944   5.192   -4.974  1.00 17.30 ? 974  SER A HG   1 
ATOM   259  N  N    . PHE A 1 25 ? 5.098   1.298   -5.894  1.00 10.77 ? 975  PHE A N    1 
ATOM   260  C  CA   . PHE A 1 25 ? 4.794   0.051   -6.606  1.00 10.97 ? 975  PHE A CA   1 
ATOM   261  C  C    . PHE A 1 25 ? 4.177   0.353   -7.959  1.00 11.09 ? 975  PHE A C    1 
ATOM   262  O  O    . PHE A 1 25 ? 3.857   1.494   -8.269  1.00 11.29 ? 975  PHE A O    1 
ATOM   263  C  CB   . PHE A 1 25 ? 3.911   -0.882  -5.745  1.00 10.70 ? 975  PHE A CB   1 
ATOM   264  C  CG   . PHE A 1 25 ? 2.657   -0.232  -5.214  1.00 10.29 ? 975  PHE A CG   1 
ATOM   265  C  CD1  . PHE A 1 25 ? 1.495   -0.226  -5.956  1.00 10.83 ? 975  PHE A CD1  1 
ATOM   266  C  CD2  . PHE A 1 25 ? 2.641   0.349   -3.953  1.00 10.61 ? 975  PHE A CD2  1 
ATOM   267  C  CE1  . PHE A 1 25 ? 0.331   0.360   -5.448  1.00 11.16 ? 975  PHE A CE1  1 
ATOM   268  C  CE2  . PHE A 1 25 ? 1.516   0.941   -3.459  1.00 11.43 ? 975  PHE A CE2  1 
ATOM   269  C  CZ   . PHE A 1 25 ? 0.346   0.921   -4.192  1.00 11.42 ? 975  PHE A CZ   1 
ATOM   270  H  H    . PHE A 1 25 ? 4.680   1.984   -6.200  1.00 12.92 ? 975  PHE A H    1 
ATOM   271  H  HA   . PHE A 1 25 ? 5.638   -0.420  -6.772  1.00 13.16 ? 975  PHE A HA   1 
ATOM   272  H  HB2  . PHE A 1 25 ? 3.643   -1.642  -6.286  1.00 12.84 ? 975  PHE A HB2  1 
ATOM   273  H  HB3  . PHE A 1 25 ? 4.429   -1.188  -4.985  1.00 12.84 ? 975  PHE A HB3  1 
ATOM   274  H  HD1  . PHE A 1 25 ? 1.483   -0.621  -6.797  1.00 13.00 ? 975  PHE A HD1  1 
ATOM   275  H  HD2  . PHE A 1 25 ? 3.419   0.353   -3.444  1.00 12.73 ? 975  PHE A HD2  1 
ATOM   276  H  HE1  . PHE A 1 25 ? -0.451  0.361   -5.952  1.00 13.39 ? 975  PHE A HE1  1 
ATOM   277  H  HE2  . PHE A 1 25 ? 1.524   1.320   -2.611  1.00 13.72 ? 975  PHE A HE2  1 
ATOM   278  H  HZ   . PHE A 1 25 ? -0.419  1.328   -3.856  1.00 13.70 ? 975  PHE A HZ   1 
ATOM   279  N  N    . ARG A 1 26 ? 4.037   -0.698  -8.752  1.00 11.75 ? 976  ARG A N    1 
ATOM   280  C  CA   . ARG A 1 26 ? 3.463   -0.625  -10.078 1.00 12.28 ? 976  ARG A CA   1 
ATOM   281  C  C    . ARG A 1 26 ? 2.218   -1.510  -10.185 1.00 11.92 ? 976  ARG A C    1 
ATOM   282  O  O    . ARG A 1 26 ? 2.093   -2.540  -9.511  1.00 12.26 ? 976  ARG A O    1 
ATOM   283  C  CB   . ARG A 1 26 ? 4.465   -1.122  -11.090 1.00 13.74 ? 976  ARG A CB   1 
ATOM   284  C  CG   . ARG A 1 26 ? 5.673   -0.260  -11.265 1.00 16.17 ? 976  ARG A CG   1 
ATOM   285  C  CD   . ARG A 1 26 ? 6.543   -0.965  -12.244 1.00 23.55 ? 976  ARG A CD   1 
ATOM   286  N  NE   . ARG A 1 26 ? 7.847   -0.364  -12.415 1.00 29.55 ? 976  ARG A NE   1 
ATOM   287  C  CZ   . ARG A 1 26 ? 8.804   -0.924  -13.149 1.00 33.13 ? 976  ARG A CZ   1 
ATOM   288  N  NH1  . ARG A 1 26 ? 8.577   -2.095  -13.734 1.00 34.70 ? 976  ARG A NH1  1 
ATOM   289  N  NH2  . ARG A 1 26 ? 9.982   -0.329  -13.282 1.00 33.45 ? 976  ARG A NH2  1 
ATOM   290  H  H    . ARG A 1 26 ? 4.278   -1.493  -8.531  1.00 14.09 ? 976  ARG A H    1 
ATOM   291  H  HA   . ARG A 1 26 ? 3.220   0.301   -10.292 1.00 14.73 ? 976  ARG A HA   1 
ATOM   292  H  HB2  . ARG A 1 26 ? 4.770   -2.000  -10.815 1.00 16.48 ? 976  ARG A HB2  1 
ATOM   293  H  HB3  . ARG A 1 26 ? 4.025   -1.186  -11.952 1.00 16.48 ? 976  ARG A HB3  1 
ATOM   294  H  HG2  . ARG A 1 26 ? 5.421   0.604   -11.625 1.00 19.41 ? 976  ARG A HG2  1 
ATOM   295  H  HG3  . ARG A 1 26 ? 6.147   -0.169  -10.423 1.00 19.41 ? 976  ARG A HG3  1 
ATOM   296  H  HD2  . ARG A 1 26 ? 6.676   -1.878  -11.943 1.00 28.26 ? 976  ARG A HD2  1 
ATOM   297  H  HD3  . ARG A 1 26 ? 6.102   -0.966  -13.108 1.00 28.26 ? 976  ARG A HD3  1 
ATOM   298  H  HE   . ARG A 1 26 ? 8.069   0.274   -11.883 1.00 35.46 ? 976  ARG A HE   1 
ATOM   299  H  HH11 . ARG A 1 26 ? 7.811   -2.478  -13.646 1.00 41.64 ? 976  ARG A HH11 1 
ATOM   300  H  HH12 . ARG A 1 26 ? 9.191   -2.466  -14.207 1.00 41.64 ? 976  ARG A HH12 1 
ATOM   301  H  HH21 . ARG A 1 26 ? 10.128  0.426   -12.898 1.00 40.14 ? 976  ARG A HH21 1 
ATOM   302  H  HH22 . ARG A 1 26 ? 10.600  -0.700  -13.752 1.00 40.14 ? 976  ARG A HH22 1 
ATOM   303  N  N    . ASP A 1 27 ? 1.324   -1.100  -11.080 1.00 13.00 ? 977  ASP A N    1 
ATOM   304  C  CA   . ASP A 1 27 ? 0.191   -1.911  -11.461 1.00 13.02 ? 977  ASP A CA   1 
ATOM   305  C  C    . ASP A 1 27 ? 0.664   -3.338  -11.748 1.00 12.34 ? 977  ASP A C    1 
ATOM   306  O  O    . ASP A 1 27 ? 1.630   -3.534  -12.501 1.00 13.27 ? 977  ASP A O    1 
ATOM   307  C  CB   . ASP A 1 27 ? -0.443  -1.277  -12.702 1.00 15.13 ? 977  ASP A CB   1 
ATOM   308  C  CG   . ASP A 1 27 ? -1.796  -1.878  -13.086 1.00 17.78 ? 977  ASP A CG   1 
ATOM   309  O  OD1  . ASP A 1 27 ? -2.298  -2.809  -12.418 1.00 18.33 ? 977  ASP A OD1  1 
ATOM   310  O  OD2  . ASP A 1 27 ? -2.385  -1.369  -14.062 1.00 21.93 ? 977  ASP A OD2  1 
ATOM   311  H  H    . ASP A 1 27 ? 1.358   -0.341  -11.482 1.00 15.60 ? 977  ASP A H    1 
ATOM   312  H  HA   . ASP A 1 27 ? -0.469  -1.931  -10.738 1.00 15.62 ? 977  ASP A HA   1 
ATOM   313  H  HB2  . ASP A 1 27 ? -0.578  -0.331  -12.535 1.00 18.16 ? 977  ASP A HB2  1 
ATOM   314  H  HB3  . ASP A 1 27 ? 0.158   -1.395  -13.454 1.00 18.16 ? 977  ASP A HB3  1 
ATOM   315  N  N    . GLY A 1 28 ? 0.011   -4.317  -11.130 1.00 11.56 ? 978  GLY A N    1 
ATOM   316  C  CA   . GLY A 1 28 ? 0.327   -5.723  -11.292 1.00 11.45 ? 978  GLY A CA   1 
ATOM   317  C  C    . GLY A 1 28 ? 1.255   -6.303  -10.245 1.00 11.42 ? 978  GLY A C    1 
ATOM   318  O  O    . GLY A 1 28 ? 1.418   -7.519  -10.191 1.00 12.25 ? 978  GLY A O    1 
ATOM   319  H  H    . GLY A 1 28 ? -0.645  -4.180  -10.590 1.00 13.88 ? 978  GLY A H    1 
ATOM   320  H  HA2  . GLY A 1 28 ? -0.498  -6.234  -11.274 1.00 13.74 ? 978  GLY A HA2  1 
ATOM   321  H  HA3  . GLY A 1 28 ? 0.740   -5.853  -12.160 1.00 13.74 ? 978  GLY A HA3  1 
ATOM   322  N  N    . ASP A 1 29 ? 1.887   -5.449  -9.431  1.00 10.42 ? 979  ASP A N    1 
ATOM   323  C  CA   . ASP A 1 29 ? 2.817   -5.928  -8.422  1.00 10.11 ? 979  ASP A CA   1 
ATOM   324  C  C    . ASP A 1 29 ? 2.117   -6.777  -7.360  1.00 9.69  ? 979  ASP A C    1 
ATOM   325  O  O    . ASP A 1 29 ? 1.103   -6.367  -6.789  1.00 10.94 ? 979  ASP A O    1 
ATOM   326  C  CB   . ASP A 1 29 ? 3.516   -4.760  -7.706  1.00 10.10 ? 979  ASP A CB   1 
ATOM   327  C  CG   . ASP A 1 29 ? 4.704   -4.180  -8.460  1.00 11.63 ? 979  ASP A CG   1 
ATOM   328  O  OD1  . ASP A 1 29 ? 5.168   -4.779  -9.443  1.00 12.78 ? 979  ASP A OD1  1 
ATOM   329  O  OD2  . ASP A 1 29 ? 5.197   -3.123  -8.003  1.00 12.38 ? 979  ASP A OD2  1 
ATOM   330  H  H    . ASP A 1 29 ? 1.791   -4.595  -9.449  1.00 12.50 ? 979  ASP A H    1 
ATOM   331  H  HA   . ASP A 1 29 ? 3.503   -6.480  -8.852  1.00 12.13 ? 979  ASP A HA   1 
ATOM   332  H  HB2  . ASP A 1 29 ? 2.873   -4.045  -7.576  1.00 12.12 ? 979  ASP A HB2  1 
ATOM   333  H  HB3  . ASP A 1 29 ? 3.838   -5.070  -6.844  1.00 12.12 ? 979  ASP A HB3  1 
ATOM   334  N  N    . TYR A 1 30 ? 2.728   -7.915  -7.026  1.00 10.09 ? 980  TYR A N    1 
ATOM   335  C  CA   . TYR A 1 30 ? 2.324   -8.704  -5.871  1.00 9.83  ? 980  TYR A CA   1 
ATOM   336  C  C    . TYR A 1 30 ? 2.797   -8.023  -4.596  1.00 9.78  ? 980  TYR A C    1 
ATOM   337  O  O    . TYR A 1 30 ? 3.962   -7.630  -4.472  1.00 10.62 ? 980  TYR A O    1 
ATOM   338  C  CB   . TYR A 1 30 ? 2.864   -10.146 -5.930  1.00 10.53 ? 980  TYR A CB   1 
ATOM   339  C  CG   . TYR A 1 30 ? 2.423   -10.885 -7.168  1.00 10.71 ? 980  TYR A CG   1 
ATOM   340  C  CD1  . TYR A 1 30 ? 1.193   -11.539 -7.227  1.00 12.53 ? 980  TYR A CD1  1 
ATOM   341  C  CD2  . TYR A 1 30 ? 3.213   -10.899 -8.304  1.00 10.43 ? 980  TYR A CD2  1 
ATOM   342  C  CE1  . TYR A 1 30 ? 0.788   -12.184 -8.376  1.00 12.61 ? 980  TYR A CE1  1 
ATOM   343  C  CE2  . TYR A 1 30 ? 2.796   -11.535 -9.468  1.00 10.71 ? 980  TYR A CE2  1 
ATOM   344  C  CZ   . TYR A 1 30 ? 1.592   -12.160 -9.493  1.00 11.40 ? 980  TYR A CZ   1 
ATOM   345  O  OH   . TYR A 1 30 ? 1.197   -12.805 -10.652 1.00 12.67 ? 980  TYR A OH   1 
ATOM   346  H  H    . TYR A 1 30 ? 3.388   -8.253  -7.461  1.00 12.11 ? 980  TYR A H    1 
ATOM   347  H  HA   . TYR A 1 30 ? 1.345   -8.749  -5.844  1.00 11.80 ? 980  TYR A HA   1 
ATOM   348  H  HB2  . TYR A 1 30 ? 3.834   -10.121 -5.926  1.00 12.64 ? 980  TYR A HB2  1 
ATOM   349  H  HB3  . TYR A 1 30 ? 2.541   -10.636 -5.157  1.00 12.64 ? 980  TYR A HB3  1 
ATOM   350  H  HD1  . TYR A 1 30 ? 0.639   -11.542 -6.479  1.00 15.04 ? 980  TYR A HD1  1 
ATOM   351  H  HD2  . TYR A 1 30 ? 4.030   -10.454 -8.296  1.00 12.52 ? 980  TYR A HD2  1 
ATOM   352  H  HE1  . TYR A 1 30 ? -0.036  -12.615 -8.403  1.00 15.13 ? 980  TYR A HE1  1 
ATOM   353  H  HE2  . TYR A 1 30 ? 3.339   -11.536 -10.222 1.00 12.86 ? 980  TYR A HE2  1 
ATOM   354  H  HH   . TYR A 1 30 ? 0.488   -12.492 -10.920 1.00 15.21 ? 980  TYR A HH   1 
ATOM   355  N  N    . ILE A 1 31 ? 1.884   -7.926  -3.647  1.00 9.90  ? 981  ILE A N    1 
ATOM   356  C  CA   . ILE A 1 31 ? 2.162   -7.391  -2.323  1.00 10.42 ? 981  ILE A CA   1 
ATOM   357  C  C    . ILE A 1 31 ? 1.960   -8.536  -1.324  1.00 10.41 ? 981  ILE A C    1 
ATOM   358  O  O    . ILE A 1 31 ? 0.919   -9.167  -1.327  1.00 11.79 ? 981  ILE A O    1 
ATOM   359  C  CB   . ILE A 1 31 ? 1.223   -6.226  -1.939  1.00 11.62 ? 981  ILE A CB   1 
ATOM   360  C  CG1  . ILE A 1 31 ? 0.978   -5.249  -3.097  1.00 12.05 ? 981  ILE A CG1  1 
ATOM   361  C  CG2  . ILE A 1 31 ? 1.761   -5.506  -0.686  1.00 12.88 ? 981  ILE A CG2  1 
ATOM   362  C  CD1  . ILE A 1 31 ? 2.235   -4.599  -3.664  1.00 12.78 ? 981  ILE A CD1  1 
ATOM   363  H  H    . ILE A 1 31 ? 1.067   -8.172  -3.749  1.00 11.88 ? 981  ILE A H    1 
ATOM   364  H  HA   . ILE A 1 31 ? 3.092   -7.083  -2.274  1.00 12.51 ? 981  ILE A HA   1 
ATOM   365  H  HB   . ILE A 1 31 ? 0.365   -6.614  -1.703  1.00 13.94 ? 981  ILE A HB   1 
ATOM   366  H  HG12 . ILE A 1 31 ? 0.545   -5.729  -3.820  1.00 14.45 ? 981  ILE A HG12 1 
ATOM   367  H  HG13 . ILE A 1 31 ? 0.397   -4.538  -2.785  1.00 14.45 ? 981  ILE A HG13 1 
ATOM   368  H  HG21 . ILE A 1 31 ? 1.168   -4.786  -0.460  1.00 15.46 ? 981  ILE A HG21 1 
ATOM   369  H  HG22 . ILE A 1 31 ? 1.806   -6.133  0.040   1.00 15.46 ? 981  ILE A HG22 1 
ATOM   370  H  HG23 . ILE A 1 31 ? 2.637   -5.161  -0.875  1.00 15.46 ? 981  ILE A HG23 1 
ATOM   371  H  HD11 . ILE A 1 31 ? 1.986   -4.008  -4.379  1.00 15.34 ? 981  ILE A HD11 1 
ATOM   372  H  HD12 . ILE A 1 31 ? 2.672   -4.105  -2.966  1.00 15.34 ? 981  ILE A HD12 1 
ATOM   373  H  HD13 . ILE A 1 31 ? 2.819   -5.285  -3.995  1.00 15.34 ? 981  ILE A HD13 1 
ATOM   374  N  N    . VAL A 1 32 ? 2.968   -8.816  -0.514  1.00 10.49 ? 982  VAL A N    1 
ATOM   375  C  CA   . VAL A 1 32 ? 2.977   -9.986  0.340   1.00 11.73 ? 982  VAL A CA   1 
ATOM   376  C  C    . VAL A 1 32 ? 2.992   -9.582  1.816   1.00 10.78 ? 982  VAL A C    1 
ATOM   377  O  O    . VAL A 1 32 ? 3.354   -8.456  2.199   1.00 11.48 ? 982  VAL A O    1 
ATOM   378  C  CB   . VAL A 1 32 ? 4.151   -10.953 0.008   1.00 14.17 ? 982  VAL A CB   1 
ATOM   379  C  CG1  . VAL A 1 32 ? 4.077   -11.437 -1.462  1.00 16.16 ? 982  VAL A CG1  1 
ATOM   380  C  CG2  . VAL A 1 32 ? 5.491   -10.344 0.278   1.00 15.38 ? 982  VAL A CG2  1 
ATOM   381  H  H    . VAL A 1 32 ? 3.674   -8.330  -0.441  1.00 12.58 ? 982  VAL A H    1 
ATOM   382  H  HA   . VAL A 1 32 ? 2.145   -10.481 0.186   1.00 14.08 ? 982  VAL A HA   1 
ATOM   383  H  HB   . VAL A 1 32 ? 4.070   -11.744 0.580   1.00 17.01 ? 982  VAL A HB   1 
ATOM   384  H  HG11 . VAL A 1 32 ? 4.813   -12.029 -1.633  1.00 19.39 ? 982  VAL A HG11 1 
ATOM   385  H  HG12 . VAL A 1 32 ? 3.247   -11.899 -1.596  1.00 19.39 ? 982  VAL A HG12 1 
ATOM   386  H  HG13 . VAL A 1 32 ? 4.127   -10.676 -2.044  1.00 19.39 ? 982  VAL A HG13 1 
ATOM   387  H  HG21 . VAL A 1 32 ? 6.174   -10.982 0.056   1.00 18.46 ? 982  VAL A HG21 1 
ATOM   388  H  HG22 . VAL A 1 32 ? 5.590   -9.556  -0.263  1.00 18.46 ? 982  VAL A HG22 1 
ATOM   389  H  HG23 . VAL A 1 32 ? 5.547   -10.114 1.208   1.00 18.46 ? 982  VAL A HG23 1 
ATOM   390  N  N    . ASN A 1 33 ? 2.551   -10.514 2.653   1.00 10.98 ? 983  ASN A N    1 
ATOM   391  C  CA   . ASN A 1 33 ? 2.407   -10.302 4.085   1.00 12.22 ? 983  ASN A CA   1 
ATOM   392  C  C    . ASN A 1 33 ? 1.665   -9.026  4.393   1.00 11.28 ? 983  ASN A C    1 
ATOM   393  O  O    . ASN A 1 33 ? 2.103   -8.163  5.176   1.00 12.29 ? 983  ASN A O    1 
ATOM   394  C  CB   . ASN A 1 33 ? 3.746   -10.312 4.800   1.00 13.40 ? 983  ASN A CB   1 
ATOM   395  C  CG   . ASN A 1 33 ? 3.579   -10.390 6.315   1.00 14.41 ? 983  ASN A CG   1 
ATOM   396  O  OD1  . ASN A 1 33 ? 2.564   -10.904 6.831   1.00 16.37 ? 983  ASN A OD1  1 
ATOM   397  N  ND2  . ASN A 1 33 ? 4.563   -9.879  7.048   1.00 15.47 ? 983  ASN A ND2  1 
ATOM   398  H  H    . ASN A 1 33 ? 2.322   -11.305 2.404   1.00 13.18 ? 983  ASN A H    1 
ATOM   399  H  HA   . ASN A 1 33 ? 1.877   -11.040 4.452   1.00 14.67 ? 983  ASN A HA   1 
ATOM   400  H  HB2  . ASN A 1 33 ? 4.257   -11.084 4.510   1.00 16.09 ? 983  ASN A HB2  1 
ATOM   401  H  HB3  . ASN A 1 33 ? 4.226   -9.496  4.590   1.00 16.09 ? 983  ASN A HB3  1 
ATOM   402  H  HD21 . ASN A 1 33 ? 4.515   -9.900  7.906   1.00 18.56 ? 983  ASN A HD21 1 
ATOM   403  H  HD22 . ASN A 1 33 ? 5.247   -9.527  6.663   1.00 18.56 ? 983  ASN A HD22 1 
ATOM   404  N  N    . VAL A 1 34 ? 0.495   -8.904  3.812   1.00 11.09 ? 984  VAL A N    1 
ATOM   405  C  CA   . VAL A 1 34 ? -0.305  -7.720  3.968   1.00 11.42 ? 984  VAL A CA   1 
ATOM   406  C  C    . VAL A 1 34 ? -1.106  -7.753  5.265   1.00 12.45 ? 984  VAL A C    1 
ATOM   407  O  O    . VAL A 1 34 ? -1.782  -8.749  5.590   1.00 14.89 ? 984  VAL A O    1 
ATOM   408  C  CB   . VAL A 1 34 ? -1.248  -7.591  2.759   1.00 12.86 ? 984  VAL A CB   1 
ATOM   409  C  CG1  . VAL A 1 34 ? -2.242  -6.494  2.957   1.00 16.40 ? 984  VAL A CG1  1 
ATOM   410  C  CG2  . VAL A 1 34 ? -0.437  -7.360  1.478   1.00 13.16 ? 984  VAL A CG2  1 
ATOM   411  H  H    . VAL A 1 34 ? 0.136   -9.505  3.312   1.00 13.30 ? 984  VAL A H    1 
ATOM   412  H  HA   . VAL A 1 34 ? 0.280   -6.934  3.987   1.00 13.71 ? 984  VAL A HA   1 
ATOM   413  H  HB   . VAL A 1 34 ? -1.744  -8.430  2.654   1.00 15.43 ? 984  VAL A HB   1 
ATOM   414  H  HG11 . VAL A 1 34 ? -2.810  -6.446  2.185   1.00 19.68 ? 984  VAL A HG11 1 
ATOM   415  H  HG12 . VAL A 1 34 ? -2.766  -6.686  3.738   1.00 19.68 ? 984  VAL A HG12 1 
ATOM   416  H  HG13 . VAL A 1 34 ? -1.773  -5.665  3.071   1.00 19.68 ? 984  VAL A HG13 1 
ATOM   417  H  HG21 . VAL A 1 34 ? -1.041  -7.283  0.736   1.00 15.79 ? 984  VAL A HG21 1 
ATOM   418  H  HG22 . VAL A 1 34 ? 0.072   -6.552  1.573   1.00 15.79 ? 984  VAL A HG22 1 
ATOM   419  H  HG23 . VAL A 1 34 ? 0.153   -8.105  1.344   1.00 15.79 ? 984  VAL A HG23 1 
ATOM   420  N  N    . GLN A 1 35 ? -1.058  -6.633  5.983   1.00 10.66 ? 985  GLN A N    1 
ATOM   421  C  CA   . GLN A 1 35 ? -1.825  -6.440  7.193   1.00 10.80 ? 985  GLN A CA   1 
ATOM   422  C  C    . GLN A 1 35 ? -2.658  -5.163  7.063   1.00 11.08 ? 985  GLN A C    1 
ATOM   423  O  O    . GLN A 1 35 ? -2.100  -4.084  6.924   1.00 11.94 ? 985  GLN A O    1 
ATOM   424  C  CB   . GLN A 1 35 ? -0.868  -6.305  8.372   1.00 12.34 ? 985  GLN A CB   1 
ATOM   425  C  CG   . GLN A 1 35 ? -1.499  -5.749  9.631   1.00 14.02 ? 985  GLN A CG   1 
ATOM   426  C  CD   . GLN A 1 35 ? -2.495  -6.710  10.218  1.00 14.39 ? 985  GLN A CD   1 
ATOM   427  O  OE1  . GLN A 1 35 ? -2.134  -7.867  10.516  1.00 15.83 ? 985  GLN A OE1  1 
ATOM   428  N  NE2  . GLN A 1 35 ? -3.733  -6.274  10.388  1.00 13.92 ? 985  GLN A NE2  1 
ATOM   429  H  H    . GLN A 1 35 ? -0.572  -5.955  5.776   1.00 12.79 ? 985  GLN A H    1 
ATOM   430  H  HA   . GLN A 1 35 ? -2.421  -7.203  7.345   1.00 12.96 ? 985  GLN A HA   1 
ATOM   431  H  HB2  . GLN A 1 35 ? -0.511  -7.181  8.584   1.00 14.81 ? 985  GLN A HB2  1 
ATOM   432  H  HB3  . GLN A 1 35 ? -0.144  -5.711  8.118   1.00 14.81 ? 985  GLN A HB3  1 
ATOM   433  H  HG2  . GLN A 1 35 ? -0.806  -5.587  10.291  1.00 16.82 ? 985  GLN A HG2  1 
ATOM   434  H  HG3  . GLN A 1 35 ? -1.960  -4.922  9.419   1.00 16.82 ? 985  GLN A HG3  1 
ATOM   435  H  HE21 . GLN A 1 35 ? -4.330  -6.795  10.722  1.00 16.70 ? 985  GLN A HE21 1 
ATOM   436  H  HE22 . GLN A 1 35 ? -3.939  -5.469  10.165  1.00 16.70 ? 985  GLN A HE22 1 
ATOM   437  N  N    . PRO A 1 36 ? -3.985  -5.251  7.136   1.00 12.65 ? 986  PRO A N    1 
ATOM   438  C  CA   . PRO A 1 36 ? -4.778  -4.003  7.131   1.00 14.46 ? 986  PRO A CA   1 
ATOM   439  C  C    . PRO A 1 36 ? -4.470  -3.144  8.347   1.00 15.17 ? 986  PRO A C    1 
ATOM   440  O  O    . PRO A 1 36 ? -4.300  -3.656  9.432   1.00 14.73 ? 986  PRO A O    1 
ATOM   441  C  CB   . PRO A 1 36 ? -6.222  -4.512  7.181   1.00 18.33 ? 986  PRO A CB   1 
ATOM   442  C  CG   . PRO A 1 36 ? -6.128  -5.870  7.718   1.00 19.66 ? 986  PRO A CG   1 
ATOM   443  C  CD   . PRO A 1 36 ? -4.842  -6.441  7.202   1.00 15.02 ? 986  PRO A CD   1 
ATOM   444  H  HA   . PRO A 1 36 ? -4.628  -3.492  6.309   1.00 17.35 ? 986  PRO A HA   1 
ATOM   445  H  HB2  . PRO A 1 36 ? -6.748  -3.946  7.767   1.00 22.00 ? 986  PRO A HB2  1 
ATOM   446  H  HB3  . PRO A 1 36 ? -6.596  -4.522  6.286   1.00 22.00 ? 986  PRO A HB3  1 
ATOM   447  H  HG2  . PRO A 1 36 ? -6.117  -5.834  8.688   1.00 23.59 ? 986  PRO A HG2  1 
ATOM   448  H  HG3  . PRO A 1 36 ? -6.881  -6.393  7.405   1.00 23.59 ? 986  PRO A HG3  1 
ATOM   449  H  HD2  . PRO A 1 36 ? -4.481  -7.089  7.826   1.00 18.02 ? 986  PRO A HD2  1 
ATOM   450  H  HD3  . PRO A 1 36 ? -4.968  -6.821  6.318   1.00 18.02 ? 986  PRO A HD3  1 
ATOM   451  N  N    . ILE A 1 37 ? -4.415  -1.827  8.176   1.00 17.62 ? 987  ILE A N    1 
ATOM   452  C  CA   . ILE A 1 37 ? -4.249  -0.898  9.321   1.00 19.72 ? 987  ILE A CA   1 
ATOM   453  C  C    . ILE A 1 37 ? -5.541  -0.215  9.671   1.00 20.72 ? 987  ILE A C    1 
ATOM   454  O  O    . ILE A 1 37 ? -5.988  -0.220  10.815  1.00 21.69 ? 987  ILE A O    1 
ATOM   455  C  CB   . ILE A 1 37 ? -3.208  0.187   9.014   1.00 19.57 ? 987  ILE A CB   1 
ATOM   456  C  CG1  . ILE A 1 37 ? -1.865  -0.466  8.751   1.00 18.93 ? 987  ILE A CG1  1 
ATOM   457  C  CG2  . ILE A 1 37 ? -3.129  1.234   10.166  1.00 20.71 ? 987  ILE A CG2  1 
ATOM   458  C  CD1  . ILE A 1 37 ? -0.877  0.444   8.135   1.00 17.97 ? 987  ILE A CD1  1 
ATOM   459  H  H    . ILE A 1 37 ? -4.471  -1.436  7.413   1.00 21.14 ? 987  ILE A H    1 
ATOM   460  H  HA   . ILE A 1 37 ? -3.945  -1.401  10.105  1.00 23.67 ? 987  ILE A HA   1 
ATOM   461  H  HB   . ILE A 1 37 ? -3.483  0.648   8.206   1.00 23.49 ? 987  ILE A HB   1 
ATOM   462  H  HG12 . ILE A 1 37 ? -1.497  -0.778  9.593   1.00 22.72 ? 987  ILE A HG12 1 
ATOM   463  H  HG13 . ILE A 1 37 ? -1.993  -1.217  8.150   1.00 22.72 ? 987  ILE A HG13 1 
ATOM   464  H  HG21 . ILE A 1 37 ? -2.471  1.896   9.941   1.00 24.85 ? 987  ILE A HG21 1 
ATOM   465  H  HG22 . ILE A 1 37 ? -3.988  1.650   10.269  1.00 24.85 ? 987  ILE A HG22 1 
ATOM   466  H  HG23 . ILE A 1 37 ? -2.880  0.787   10.978  1.00 24.85 ? 987  ILE A HG23 1 
ATOM   467  H  HD11 . ILE A 1 37 ? -0.056  -0.033  7.998   1.00 21.57 ? 987  ILE A HD11 1 
ATOM   468  H  HD12 . ILE A 1 37 ? -1.220  0.754   7.294   1.00 21.57 ? 987  ILE A HD12 1 
ATOM   469  H  HD13 . ILE A 1 37 ? -0.730  1.188   8.723   1.00 21.57 ? 987  ILE A HD13 1 
ATOM   470  N  N    . ASP A 1 38 ? -6.135  0.399   8.663   1.00 19.85 ? 988  ASP A N    1 
ATOM   471  C  CA   . ASP A 1 38 ? -7.449  0.993   8.802   1.00 20.73 ? 988  ASP A CA   1 
ATOM   472  C  C    . ASP A 1 38 ? -8.049  0.916   7.421   1.00 20.70 ? 988  ASP A C    1 
ATOM   473  O  O    . ASP A 1 38 ? -7.545  0.172   6.606   1.00 22.24 ? 988  ASP A O    1 
ATOM   474  C  CB   . ASP A 1 38 ? -7.441  2.429   9.364   1.00 20.76 ? 988  ASP A CB   1 
ATOM   475  C  CG   . ASP A 1 38 ? -6.704  3.441   8.484   1.00 21.02 ? 988  ASP A CG   1 
ATOM   476  O  OD1  . ASP A 1 38 ? -6.372  3.185   7.302   1.00 20.36 ? 988  ASP A OD1  1 
ATOM   477  O  OD2  . ASP A 1 38 ? -6.433  4.517   9.030   1.00 23.97 ? 988  ASP A OD2  1 
ATOM   478  H  H    . ASP A 1 38 ? -5.793  0.486   7.879   1.00 23.83 ? 988  ASP A H    1 
ATOM   479  H  HA   . ASP A 1 38 ? -7.990  0.437   9.401   1.00 24.87 ? 988  ASP A HA   1 
ATOM   480  H  HB2  . ASP A 1 38 ? -8.358  2.732   9.458   1.00 24.91 ? 988  ASP A HB2  1 
ATOM   481  H  HB3  . ASP A 1 38 ? -7.008  2.422   10.232  1.00 24.91 ? 988  ASP A HB3  1 
ATOM   482  N  N    . ASP A 1 39 ? -9.101  1.681   7.163   1.00 22.72 ? 989  ASP A N    1 
ATOM   483  C  CA   . ASP A 1 39 ? -9.779  1.598   5.871   1.00 23.03 ? 989  ASP A CA   1 
ATOM   484  C  C    . ASP A 1 39 ? -8.996  2.208   4.707   1.00 22.00 ? 989  ASP A C    1 
ATOM   485  O  O    . ASP A 1 39 ? -9.287  1.892   3.542   1.00 23.53 ? 989  ASP A O    1 
ATOM   486  C  CB   . ASP A 1 39 ? -11.147 2.271   5.961   1.00 25.81 ? 989  ASP A CB   1 
ATOM   487  C  CG   . ASP A 1 39 ? -11.043 3.720   6.360   1.00 28.60 ? 989  ASP A CG   1 
ATOM   488  O  OD1  . ASP A 1 39 ? -10.416 3.995   7.409   1.00 29.30 ? 989  ASP A OD1  1 
ATOM   489  O  OD2  . ASP A 1 39 ? -11.580 4.585   5.633   1.00 31.32 ? 989  ASP A OD2  1 
ATOM   490  H  H    . ASP A 1 39 ? -9.440  2.251   7.710   1.00 27.26 ? 989  ASP A H    1 
ATOM   491  H  HA   . ASP A 1 39 ? -9.929  0.652   5.660   1.00 27.63 ? 989  ASP A HA   1 
ATOM   492  H  HB2  . ASP A 1 39 ? -11.581 2.227   5.094   1.00 30.97 ? 989  ASP A HB2  1 
ATOM   493  H  HB3  . ASP A 1 39 ? -11.684 1.813   6.626   1.00 30.97 ? 989  ASP A HB3  1 
ATOM   494  N  N    . GLY A 1 40 ? -8.011  3.067   4.999   1.00 19.72 ? 990  GLY A N    1 
ATOM   495  C  CA   . GLY A 1 40 ? -7.221  3.731   3.949   1.00 17.70 ? 990  GLY A CA   1 
ATOM   496  C  C    . GLY A 1 40 ? -5.855  3.137   3.600   1.00 14.62 ? 990  GLY A C    1 
ATOM   497  O  O    . GLY A 1 40 ? -5.289  3.399   2.516   1.00 13.82 ? 990  GLY A O    1 
ATOM   498  H  H    . GLY A 1 40 ? -7.779  3.283   5.799   1.00 23.66 ? 990  GLY A H    1 
ATOM   499  H  HA2  . GLY A 1 40 ? -7.747  3.743   3.135   1.00 21.24 ? 990  GLY A HA2  1 
ATOM   500  H  HA3  . GLY A 1 40 ? -7.075  4.652   4.216   1.00 21.24 ? 990  GLY A HA3  1 
ATOM   501  N  N    . TRP A 1 41 ? -5.323  2.339   4.508   1.00 13.72 ? 991  TRP A N    1 
ATOM   502  C  CA   . TRP A 1 41 ? -3.906  1.980   4.489   1.00 11.56 ? 991  TRP A CA   1 
ATOM   503  C  C    . TRP A 1 41 ? -3.695  0.560   4.968   1.00 11.80 ? 991  TRP A C    1 
ATOM   504  O  O    . TRP A 1 41 ? -4.426  0.059   5.837   1.00 14.21 ? 991  TRP A O    1 
ATOM   505  C  CB   . TRP A 1 41 ? -3.108  2.975   5.361   1.00 11.82 ? 991  TRP A CB   1 
ATOM   506  C  CG   . TRP A 1 41 ? -3.139  4.325   4.748   1.00 11.31 ? 991  TRP A CG   1 
ATOM   507  C  CD1  . TRP A 1 41 ? -4.075  5.306   4.940   1.00 12.81 ? 991  TRP A CD1  1 
ATOM   508  C  CD2  . TRP A 1 41 ? -2.264  4.801   3.740   1.00 11.04 ? 991  TRP A CD2  1 
ATOM   509  N  NE1  . TRP A 1 41 ? -3.822  6.346   4.104   1.00 12.92 ? 991  TRP A NE1  1 
ATOM   510  C  CE2  . TRP A 1 41 ? -2.707  6.072   3.362   1.00 12.34 ? 991  TRP A CE2  1 
ATOM   511  C  CE3  . TRP A 1 41 ? -1.124  4.274   3.125   1.00 11.54 ? 991  TRP A CE3  1 
ATOM   512  C  CZ2  . TRP A 1 41 ? -2.051  6.837   2.402   1.00 13.07 ? 991  TRP A CZ2  1 
ATOM   513  C  CZ3  . TRP A 1 41 ? -0.461  5.043   2.198   1.00 12.77 ? 991  TRP A CZ3  1 
ATOM   514  C  CH2  . TRP A 1 41 ? -0.933  6.308   1.826   1.00 13.52 ? 991  TRP A CH2  1 
ATOM   515  H  H    . TRP A 1 41 ? -5.763  1.985   5.157   1.00 16.46 ? 991  TRP A H    1 
ATOM   516  H  HA   . TRP A 1 41 ? -3.572  2.044   3.570   1.00 13.88 ? 991  TRP A HA   1 
ATOM   517  H  HB2  . TRP A 1 41 ? -3.508  3.028   6.243   1.00 14.18 ? 991  TRP A HB2  1 
ATOM   518  H  HB3  . TRP A 1 41 ? -2.184  2.685   5.423   1.00 14.18 ? 991  TRP A HB3  1 
ATOM   519  H  HD1  . TRP A 1 41 ? -4.808  5.243   5.509   1.00 15.37 ? 991  TRP A HD1  1 
ATOM   520  H  HE1  . TRP A 1 41 ? -4.278  7.074   4.066   1.00 15.50 ? 991  TRP A HE1  1 
ATOM   521  H  HE3  . TRP A 1 41 ? -0.812  3.427   3.351   1.00 13.84 ? 991  TRP A HE3  1 
ATOM   522  H  HZ2  . TRP A 1 41 ? -2.346  7.692   2.184   1.00 15.68 ? 991  TRP A HZ2  1 
ATOM   523  H  HZ3  . TRP A 1 41 ? 0.287   4.694   1.770   1.00 15.33 ? 991  TRP A HZ3  1 
ATOM   524  H  HH2  . TRP A 1 41 ? -0.467  6.802   1.191   1.00 16.23 ? 991  TRP A HH2  1 
ATOM   525  N  N    . MET A 1 42 ? -2.671  -0.074  4.415   1.00 10.34 ? 992  MET A N    1 
ATOM   526  C  CA   . MET A 1 42 ? -2.221  -1.398  4.845   1.00 10.86 ? 992  MET A CA   1 
ATOM   527  C  C    . MET A 1 42 ? -0.701  -1.384  4.960   1.00 10.16 ? 992  MET A C    1 
ATOM   528  O  O    . MET A 1 42 ? -0.036  -0.522  4.391   1.00 11.28 ? 992  MET A O    1 
ATOM   529  C  CB   B MET A 1 42 ? -2.615  -2.475  3.827   0.45 11.04 ? 992  MET A CB   1 
ATOM   530  C  CB   C MET A 1 42 ? -2.668  -2.470  3.850   0.55 13.51 ? 992  MET A CB   1 
ATOM   531  C  CG   B MET A 1 42 ? -2.068  -2.228  2.420   0.45 12.81 ? 992  MET A CG   1 
ATOM   532  C  CG   C MET A 1 42 ? -4.176  -2.444  3.548   0.55 17.83 ? 992  MET A CG   1 
ATOM   533  S  SD   B MET A 1 42 ? -2.111  -3.639  1.288   0.45 14.87 ? 992  MET A SD   1 
ATOM   534  S  SD   C MET A 1 42 ? -4.791  -4.051  3.048   0.55 22.60 ? 992  MET A SD   1 
ATOM   535  C  CE   B MET A 1 42 ? -0.908  -2.998  0.132   0.45 19.41 ? 992  MET A CE   1 
ATOM   536  C  CE   C MET A 1 42 ? -4.094  -4.132  1.397   0.55 23.86 ? 992  MET A CE   1 
ATOM   537  H  H    . MET A 1 42 ? -2.205  0.250   3.769   1.00 12.41 ? 992  MET A H    1 
ATOM   538  H  HA   . MET A 1 42 ? -2.615  -1.611  5.717   1.00 13.03 ? 992  MET A HA   1 
ATOM   539  H  HB2  B MET A 1 42 ? -2.275  -3.331  4.131   0.45 13.25 ? 992  MET A HB2  1 
ATOM   540  H  HB2  C MET A 1 42 ? -2.195  -2.337  3.013   0.55 16.22 ? 992  MET A HB2  1 
ATOM   541  H  HB3  B MET A 1 42 ? -3.582  -2.508  3.767   0.45 13.25 ? 992  MET A HB3  1 
ATOM   542  H  HB3  C MET A 1 42 ? -2.452  -3.344  4.214   0.55 16.22 ? 992  MET A HB3  1 
ATOM   543  H  HG2  B MET A 1 42 ? -2.585  -1.516  2.013   0.45 15.38 ? 992  MET A HG2  1 
ATOM   544  H  HG2  C MET A 1 42 ? -4.656  -2.172  4.346   0.55 21.39 ? 992  MET A HG2  1 
ATOM   545  H  HG3  B MET A 1 42 ? -1.143  -1.949  2.497   0.45 15.38 ? 992  MET A HG3  1 
ATOM   546  H  HG3  C MET A 1 42 ? -4.345  -1.818  2.827   0.55 21.39 ? 992  MET A HG3  1 
ATOM   547  H  HE1  B MET A 1 42 ? -0.787  -3.634  -0.576  0.45 23.30 ? 992  MET A HE1  1 
ATOM   548  H  HE1  C MET A 1 42 ? -4.348  -4.965  0.992   0.55 28.63 ? 992  MET A HE1  1 
ATOM   549  H  HE2  B MET A 1 42 ? -1.230  -2.167  -0.225  0.45 23.30 ? 992  MET A HE2  1 
ATOM   550  H  HE2  C MET A 1 42 ? -4.434  -3.399  0.878   0.55 28.63 ? 992  MET A HE2  1 
ATOM   551  H  HE3  B MET A 1 42 ? -0.077  -2.857  0.592   0.45 23.30 ? 992  MET A HE3  1 
ATOM   552  H  HE3  C MET A 1 42 ? -3.138  -4.075  1.459   0.55 28.63 ? 992  MET A HE3  1 
ATOM   553  N  N    . TYR A 1 43 ? -0.139  -2.335  5.698   1.00 10.01 ? 993  TYR A N    1 
ATOM   554  C  CA   . TYR A 1 43 ? 1.282   -2.662  5.674   1.00 9.87  ? 993  TYR A CA   1 
ATOM   555  C  C    . TYR A 1 43 ? 1.488   -3.817  4.737   1.00 9.64  ? 993  TYR A C    1 
ATOM   556  O  O    . TYR A 1 43 ? 0.679   -4.750  4.687   1.00 11.28 ? 993  TYR A O    1 
ATOM   557  C  CB   . TYR A 1 43 ? 1.796   -3.124  7.056   1.00 12.31 ? 993  TYR A CB   1 
ATOM   558  C  CG   . TYR A 1 43 ? 2.152   -2.019  7.993   1.00 14.99 ? 993  TYR A CG   1 
ATOM   559  C  CD1  . TYR A 1 43 ? 3.126   -1.086  7.675   1.00 17.59 ? 993  TYR A CD1  1 
ATOM   560  C  CD2  . TYR A 1 43 ? 1.482   -1.896  9.219   1.00 17.28 ? 993  TYR A CD2  1 
ATOM   561  C  CE1  . TYR A 1 43 ? 3.437   -0.054  8.575   1.00 20.20 ? 993  TYR A CE1  1 
ATOM   562  C  CE2  . TYR A 1 43 ? 1.770   -0.881  10.096  1.00 19.36 ? 993  TYR A CE2  1 
ATOM   563  C  CZ   . TYR A 1 43 ? 2.745   0.031   9.756   1.00 21.03 ? 993  TYR A CZ   1 
ATOM   564  O  OH   . TYR A 1 43 ? 3.057   1.056   10.607  1.00 25.34 ? 993  TYR A OH   1 
ATOM   565  H  H    . TYR A 1 43 ? -0.584  -2.827  6.246   1.00 12.01 ? 993  TYR A H    1 
ATOM   566  H  HA   . TYR A 1 43 ? 1.807   -1.893  5.368   1.00 11.85 ? 993  TYR A HA   1 
ATOM   567  H  HB2  . TYR A 1 43 ? 1.106   -3.657  7.480   1.00 14.77 ? 993  TYR A HB2  1 
ATOM   568  H  HB3  . TYR A 1 43 ? 2.591   -3.664  6.926   1.00 14.77 ? 993  TYR A HB3  1 
ATOM   569  H  HD1  . TYR A 1 43 ? 3.584   -1.150  6.868   1.00 21.11 ? 993  TYR A HD1  1 
ATOM   570  H  HD2  . TYR A 1 43 ? 0.820   -2.511  9.438   1.00 20.74 ? 993  TYR A HD2  1 
ATOM   571  H  HE1  . TYR A 1 43 ? 4.087   0.576   8.363   1.00 24.25 ? 993  TYR A HE1  1 
ATOM   572  H  HE2  . TYR A 1 43 ? 1.316   -0.810  10.905  1.00 23.24 ? 993  TYR A HE2  1 
ATOM   573  H  HH   . TYR A 1 43 ? 2.929   1.776   10.237  1.00 30.40 ? 993  TYR A HH   1 
ATOM   574  N  N    . GLY A 1 44 ? 2.616   -3.817  4.030   1.00 9.63  ? 994  GLY A N    1 
ATOM   575  C  CA   . GLY A 1 44 ? 2.946   -4.939  3.182   1.00 9.95  ? 994  GLY A CA   1 
ATOM   576  C  C    . GLY A 1 44 ? 4.327   -4.818  2.581   1.00 9.45  ? 994  GLY A C    1 
ATOM   577  O  O    . GLY A 1 44 ? 4.978   -3.779  2.699   1.00 9.92  ? 994  GLY A O    1 
ATOM   578  H  H    . GLY A 1 44 ? 3.197   -3.182  4.028   1.00 11.56 ? 994  GLY A H    1 
ATOM   579  H  HA2  . GLY A 1 44 ? 2.906   -5.758  3.700   1.00 11.94 ? 994  GLY A HA2  1 
ATOM   580  H  HA3  . GLY A 1 44 ? 2.300   -4.999  2.461   1.00 11.94 ? 994  GLY A HA3  1 
ATOM   581  N  N    . THR A 1 45 ? 4.773   -5.883  1.915   1.00 9.94  ? 995  THR A N    1 
ATOM   582  C  CA   . THR A 1 45 ? 6.039   -5.887  1.210   1.00 10.62 ? 995  THR A CA   1 
ATOM   583  C  C    . THR A 1 45 ? 5.780   -5.982  -0.295  1.00 9.53  ? 995  THR A C    1 
ATOM   584  O  O    . THR A 1 45 ? 5.060   -6.866  -0.748  1.00 10.54 ? 995  THR A O    1 
ATOM   585  C  CB   . THR A 1 45 ? 6.925   -7.093  1.638   1.00 11.88 ? 995  THR A CB   1 
ATOM   586  O  OG1  . THR A 1 45 ? 7.185   -7.011  3.043   1.00 12.40 ? 995  THR A OG1  1 
ATOM   587  C  CG2  . THR A 1 45 ? 8.228   -7.123  0.849   1.00 13.01 ? 995  THR A CG2  1 
ATOM   588  H  H    . THR A 1 45 ? 4.346   -6.628  1.860   1.00 11.93 ? 995  THR A H    1 
ATOM   589  H  HA   . THR A 1 45 ? 6.525   -5.057  1.395   1.00 12.74 ? 995  THR A HA   1 
ATOM   590  H  HB   . THR A 1 45 ? 6.447   -7.916  1.454   1.00 14.25 ? 995  THR A HB   1 
ATOM   591  H  HG1  . THR A 1 45 ? 7.576   -6.312  3.216   1.00 14.88 ? 995  THR A HG1  1 
ATOM   592  H  HG21 . THR A 1 45 ? 8.761   -7.871  1.125   1.00 15.61 ? 995  THR A HG21 1 
ATOM   593  H  HG22 . THR A 1 45 ? 8.041   -7.202  -0.089  1.00 15.61 ? 995  THR A HG22 1 
ATOM   594  H  HG23 . THR A 1 45 ? 8.722   -6.314  1.001   1.00 15.61 ? 995  THR A HG23 1 
ATOM   595  N  N    . VAL A 1 46 ? 6.375   -5.059  -1.054  1.00 9.16  ? 996  VAL A N    1 
ATOM   596  C  CA   . VAL A 1 46 ? 6.308   -5.090  -2.516  1.00 9.25  ? 996  VAL A CA   1 
ATOM   597  C  C    . VAL A 1 46 ? 7.311   -6.165  -2.978  1.00 9.72  ? 996  VAL A C    1 
ATOM   598  O  O    . VAL A 1 46 ? 8.522   -5.968  -2.871  1.00 10.26 ? 996  VAL A O    1 
ATOM   599  C  CB   . VAL A 1 46 ? 6.642   -3.729  -3.141  1.00 9.74  ? 996  VAL A CB   1 
ATOM   600  C  CG1  . VAL A 1 46 ? 6.482   -3.792  -4.663  1.00 10.48 ? 996  VAL A CG1  1 
ATOM   601  C  CG2  . VAL A 1 46 ? 5.776   -2.637  -2.569  1.00 10.98 ? 996  VAL A CG2  1 
ATOM   602  H  H    . VAL A 1 46 ? 6.828   -4.398  -0.742  1.00 10.99 ? 996  VAL A H    1 
ATOM   603  H  HA   . VAL A 1 46 ? 5.409   -5.355  -2.800  1.00 11.10 ? 996  VAL A HA   1 
ATOM   604  H  HB   . VAL A 1 46 ? 7.575   -3.508  -2.944  1.00 11.68 ? 996  VAL A HB   1 
ATOM   605  H  HG11 . VAL A 1 46 ? 6.694   -2.933  -5.035  1.00 12.58 ? 996  VAL A HG11 1 
ATOM   606  H  HG12 . VAL A 1 46 ? 7.080   -4.457  -5.012  1.00 12.58 ? 996  VAL A HG12 1 
ATOM   607  H  HG13 . VAL A 1 46 ? 5.575   -4.025  -4.872  1.00 12.58 ? 996  VAL A HG13 1 
ATOM   608  H  HG21 . VAL A 1 46 ? 6.012   -1.803  -2.983  1.00 13.18 ? 996  VAL A HG21 1 
ATOM   609  H  HG22 . VAL A 1 46 ? 4.856   -2.842  -2.748  1.00 13.18 ? 996  VAL A HG22 1 
ATOM   610  H  HG23 . VAL A 1 46 ? 5.924   -2.587  -1.622  1.00 13.18 ? 996  VAL A HG23 1 
ATOM   611  N  N    . GLN A 1 47 ? 6.829   -7.320  -3.434  1.00 9.53  ? 997  GLN A N    1 
ATOM   612  C  CA   . GLN A 1 47 ? 7.724   -8.428  -3.745  1.00 10.42 ? 997  GLN A CA   1 
ATOM   613  C  C    . GLN A 1 47 ? 8.808   -8.031  -4.747  1.00 9.64  ? 997  GLN A C    1 
ATOM   614  O  O    . GLN A 1 47 ? 9.977   -8.406  -4.612  1.00 11.38 ? 997  GLN A O    1 
ATOM   615  C  CB   . GLN A 1 47 ? 6.916   -9.623  -4.265  1.00 12.29 ? 997  GLN A CB   1 
ATOM   616  C  CG   . GLN A 1 47 ? 7.778   -10.822 -4.644  1.00 15.94 ? 997  GLN A CG   1 
ATOM   617  C  CD   . GLN A 1 47 ? 8.477   -11.424 -3.441  1.00 21.04 ? 997  GLN A CD   1 
ATOM   618  O  OE1  . GLN A 1 47 ? 7.856   -11.606 -2.393  1.00 24.85 ? 997  GLN A OE1  1 
ATOM   619  N  NE2  . GLN A 1 47 ? 9.759   -11.744 -3.579  1.00 24.53 ? 997  GLN A NE2  1 
ATOM   620  H  H    . GLN A 1 47 ? 5.996   -7.485  -3.570  1.00 11.43 ? 997  GLN A H    1 
ATOM   621  H  HA   . GLN A 1 47 ? 8.173   -8.708  -2.920  1.00 12.50 ? 997  GLN A HA   1 
ATOM   622  H  HB2  . GLN A 1 47 ? 6.298   -9.909  -3.573  1.00 14.75 ? 997  GLN A HB2  1 
ATOM   623  H  HB3  . GLN A 1 47 ? 6.423   -9.349  -5.054  1.00 14.75 ? 997  GLN A HB3  1 
ATOM   624  H  HG2  . GLN A 1 47 ? 7.217   -11.505 -5.042  1.00 19.13 ? 997  GLN A HG2  1 
ATOM   625  H  HG3  . GLN A 1 47 ? 8.457   -10.538 -5.277  1.00 19.13 ? 997  GLN A HG3  1 
ATOM   626  H  HE21 . GLN A 1 47 ? 10.189  -12.088 -2.918  1.00 29.44 ? 997  GLN A HE21 1 
ATOM   627  H  HE22 . GLN A 1 47 ? 10.158  -11.606 -4.328  1.00 29.44 ? 997  GLN A HE22 1 
ATOM   628  N  N    . ARG A 1 48 ? 8.426   -7.299  -5.777  1.00 9.89  ? 998  ARG A N    1 
ATOM   629  C  CA   . ARG A 1 48 ? 9.364   -6.958  -6.846  1.00 10.10 ? 998  ARG A CA   1 
ATOM   630  C  C    . ARG A 1 48 ? 10.581  -6.157  -6.371  1.00 10.08 ? 998  ARG A C    1 
ATOM   631  O  O    . ARG A 1 48 ? 11.691  -6.358  -6.860  1.00 10.91 ? 998  ARG A O    1 
ATOM   632  C  CB   . ARG A 1 48 ? 8.620   -6.201  -7.957  1.00 10.73 ? 998  ARG A CB   1 
ATOM   633  C  CG   . ARG A 1 48 ? 9.484   -5.880  -9.195  1.00 12.21 ? 998  ARG A CG   1 
ATOM   634  C  CD   . ARG A 1 48 ? 8.646   -5.295  -10.363 1.00 13.22 ? 998  ARG A CD   1 
ATOM   635  N  NE   . ARG A 1 48 ? 7.902   -4.156  -9.859  1.00 14.27 ? 998  ARG A NE   1 
ATOM   636  C  CZ   . ARG A 1 48 ? 8.409   -2.956  -9.637  1.00 13.70 ? 998  ARG A CZ   1 
ATOM   637  N  NH1  . ARG A 1 48 ? 9.623   -2.634  -10.057 1.00 14.02 ? 998  ARG A NH1  1 
ATOM   638  N  NH2  . ARG A 1 48 ? 7.675   -2.063  -9.009  1.00 15.25 ? 998  ARG A NH2  1 
ATOM   639  H  H    . ARG A 1 48 ? 7.634   -6.985  -5.886  1.00 11.86 ? 998  ARG A H    1 
ATOM   640  H  HA   . ARG A 1 48 ? 9.700   -7.792  -7.236  1.00 12.12 ? 998  ARG A HA   1 
ATOM   641  H  HB2  . ARG A 1 48 ? 7.870   -6.740  -8.253  1.00 12.87 ? 998  ARG A HB2  1 
ATOM   642  H  HB3  . ARG A 1 48 ? 8.297   -5.360  -7.597  1.00 12.87 ? 998  ARG A HB3  1 
ATOM   643  H  HG2  . ARG A 1 48 ? 10.158  -5.227  -8.952  1.00 14.66 ? 998  ARG A HG2  1 
ATOM   644  H  HG3  . ARG A 1 48 ? 9.906   -6.695  -9.507  1.00 14.66 ? 998  ARG A HG3  1 
ATOM   645  H  HD2  . ARG A 1 48 ? 9.234   -4.996  -11.075 1.00 15.87 ? 998  ARG A HD2  1 
ATOM   646  H  HD3  . ARG A 1 48 ? 8.020   -5.961  -10.688 1.00 15.87 ? 998  ARG A HD3  1 
ATOM   647  H  HE   . ARG A 1 48 ? 7.066   -4.271  -9.692  1.00 17.12 ? 998  ARG A HE   1 
ATOM   648  H  HH11 . ARG A 1 48 ? 10.122  -3.229  -10.427 1.00 16.82 ? 998  ARG A HH11 1 
ATOM   649  H  HH12 . ARG A 1 48 ? 9.925   -1.839  -9.930  1.00 16.82 ? 998  ARG A HH12 1 
ATOM   650  H  HH21 . ARG A 1 48 ? 6.871   -2.258  -8.777  1.00 18.31 ? 998  ARG A HH21 1 
ATOM   651  H  HH22 . ARG A 1 48 ? 7.959   -1.255  -8.932  1.00 18.31 ? 998  ARG A HH22 1 
ATOM   652  N  N    . THR A 1 49 ? 10.354  -5.216  -5.458  1.00 10.55 ? 999  THR A N    1 
ATOM   653  C  CA   . THR A 1 49 ? 11.403  -4.301  -4.994  1.00 10.58 ? 999  THR A CA   1 
ATOM   654  C  C    . THR A 1 49 ? 11.966  -4.669  -3.639  1.00 11.11 ? 999  THR A C    1 
ATOM   655  O  O    . THR A 1 49 ? 12.985  -4.094  -3.235  1.00 12.47 ? 999  THR A O    1 
ATOM   656  C  CB   . THR A 1 49 ? 10.884  -2.868  -4.896  1.00 11.15 ? 999  THR A CB   1 
ATOM   657  O  OG1  . THR A 1 49 ? 9.890   -2.837  -3.868  1.00 11.02 ? 999  THR A OG1  1 
ATOM   658  C  CG2  . THR A 1 49 ? 10.326  -2.374  -6.197  1.00 12.69 ? 999  THR A CG2  1 
ATOM   659  H  H    . THR A 1 49 ? 9.591   -5.083  -5.086  1.00 12.66 ? 999  THR A H    1 
ATOM   660  H  HA   . THR A 1 49 ? 12.140  -4.311  -5.640  1.00 12.70 ? 999  THR A HA   1 
ATOM   661  H  HB   . THR A 1 49 ? 11.617  -2.284  -4.644  1.00 13.39 ? 999  THR A HB   1 
ATOM   662  H  HG1  . THR A 1 49 ? 9.591   -2.078  -3.790  1.00 13.23 ? 999  THR A HG1  1 
ATOM   663  H  HG21 . THR A 1 49 ? 10.011  -1.473  -6.098  1.00 15.23 ? 999  THR A HG21 1 
ATOM   664  H  HG22 . THR A 1 49 ? 11.006  -2.393  -6.874  1.00 15.23 ? 999  THR A HG22 1 
ATOM   665  H  HG23 . THR A 1 49 ? 9.595   -2.932  -6.472  1.00 15.23 ? 999  THR A HG23 1 
ATOM   666  N  N    . GLY A 1 50 ? 11.290  -5.575  -2.914  1.00 10.59 ? 1000 GLY A N    1 
ATOM   667  C  CA   . GLY A 1 50 ? 11.689  -5.945  -1.564  1.00 11.64 ? 1000 GLY A CA   1 
ATOM   668  C  C    . GLY A 1 50 ? 11.450  -4.902  -0.494  1.00 11.79 ? 1000 GLY A C    1 
ATOM   669  O  O    . GLY A 1 50 ? 11.943  -5.069  0.622   1.00 14.28 ? 1000 GLY A O    1 
ATOM   670  H  H    . GLY A 1 50 ? 10.590  -5.990  -3.194  1.00 12.71 ? 1000 GLY A H    1 
ATOM   671  H  HA2  . GLY A 1 50 ? 11.208  -6.747  -1.307  1.00 13.97 ? 1000 GLY A HA2  1 
ATOM   672  H  HA3  . GLY A 1 50 ? 12.636  -6.155  -1.566  1.00 13.97 ? 1000 GLY A HA3  1 
ATOM   673  N  N    . ARG A 1 51 ? 10.713  -3.827  -0.778  1.00 10.94 ? 1001 ARG A N    1 
ATOM   674  C  CA   . ARG A 1 51 ? 10.494  -2.766  0.194   1.00 10.98 ? 1001 ARG A CA   1 
ATOM   675  C  C    . ARG A 1 51 ? 9.211   -3.014  0.968   1.00 10.90 ? 1001 ARG A C    1 
ATOM   676  O  O    . ARG A 1 51 ? 8.183   -3.403  0.404   1.00 11.18 ? 1001 ARG A O    1 
ATOM   677  C  CB   . ARG A 1 51 ? 10.427  -1.410  -0.511  1.00 11.76 ? 1001 ARG A CB   1 
ATOM   678  C  CG   . ARG A 1 51 ? 11.678  -1.038  -1.297  1.00 14.00 ? 1001 ARG A CG   1 
ATOM   679  C  CD   . ARG A 1 51 ? 12.949  -1.014  -0.448  1.00 18.62 ? 1001 ARG A CD   1 
ATOM   680  N  NE   . ARG A 1 51 ? 12.835  -0.195  0.760   1.00 23.96 ? 1001 ARG A NE   1 
ATOM   681  C  CZ   . ARG A 1 51 ? 13.196  1.079   0.848   1.00 28.97 ? 1001 ARG A CZ   1 
ATOM   682  N  NH1  . ARG A 1 51 ? 13.057  1.728   2.002   1.00 30.92 ? 1001 ARG A NH1  1 
ATOM   683  N  NH2  . ARG A 1 51 ? 13.702  1.709   -0.204  1.00 30.56 ? 1001 ARG A NH2  1 
ATOM   684  H  H    . ARG A 1 51 ? 10.327  -3.691  -1.534  1.00 13.12 ? 1001 ARG A H    1 
ATOM   685  H  HA   . ARG A 1 51 ? 11.241  -2.747  0.829   1.00 13.17 ? 1001 ARG A HA   1 
ATOM   686  H  HB2  . ARG A 1 51 ? 9.681   -1.421  -1.133  1.00 14.11 ? 1001 ARG A HB2  1 
ATOM   687  H  HB3  . ARG A 1 51 ? 10.284  -0.721  0.157   1.00 14.11 ? 1001 ARG A HB3  1 
ATOM   688  H  HG2  . ARG A 1 51 ? 11.807  -1.687  -2.006  1.00 16.80 ? 1001 ARG A HG2  1 
ATOM   689  H  HG3  . ARG A 1 51 ? 11.558  -0.154  -1.677  1.00 16.80 ? 1001 ARG A HG3  1 
ATOM   690  H  HD2  . ARG A 1 51 ? 13.158  -1.920  -0.173  1.00 22.34 ? 1001 ARG A HD2  1 
ATOM   691  H  HD3  . ARG A 1 51 ? 13.676  -0.657  -0.982  1.00 22.34 ? 1001 ARG A HD3  1 
ATOM   692  H  HE   . ARG A 1 51 ? 12.511  -0.567  1.465   1.00 28.75 ? 1001 ARG A HE   1 
ATOM   693  H  HH11 . ARG A 1 51 ? 12.729  1.323   2.686   1.00 37.10 ? 1001 ARG A HH11 1 
ATOM   694  H  HH12 . ARG A 1 51 ? 13.288  2.554   2.061   1.00 37.10 ? 1001 ARG A HH12 1 
ATOM   695  H  HH21 . ARG A 1 51 ? 13.796  1.293   -0.950  1.00 36.67 ? 1001 ARG A HH21 1 
ATOM   696  H  HH22 . ARG A 1 51 ? 13.934  2.535   -0.140  1.00 36.67 ? 1001 ARG A HH22 1 
ATOM   697  N  N    . THR A 1 52 ? 9.273   -2.742  2.267   1.00 10.81 ? 1002 THR A N    1 
ATOM   698  C  CA   . THR A 1 52 ? 8.166   -2.929  3.207   1.00 10.62 ? 1002 THR A CA   1 
ATOM   699  C  C    . THR A 1 52 ? 7.737   -1.596  3.809   1.00 10.85 ? 1002 THR A C    1 
ATOM   700  O  O    . THR A 1 52 ? 8.573   -0.800  4.216   1.00 12.22 ? 1002 THR A O    1 
ATOM   701  C  CB   . THR A 1 52 ? 8.587   -3.870  4.349   1.00 11.94 ? 1002 THR A CB   1 
ATOM   702  O  OG1  . THR A 1 52 ? 8.940   -5.120  3.798   1.00 13.17 ? 1002 THR A OG1  1 
ATOM   703  C  CG2  . THR A 1 52 ? 7.472   -4.066  5.338   1.00 12.91 ? 1002 THR A CG2  1 
ATOM   704  H  H    . THR A 1 52 ? 9.981   -2.433  2.646   1.00 12.98 ? 1002 THR A H    1 
ATOM   705  H  HA   . THR A 1 52 ? 7.400   -3.324  2.741   1.00 12.75 ? 1002 THR A HA   1 
ATOM   706  H  HB   . THR A 1 52 ? 9.350   -3.493  4.815   1.00 14.33 ? 1002 THR A HB   1 
ATOM   707  H  HG1  . THR A 1 52 ? 9.563   -5.029  3.274   1.00 15.80 ? 1002 THR A HG1  1 
ATOM   708  H  HG21 . THR A 1 52 ? 7.758   -4.656  6.040   1.00 15.50 ? 1002 THR A HG21 1 
ATOM   709  H  HG22 . THR A 1 52 ? 7.222   -3.223  5.721   1.00 15.50 ? 1002 THR A HG22 1 
ATOM   710  H  HG23 . THR A 1 52 ? 6.709   -4.449  4.900   1.00 15.50 ? 1002 THR A HG23 1 
ATOM   711  N  N    . GLY A 1 53 ? 6.439   -1.346  3.833   1.00 9.88  ? 1003 GLY A N    1 
ATOM   712  C  CA   . GLY A 1 53 ? 5.921   -0.135  4.454   1.00 10.46 ? 1003 GLY A CA   1 
ATOM   713  C  C    . GLY A 1 53 ? 4.436   -0.014  4.214   1.00 9.93  ? 1003 GLY A C    1 
ATOM   714  O  O    . GLY A 1 53 ? 3.734   -1.010  3.997   1.00 10.26 ? 1003 GLY A O    1 
ATOM   715  H  H    . GLY A 1 53 ? 5.835   -1.859  3.497   1.00 11.85 ? 1003 GLY A H    1 
ATOM   716  H  HA2  . GLY A 1 53 ? 6.083   -0.159  5.410   1.00 12.56 ? 1003 GLY A HA2  1 
ATOM   717  H  HA3  . GLY A 1 53 ? 6.364   0.643   4.079   1.00 12.56 ? 1003 GLY A HA3  1 
ATOM   718  N  N    . MET A 1 54 ? 3.953   1.217   4.258   1.00 9.98  ? 1004 MET A N    1 
ATOM   719  C  CA   . MET A 1 54 ? 2.534   1.502   4.107   1.00 10.74 ? 1004 MET A CA   1 
ATOM   720  C  C    . MET A 1 54 ? 2.145   1.668   2.645   1.00 9.79  ? 1004 MET A C    1 
ATOM   721  O  O    . MET A 1 54 ? 2.869   2.317   1.889   1.00 10.35 ? 1004 MET A O    1 
ATOM   722  C  CB   A MET A 1 54 ? 2.176   2.748   4.888   0.57 12.66 ? 1004 MET A CB   1 
ATOM   723  C  CB   B MET A 1 54 ? 2.213   2.812   4.810   0.43 12.18 ? 1004 MET A CB   1 
ATOM   724  C  CG   A MET A 1 54 ? 2.333   2.535   6.393   0.57 16.12 ? 1004 MET A CG   1 
ATOM   725  C  CG   B MET A 1 54 ? 2.521   2.793   6.283   0.43 14.78 ? 1004 MET A CG   1 
ATOM   726  S  SD   A MET A 1 54 ? 1.806   3.929   7.340   0.57 19.65 ? 1004 MET A SD   1 
ATOM   727  S  SD   B MET A 1 54 ? 1.075   2.300   7.189   0.43 16.63 ? 1004 MET A SD   1 
ATOM   728  C  CE   A MET A 1 54 ? 0.131   3.957   6.798   0.57 18.88 ? 1004 MET A CE   1 
ATOM   729  C  CE   B MET A 1 54 ? 0.257   3.880   7.137   0.43 15.23 ? 1004 MET A CE   1 
ATOM   730  H  H    . MET A 1 54 ? 4.435   1.919   4.378   1.00 11.98 ? 1004 MET A H    1 
ATOM   731  H  HA   . MET A 1 54 ? 2.015   0.767   4.496   1.00 12.88 ? 1004 MET A HA   1 
ATOM   732  H  HB2  A MET A 1 54 ? 2.763   3.473   4.621   0.57 15.19 ? 1004 MET A HB2  1 
ATOM   733  H  HB2  B MET A 1 54 ? 2.737   3.522   4.406   0.43 14.62 ? 1004 MET A HB2  1 
ATOM   734  H  HB3  A MET A 1 54 ? 1.252   2.982   4.709   0.57 15.19 ? 1004 MET A HB3  1 
ATOM   735  H  HB3  B MET A 1 54 ? 1.267   3.000   4.706   0.43 14.62 ? 1004 MET A HB3  1 
ATOM   736  H  HG2  A MET A 1 54 ? 1.800   1.771   6.662   0.57 19.34 ? 1004 MET A HG2  1 
ATOM   737  H  HG2  B MET A 1 54 ? 3.229   2.155   6.461   0.43 17.74 ? 1004 MET A HG2  1 
ATOM   738  H  HG3  A MET A 1 54 ? 3.269   2.373   6.593   0.57 19.34 ? 1004 MET A HG3  1 
ATOM   739  H  HG3  B MET A 1 54 ? 2.780   3.682   6.574   0.43 17.74 ? 1004 MET A HG3  1 
ATOM   740  H  HE1  A MET A 1 54 ? -0.324  4.683   7.230   0.57 22.66 ? 1004 MET A HE1  1 
ATOM   741  H  HE1  B MET A 1 54 ? -0.584  3.812   7.597   0.43 18.28 ? 1004 MET A HE1  1 
ATOM   742  H  HE2  A MET A 1 54 ? 0.113   4.079   5.845   0.57 22.66 ? 1004 MET A HE2  1 
ATOM   743  H  HE2  B MET A 1 54 ? 0.813   4.534   7.566   0.43 18.28 ? 1004 MET A HE2  1 
ATOM   744  H  HE3  A MET A 1 54 ? -0.285  3.124   7.030   0.57 22.66 ? 1004 MET A HE3  1 
ATOM   745  H  HE3  B MET A 1 54 ? 0.110   4.125   6.221   0.43 18.28 ? 1004 MET A HE3  1 
ATOM   746  N  N    . LEU A 1 55 ? 0.986   1.098   2.291   1.00 10.01 ? 1005 LEU A N    1 
ATOM   747  C  CA   . LEU A 1 55 ? 0.404   1.183   0.956   1.00 10.09 ? 1005 LEU A CA   1 
ATOM   748  C  C    . LEU A 1 55 ? -1.040  1.639   1.064   1.00 9.18  ? 1005 LEU A C    1 
ATOM   749  O  O    . LEU A 1 55 ? -1.754  1.214   1.980   1.00 9.37  ? 1005 LEU A O    1 
ATOM   750  C  CB   . LEU A 1 55 ? 0.385   -0.199  0.239   1.00 12.38 ? 1005 LEU A CB   1 
ATOM   751  C  CG   . LEU A 1 55 ? 1.664   -0.996  0.002   1.00 14.09 ? 1005 LEU A CG   1 
ATOM   752  C  CD1  . LEU A 1 55 ? 1.996   -1.834  1.195   1.00 13.69 ? 1005 LEU A CD1  1 
ATOM   753  C  CD2  . LEU A 1 55 ? 1.570   -1.890  -1.233  1.00 14.63 ? 1005 LEU A CD2  1 
ATOM   754  H  H    . LEU A 1 55 ? 0.503   0.639   2.835   1.00 12.02 ? 1005 LEU A H    1 
ATOM   755  H  HA   . LEU A 1 55 ? 0.904   1.823   0.408   1.00 12.11 ? 1005 LEU A HA   1 
ATOM   756  H  HB2  . LEU A 1 55 ? -0.201  -0.777  0.753   1.00 14.85 ? 1005 LEU A HB2  1 
ATOM   757  H  HB3  . LEU A 1 55 ? -0.012  -0.060  -0.635  1.00 14.85 ? 1005 LEU A HB3  1 
ATOM   758  H  HG   . LEU A 1 55 ? 2.397   -0.376  -0.137  1.00 16.91 ? 1005 LEU A HG   1 
ATOM   759  H  HD11 . LEU A 1 55 ? 2.803   -2.323  1.019   1.00 16.43 ? 1005 LEU A HD11 1 
ATOM   760  H  HD12 . LEU A 1 55 ? 2.120   -1.260  1.954   1.00 16.43 ? 1005 LEU A HD12 1 
ATOM   761  H  HD13 . LEU A 1 55 ? 1.272   -2.443  1.360   1.00 16.43 ? 1005 LEU A HD13 1 
ATOM   762  H  HD21 . LEU A 1 55 ? 2.397   -2.367  -1.337  1.00 17.56 ? 1005 LEU A HD21 1 
ATOM   763  H  HD22 . LEU A 1 55 ? 0.847   -2.509  -1.116  1.00 17.56 ? 1005 LEU A HD22 1 
ATOM   764  H  HD23 . LEU A 1 55 ? 1.411   -1.340  -2.005  1.00 17.56 ? 1005 LEU A HD23 1 
ATOM   765  N  N    . PRO A 1 56 ? -1.513  2.414   0.087   1.00 9.48  ? 1006 PRO A N    1 
ATOM   766  C  CA   . PRO A 1 56 ? -2.932  2.779   0.102   1.00 10.20 ? 1006 PRO A CA   1 
ATOM   767  C  C    . PRO A 1 56 ? -3.810  1.583   -0.236  1.00 9.70  ? 1006 PRO A C    1 
ATOM   768  O  O    . PRO A 1 56 ? -3.633  0.924   -1.265  1.00 11.17 ? 1006 PRO A O    1 
ATOM   769  C  CB   . PRO A 1 56 ? -3.021  3.889   -0.961  1.00 12.60 ? 1006 PRO A CB   1 
ATOM   770  C  CG   . PRO A 1 56 ? -1.822  3.778   -1.772  1.00 13.10 ? 1006 PRO A CG   1 
ATOM   771  C  CD   . PRO A 1 56 ? -0.751  3.099   -0.977  1.00 10.36 ? 1006 PRO A CD   1 
ATOM   772  H  HA   . PRO A 1 56 ? -3.187  3.139   0.977   1.00 12.24 ? 1006 PRO A HA   1 
ATOM   773  H  HB2  . PRO A 1 56 ? -3.813  3.752   -1.505  1.00 15.12 ? 1006 PRO A HB2  1 
ATOM   774  H  HB3  . PRO A 1 56 ? -3.056  4.754   -0.522  1.00 15.12 ? 1006 PRO A HB3  1 
ATOM   775  H  HG2  . PRO A 1 56 ? -2.026  3.256   -2.565  1.00 15.72 ? 1006 PRO A HG2  1 
ATOM   776  H  HG3  . PRO A 1 56 ? -1.531  4.667   -2.026  1.00 15.72 ? 1006 PRO A HG3  1 
ATOM   777  H  HD2  . PRO A 1 56 ? -0.279  2.453   -1.526  1.00 12.43 ? 1006 PRO A HD2  1 
ATOM   778  H  HD3  . PRO A 1 56 ? -0.146  3.753   -0.594  1.00 12.43 ? 1006 PRO A HD3  1 
ATOM   779  N  N    . ALA A 1 57 ? -4.745  1.282   0.653   1.00 10.66 ? 1007 ALA A N    1 
ATOM   780  C  CA   . ALA A 1 57 ? -5.544  0.054   0.564   1.00 11.92 ? 1007 ALA A CA   1 
ATOM   781  C  C    . ALA A 1 57 ? -6.406  0.037   -0.672  1.00 10.87 ? 1007 ALA A C    1 
ATOM   782  O  O    . ALA A 1 57 ? -6.731  -1.025  -1.206  1.00 12.05 ? 1007 ALA A O    1 
ATOM   783  C  CB   . ALA A 1 57 ? -6.420  -0.075  1.805   1.00 14.52 ? 1007 ALA A CB   1 
ATOM   784  H  H    . ALA A 1 57 ? -4.942  1.775   1.329   1.00 12.79 ? 1007 ALA A H    1 
ATOM   785  H  HA   . ALA A 1 57 ? -4.944  -0.720  0.530   1.00 14.31 ? 1007 ALA A HA   1 
ATOM   786  H  HB1  . ALA A 1 57 ? -6.939  -0.880  1.739   1.00 17.43 ? 1007 ALA A HB1  1 
ATOM   787  H  HB2  . ALA A 1 57 ? -5.857  -0.111  2.582   1.00 17.43 ? 1007 ALA A HB2  1 
ATOM   788  H  HB3  . ALA A 1 57 ? -7.002  0.687   1.857   1.00 17.43 ? 1007 ALA A HB3  1 
ATOM   789  N  N    . ASN A 1 58 ? -6.807  1.221   -1.126  1.00 10.26 ? 1008 ASN A N    1 
ATOM   790  C  CA   . ASN A 1 58 ? -7.676  1.375   -2.275  1.00 10.59 ? 1008 ASN A CA   1 
ATOM   791  C  C    . ASN A 1 58 ? -6.963  1.226   -3.603  1.00 10.69 ? 1008 ASN A C    1 
ATOM   792  O  O    . ASN A 1 58 ? -7.596  1.306   -4.642  1.00 13.72 ? 1008 ASN A O    1 
ATOM   793  C  CB   . ASN A 1 58 ? -8.459  2.708   -2.204  1.00 10.36 ? 1008 ASN A CB   1 
ATOM   794  C  CG   . ASN A 1 58 ? -7.566  3.936   -2.123  1.00 10.58 ? 1008 ASN A CG   1 
ATOM   795  O  OD1  . ASN A 1 58 ? -6.520  3.953   -1.470  1.00 11.18 ? 1008 ASN A OD1  1 
ATOM   796  N  ND2  . ASN A 1 58 ? -7.998  4.985   -2.780  1.00 11.73 ? 1008 ASN A ND2  1 
ATOM   797  H  H    . ASN A 1 58 ? -6.577  1.969   -0.770  1.00 12.31 ? 1008 ASN A H    1 
ATOM   798  H  HA   . ASN A 1 58 ? -8.343  0.659   -2.236  1.00 12.71 ? 1008 ASN A HA   1 
ATOM   799  H  HB2  . ASN A 1 58 ? -9.007  2.791   -3.001  1.00 12.44 ? 1008 ASN A HB2  1 
ATOM   800  H  HB3  . ASN A 1 58 ? -9.024  2.698   -1.415  1.00 12.44 ? 1008 ASN A HB3  1 
ATOM   801  H  HD21 . ASN A 1 58 ? -7.540  5.714   -2.776  1.00 14.08 ? 1008 ASN A HD21 1 
ATOM   802  H  HD22 . ASN A 1 58 ? -8.738  4.945   -3.216  1.00 14.08 ? 1008 ASN A HD22 1 
ATOM   803  N  N    . TYR A 1 59 ? -5.666  0.958   -3.560  1.00 10.07 ? 1009 TYR A N    1 
ATOM   804  C  CA   . TYR A 1 59 ? -4.868  0.716   -4.769  1.00 10.26 ? 1009 TYR A CA   1 
ATOM   805  C  C    . TYR A 1 59 ? -4.587  -0.755  -5.005  1.00 11.17 ? 1009 TYR A C    1 
ATOM   806  O  O    . TYR A 1 59 ? -4.001  -1.107  -6.037  1.00 12.85 ? 1009 TYR A O    1 
ATOM   807  C  CB   . TYR A 1 59 ? -3.514  1.446   -4.671  1.00 11.13 ? 1009 TYR A CB   1 
ATOM   808  C  CG   . TYR A 1 59 ? -3.546  2.904   -5.059  1.00 10.65 ? 1009 TYR A CG   1 
ATOM   809  C  CD1  . TYR A 1 59 ? -4.425  3.800   -4.467  1.00 11.41 ? 1009 TYR A CD1  1 
ATOM   810  C  CD2  . TYR A 1 59 ? -2.657  3.396   -6.004  1.00 11.47 ? 1009 TYR A CD2  1 
ATOM   811  C  CE1  . TYR A 1 59 ? -4.429  5.140   -4.824  1.00 11.65 ? 1009 TYR A CE1  1 
ATOM   812  C  CE2  . TYR A 1 59 ? -2.679  4.707   -6.376  1.00 12.06 ? 1009 TYR A CE2  1 
ATOM   813  C  CZ   . TYR A 1 59 ? -3.544  5.574   -5.774  1.00 12.32 ? 1009 TYR A CZ   1 
ATOM   814  O  OH   . TYR A 1 59 ? -3.566  6.899   -6.157  1.00 13.47 ? 1009 TYR A OH   1 
ATOM   815  H  H    . TYR A 1 59 ? -5.211  0.908   -2.832  1.00 12.09 ? 1009 TYR A H    1 
ATOM   816  H  HA   . TYR A 1 59 ? -5.349  1.065   -5.548  1.00 12.31 ? 1009 TYR A HA   1 
ATOM   817  H  HB2  . TYR A 1 59 ? -3.201  1.394   -3.755  1.00 13.35 ? 1009 TYR A HB2  1 
ATOM   818  H  HB3  . TYR A 1 59 ? -2.881  1.002   -5.257  1.00 13.35 ? 1009 TYR A HB3  1 
ATOM   819  H  HD1  . TYR A 1 59 ? -5.020  3.497   -3.820  1.00 13.69 ? 1009 TYR A HD1  1 
ATOM   820  H  HD2  . TYR A 1 59 ? -2.062  2.813   -6.418  1.00 13.77 ? 1009 TYR A HD2  1 
ATOM   821  H  HE1  . TYR A 1 59 ? -5.030  5.732   -4.431  1.00 13.98 ? 1009 TYR A HE1  1 
ATOM   822  H  HE2  . TYR A 1 59 ? -2.080  5.018   -7.017  1.00 14.47 ? 1009 TYR A HE2  1 
ATOM   823  H  HH   . TYR A 1 59 ? -3.417  7.379   -5.510  1.00 16.17 ? 1009 TYR A HH   1 
ATOM   824  N  N    . ILE A 1 60 ? -4.964  -1.606  -4.052  1.00 11.52 ? 1010 ILE A N    1 
ATOM   825  C  CA   A ILE A 1 60 ? -4.582  -3.014  -4.031  0.70 12.67 ? 1010 ILE A CA   1 
ATOM   826  C  CA   B ILE A 1 60 ? -4.603  -3.011  -4.164  0.30 10.51 ? 1010 ILE A CA   1 
ATOM   827  C  C    . ILE A 1 60 ? -5.818  -3.899  -3.959  1.00 13.00 ? 1010 ILE A C    1 
ATOM   828  O  O    . ILE A 1 60 ? -6.790  -3.533  -3.304  1.00 14.71 ? 1010 ILE A O    1 
ATOM   829  C  CB   A ILE A 1 60 ? -3.782  -3.291  -2.740  0.70 14.86 ? 1010 ILE A CB   1 
ATOM   830  C  CB   B ILE A 1 60 ? -3.480  -3.402  -3.168  0.30 8.31  ? 1010 ILE A CB   1 
ATOM   831  C  CG1  A ILE A 1 60 ? -2.666  -2.263  -2.553  0.70 16.17 ? 1010 ILE A CG1  1 
ATOM   832  C  CG1  B ILE A 1 60 ? -4.016  -3.379  -1.735  0.30 9.84  ? 1010 ILE A CG1  1 
ATOM   833  C  CG2  A ILE A 1 60 ? -3.257  -4.691  -2.724  0.70 16.81 ? 1010 ILE A CG2  1 
ATOM   834  C  CG2  B ILE A 1 60 ? -2.270  -2.492  -3.352  0.30 6.94  ? 1010 ILE A CG2  1 
ATOM   835  C  CD1  A ILE A 1 60 ? -1.661  -2.297  -3.642  0.70 15.89 ? 1010 ILE A CD1  1 
ATOM   836  C  CD1  B ILE A 1 60 ? -3.221  -4.085  -0.811  0.30 12.31 ? 1010 ILE A CD1  1 
ATOM   837  H  H    A ILE A 1 60 ? -5.458  -1.380  -3.385  0.70 13.82 ? 1010 ILE A H    1 
ATOM   838  H  H    B ILE A 1 60 ? -5.416  -1.400  -3.350  0.30 13.82 ? 1010 ILE A H    1 
ATOM   839  H  HA   A ILE A 1 60 ? -4.045  -3.247  -4.817  0.70 15.20 ? 1010 ILE A HA   1 
ATOM   840  H  HA   B ILE A 1 60 ? -4.266  -3.175  -5.070  0.30 12.62 ? 1010 ILE A HA   1 
ATOM   841  H  HB   A ILE A 1 60 ? -4.393  -3.199  -1.992  0.70 17.83 ? 1010 ILE A HB   1 
ATOM   842  H  HB   B ILE A 1 60 ? -3.204  -4.310  -3.369  0.30 9.97  ? 1010 ILE A HB   1 
ATOM   843  H  HG12 A ILE A 1 60 ? -3.055  -1.375  -2.533  0.70 19.41 ? 1010 ILE A HG12 1 
ATOM   844  H  HG12 B ILE A 1 60 ? -4.067  -2.458  -1.436  0.30 11.80 ? 1010 ILE A HG12 1 
ATOM   845  H  HG13 A ILE A 1 60 ? -2.208  -2.442  -1.717  0.70 19.41 ? 1010 ILE A HG13 1 
ATOM   846  H  HG13 B ILE A 1 60 ? -4.901  -3.776  -1.728  0.30 11.80 ? 1010 ILE A HG13 1 
ATOM   847  H  HG21 A ILE A 1 60 ? -2.766  -4.831  -1.910  0.70 20.17 ? 1010 ILE A HG21 1 
ATOM   848  H  HG21 B ILE A 1 60 ? -1.587  -2.751  -2.728  0.30 8.33  ? 1010 ILE A HG21 1 
ATOM   849  H  HG22 A ILE A 1 60 ? -3.996  -5.302  -2.770  0.70 20.17 ? 1010 ILE A HG22 1 
ATOM   850  H  HG22 B ILE A 1 60 ? -1.944  -2.584  -4.251  0.30 8.33  ? 1010 ILE A HG22 1 
ATOM   851  H  HG23 A ILE A 1 60 ? -2.680  -4.817  -3.480  0.70 20.17 ? 1010 ILE A HG23 1 
ATOM   852  H  HG23 B ILE A 1 60 ? -2.535  -1.584  -3.191  0.30 8.33  ? 1010 ILE A HG23 1 
ATOM   853  H  HD11 A ILE A 1 60 ? -0.990  -1.633  -3.469  0.70 19.07 ? 1010 ILE A HD11 1 
ATOM   854  H  HD11 B ILE A 1 60 ? -3.623  -4.022  0.058   0.30 14.78 ? 1010 ILE A HD11 1 
ATOM   855  H  HD12 A ILE A 1 60 ? -1.259  -3.169  -3.669  0.70 19.07 ? 1010 ILE A HD12 1 
ATOM   856  H  HD12 B ILE A 1 60 ? -3.169  -5.005  -1.083  0.30 14.78 ? 1010 ILE A HD12 1 
ATOM   857  H  HD13 A ILE A 1 60 ? -2.099  -2.112  -4.476  0.70 19.07 ? 1010 ILE A HD13 1 
ATOM   858  H  HD13 B ILE A 1 60 ? -2.343  -3.698  -0.796  0.30 14.78 ? 1010 ILE A HD13 1 
ATOM   859  N  N    . GLU A 1 61 ? -5.762  -5.069  -4.575  1.00 15.12 ? 1011 GLU A N    1 
ATOM   860  C  CA   . GLU A 1 61 ? -6.854  -6.003  -4.491  1.00 17.70 ? 1011 GLU A CA   1 
ATOM   861  C  C    . GLU A 1 61 ? -6.384  -7.367  -3.985  1.00 16.83 ? 1011 GLU A C    1 
ATOM   862  O  O    . GLU A 1 61 ? -5.342  -7.861  -4.384  1.00 14.52 ? 1011 GLU A O    1 
ATOM   863  C  CB   . GLU A 1 61 ? -7.552  -6.096  -5.844  1.00 20.80 ? 1011 GLU A CB   1 
ATOM   864  C  CG   . GLU A 1 61 ? -6.693  -6.606  -6.988  1.00 24.20 ? 1011 GLU A CG   1 
ATOM   865  C  CD   . GLU A 1 61 ? -7.459  -6.705  -8.304  1.00 29.66 ? 1011 GLU A CD   1 
ATOM   866  O  OE1  . GLU A 1 61 ? -6.852  -7.109  -9.330  1.00 30.33 ? 1011 GLU A OE1  1 
ATOM   867  O  OE2  . GLU A 1 61 ? -8.668  -6.371  -8.309  1.00 32.84 ? 1011 GLU A OE2  1 
ATOM   868  H  H    . GLU A 1 61 ? -5.098  -5.342  -5.050  1.00 18.14 ? 1011 GLU A H    1 
ATOM   869  H  HA   . GLU A 1 61 ? -7.508  -5.659  -3.846  1.00 21.24 ? 1011 GLU A HA   1 
ATOM   870  H  HB2  . GLU A 1 61 ? -8.309  -6.697  -5.759  1.00 24.96 ? 1011 GLU A HB2  1 
ATOM   871  H  HB3  . GLU A 1 61 ? -7.866  -5.212  -6.089  1.00 24.96 ? 1011 GLU A HB3  1 
ATOM   872  H  HG2  . GLU A 1 61 ? -5.950  -5.998  -7.120  1.00 29.04 ? 1011 GLU A HG2  1 
ATOM   873  H  HG3  . GLU A 1 61 ? -6.364  -7.490  -6.767  1.00 29.04 ? 1011 GLU A HG3  1 
ATOM   874  N  N    . PHE A 1 62 ? -7.172  -7.973  -3.093  1.00 19.63 ? 1012 PHE A N    1 
ATOM   875  C  CA   . PHE A 1 62 ? -6.831  -9.263  -2.495  1.00 23.15 ? 1012 PHE A CA   1 
ATOM   876  C  C    . PHE A 1 62 ? -6.762  -10.376 -3.527  1.00 26.35 ? 1012 PHE A C    1 
ATOM   877  O  O    . PHE A 1 62 ? -7.619  -10.438 -4.392  1.00 25.48 ? 1012 PHE A O    1 
ATOM   878  C  CB   . PHE A 1 62 ? -7.862  -9.602  -1.402  1.00 26.20 ? 1012 PHE A CB   1 
ATOM   879  C  CG   . PHE A 1 62 ? -7.688  -10.963 -0.794  1.00 29.94 ? 1012 PHE A CG   1 
ATOM   880  C  CD1  . PHE A 1 62 ? -6.473  -11.346 -0.244  1.00 32.71 ? 1012 PHE A CD1  1 
ATOM   881  C  CD2  . PHE A 1 62 ? -8.748  -11.852 -0.749  1.00 33.90 ? 1012 PHE A CD2  1 
ATOM   882  C  CE1  . PHE A 1 62 ? -6.310  -12.590 0.319   1.00 36.24 ? 1012 PHE A CE1  1 
ATOM   883  C  CE2  . PHE A 1 62 ? -8.597  -13.102 -0.180  1.00 36.35 ? 1012 PHE A CE2  1 
ATOM   884  C  CZ   . PHE A 1 62 ? -7.375  -13.473 0.358   1.00 37.08 ? 1012 PHE A CZ   1 
ATOM   885  H  H    . PHE A 1 62 ? -7.919  -7.651  -2.816  1.00 23.55 ? 1012 PHE A H    1 
ATOM   886  H  HA   . PHE A 1 62 ? -5.951  -9.193  -2.069  1.00 27.78 ? 1012 PHE A HA   1 
ATOM   887  H  HB2  . PHE A 1 62 ? -7.786  -8.948  -0.689  1.00 31.44 ? 1012 PHE A HB2  1 
ATOM   888  H  HB3  . PHE A 1 62 ? -8.750  -9.562  -1.788  1.00 31.44 ? 1012 PHE A HB3  1 
ATOM   889  H  HD1  . PHE A 1 62 ? -5.754  -10.756 -0.267  1.00 39.25 ? 1012 PHE A HD1  1 
ATOM   890  H  HD2  . PHE A 1 62 ? -9.570  -11.606 -1.108  1.00 40.68 ? 1012 PHE A HD2  1 
ATOM   891  H  HE1  . PHE A 1 62 ? -5.488  -12.834 0.680   1.00 43.49 ? 1012 PHE A HE1  1 
ATOM   892  H  HE2  . PHE A 1 62 ? -9.314  -13.694 -0.159  1.00 43.62 ? 1012 PHE A HE2  1 
ATOM   893  H  HZ   . PHE A 1 62 ? -7.269  -14.315 0.739   1.00 44.49 ? 1012 PHE A HZ   1 
ATOM   894  N  N    . VAL A 1 63 ? -5.699  -11.192 -3.428  1.00 29.87 ? 1013 VAL A N    1 
ATOM   895  C  CA   . VAL A 1 63 ? -5.523  -12.465 -4.132  1.00 36.54 ? 1013 VAL A CA   1 
ATOM   896  C  C    . VAL A 1 63 ? -4.971  -12.316 -5.555  1.00 39.41 ? 1013 VAL A C    1 
ATOM   897  O  O    . VAL A 1 63 ? -4.514  -11.231 -5.955  1.00 41.51 ? 1013 VAL A O    1 
ATOM   898  C  CB   . VAL A 1 63 ? -6.799  -13.377 -4.017  1.00 40.36 ? 1013 VAL A CB   1 
ATOM   899  C  CG1  . VAL A 1 63 ? -7.256  -13.911 -5.364  1.00 41.72 ? 1013 VAL A CG1  1 
ATOM   900  C  CG2  . VAL A 1 63 ? -6.522  -14.508 -3.038  1.00 42.33 ? 1013 VAL A CG2  1 
ATOM   901  H  H    . VAL A 1 63 ? -5.027  -11.010 -2.923  1.00 35.84 ? 1013 VAL A H    1 
ATOM   902  H  HA   . VAL A 1 63 ? -4.824  -12.948 -3.642  1.00 43.85 ? 1013 VAL A HA   1 
ATOM   903  H  HB   . VAL A 1 63 ? -7.532  -12.841 -3.648  1.00 48.43 ? 1013 VAL A HB   1 
ATOM   904  H  HG11 . VAL A 1 63 ? -8.034  -14.459 -5.234  1.00 50.06 ? 1013 VAL A HG11 1 
ATOM   905  H  HG12 . VAL A 1 63 ? -7.469  -13.171 -5.937  1.00 50.06 ? 1013 VAL A HG12 1 
ATOM   906  H  HG13 . VAL A 1 63 ? -6.548  -14.433 -5.750  1.00 50.06 ? 1013 VAL A HG13 1 
ATOM   907  H  HG21 . VAL A 1 63 ? -7.303  -15.062 -2.972  1.00 50.79 ? 1013 VAL A HG21 1 
ATOM   908  H  HG22 . VAL A 1 63 ? -5.780  -15.025 -3.360  1.00 50.79 ? 1013 VAL A HG22 1 
ATOM   909  H  HG23 . VAL A 1 63 ? -6.312  -14.133 -2.180  1.00 50.79 ? 1013 VAL A HG23 1 
ATOM   910  N  N    . PRO B 2 1  ? -5.131  7.314   -11.077 1.00 16.15 ? 2245 PRO B N    1 
ATOM   911  C  CA   . PRO B 2 1  ? -5.506  6.505   -9.906  1.00 14.10 ? 2245 PRO B CA   1 
ATOM   912  C  C    . PRO B 2 1  ? -6.274  7.365   -8.881  1.00 14.77 ? 2245 PRO B C    1 
ATOM   913  O  O    . PRO B 2 1  ? -6.324  8.599   -9.006  1.00 14.50 ? 2245 PRO B O    1 
ATOM   914  C  CB   . PRO B 2 1  ? -4.149  6.009   -9.400  1.00 14.28 ? 2245 PRO B CB   1 
ATOM   915  C  CG   . PRO B 2 1  ? -3.324  5.912   -10.633 1.00 18.19 ? 2245 PRO B CG   1 
ATOM   916  C  CD   . PRO B 2 1  ? -3.734  7.056   -11.487 1.00 19.79 ? 2245 PRO B CD   1 
ATOM   917  H  HA   . PRO B 2 1  ? -6.056  5.741   -10.176 1.00 16.93 ? 2245 PRO B HA   1 
ATOM   918  H  HB2  . PRO B 2 1  ? -3.771  6.652   -8.780  1.00 17.14 ? 2245 PRO B HB2  1 
ATOM   919  H  HB3  . PRO B 2 1  ? -4.249  5.140   -8.981  1.00 17.14 ? 2245 PRO B HB3  1 
ATOM   920  H  HG2  . PRO B 2 1  ? -2.384  5.979   -10.401 1.00 21.82 ? 2245 PRO B HG2  1 
ATOM   921  H  HG3  . PRO B 2 1  ? -3.505  5.070   -11.080 1.00 21.82 ? 2245 PRO B HG3  1 
ATOM   922  H  HD2  . PRO B 2 1  ? -3.180  7.830   -11.303 1.00 23.74 ? 2245 PRO B HD2  1 
ATOM   923  H  HD3  . PRO B 2 1  ? -3.697  6.807   -12.423 1.00 23.74 ? 2245 PRO B HD3  1 
ATOM   924  N  N    . PRO B 2 2  ? -6.924  6.719   -7.909  1.00 13.90 ? 2246 PRO B N    1 
ATOM   925  C  CA   . PRO B 2 2  ? -7.839  7.465   -7.036  1.00 13.53 ? 2246 PRO B CA   1 
ATOM   926  C  C    . PRO B 2 2  ? -7.098  8.236   -5.934  1.00 13.78 ? 2246 PRO B C    1 
ATOM   927  O  O    . PRO B 2 2  ? -5.943  7.963   -5.626  1.00 13.17 ? 2246 PRO B O    1 
ATOM   928  C  CB   . PRO B 2 2  ? -8.705  6.357   -6.418  1.00 15.90 ? 2246 PRO B CB   1 
ATOM   929  C  CG   . PRO B 2 2  ? -7.847  5.154   -6.444  1.00 15.99 ? 2246 PRO B CG   1 
ATOM   930  C  CD   . PRO B 2 2  ? -7.018  5.265   -7.690  1.00 14.11 ? 2246 PRO B CD   1 
ATOM   931  H  HA   . PRO B 2 2  ? -8.400  8.077   -7.557  1.00 16.23 ? 2246 PRO B HA   1 
ATOM   932  H  HB2  . PRO B 2 2  ? -8.940  6.593   -5.507  1.00 19.08 ? 2246 PRO B HB2  1 
ATOM   933  H  HB3  . PRO B 2 2  ? -9.502  6.224   -6.956  1.00 19.08 ? 2246 PRO B HB3  1 
ATOM   934  H  HG2  . PRO B 2 2  ? -7.280  5.143   -5.657  1.00 19.18 ? 2246 PRO B HG2  1 
ATOM   935  H  HG3  . PRO B 2 2  ? -8.403  4.359   -6.474  1.00 19.18 ? 2246 PRO B HG3  1 
ATOM   936  H  HD2  . PRO B 2 2  ? -6.137  4.887   -7.544  1.00 16.93 ? 2246 PRO B HD2  1 
ATOM   937  H  HD3  . PRO B 2 2  ? -7.468  4.840   -8.435  1.00 16.93 ? 2246 PRO B HD3  1 
ATOM   938  N  N    . PRO B 2 3  ? -7.779  9.196   -5.287  1.00 13.64 ? 2247 PRO B N    1 
ATOM   939  C  CA   . PRO B 2 3  ? -7.148  9.892   -4.162  1.00 13.56 ? 2247 PRO B CA   1 
ATOM   940  C  C    . PRO B 2 3  ? -6.907  8.934   -3.008  1.00 11.73 ? 2247 PRO B C    1 
ATOM   941  O  O    . PRO B 2 3  ? -7.610  7.946   -2.843  1.00 12.42 ? 2247 PRO B O    1 
ATOM   942  C  CB   . PRO B 2 3  ? -8.167  10.958  -3.772  1.00 17.25 ? 2247 PRO B CB   1 
ATOM   943  C  CG   . PRO B 2 3  ? -9.413  10.575  -4.425  1.00 21.74 ? 2247 PRO B CG   1 
ATOM   944  C  CD   . PRO B 2 3  ? -9.141  9.666   -5.553  1.00 16.22 ? 2247 PRO B CD   1 
ATOM   945  H  HA   . PRO B 2 3  ? -6.306  10.314  -4.434  1.00 16.27 ? 2247 PRO B HA   1 
ATOM   946  H  HB2  . PRO B 2 3  ? -8.275  10.966  -2.808  1.00 20.70 ? 2247 PRO B HB2  1 
ATOM   947  H  HB3  . PRO B 2 3  ? -7.868  11.824  -4.090  1.00 20.70 ? 2247 PRO B HB3  1 
ATOM   948  H  HG2  . PRO B 2 3  ? -9.980  10.131  -3.776  1.00 26.08 ? 2247 PRO B HG2  1 
ATOM   949  H  HG3  . PRO B 2 3  ? -9.852  11.376  -4.750  1.00 26.08 ? 2247 PRO B HG3  1 
ATOM   950  H  HD2  . PRO B 2 3  ? -9.763  8.922   -5.545  1.00 19.46 ? 2247 PRO B HD2  1 
ATOM   951  H  HD3  . PRO B 2 3  ? -9.174  10.150  -6.392  1.00 19.46 ? 2247 PRO B HD3  1 
ATOM   952  N  N    . THR B 2 4  ? -5.898  9.217   -2.204  1.00 13.03 ? 2248 THR B N    1 
ATOM   953  C  CA   . THR B 2 4  ? -5.653  8.434   -1.004  1.00 13.17 ? 2248 THR B CA   1 
ATOM   954  C  C    . THR B 2 4  ? -6.356  9.105   0.175   1.00 13.55 ? 2248 THR B C    1 
ATOM   955  O  O    . THR B 2 4  ? -6.689  10.300  0.136   1.00 15.50 ? 2248 THR B O    1 
ATOM   956  C  CB   . THR B 2 4  ? -4.147  8.276   -0.723  1.00 13.91 ? 2248 THR B CB   1 
ATOM   957  O  OG1  . THR B 2 4  ? -3.576  9.578   -0.592  1.00 15.46 ? 2248 THR B OG1  1 
ATOM   958  C  CG2  . THR B 2 4  ? -3.464  7.522   -1.848  1.00 15.91 ? 2248 THR B CG2  1 
ATOM   959  H  H    . THR B 2 4  ? -5.339  9.859   -2.329  1.00 15.64 ? 2248 THR B H    1 
ATOM   960  H  HA   . THR B 2 4  ? -6.038  7.540   -1.120  1.00 15.80 ? 2248 THR B HA   1 
ATOM   961  H  HB   . THR B 2 4  ? -4.020  7.781   0.102   1.00 16.69 ? 2248 THR B HB   1 
ATOM   962  H  HG1  . THR B 2 4  ? -2.773  9.518   -0.442  1.00 18.55 ? 2248 THR B HG1  1 
ATOM   963  H  HG21 . THR B 2 4  ? -2.527  7.431   -1.660  1.00 19.09 ? 2248 THR B HG21 1 
ATOM   964  H  HG22 . THR B 2 4  ? -3.850  6.648   -1.940  1.00 19.09 ? 2248 THR B HG22 1 
ATOM   965  H  HG23 . THR B 2 4  ? -3.571  7.998   -2.675  1.00 19.09 ? 2248 THR B HG23 1 
ATOM   966  N  N    . LEU B 2 5  ? -6.625  8.304   1.197   1.00 14.21 ? 2249 LEU B N    1 
ATOM   967  C  CA   . LEU B 2 5  ? -7.269  8.770   2.417   1.00 12.89 ? 2249 LEU B CA   1 
ATOM   968  C  C    . LEU B 2 5  ? -6.218  9.216   3.425   1.00 13.64 ? 2249 LEU B C    1 
ATOM   969  O  O    . LEU B 2 5  ? -5.045  8.864   3.310   1.00 13.18 ? 2249 LEU B O    1 
ATOM   970  C  CB   . LEU B 2 5  ? -8.132  7.656   3.004   1.00 17.89 ? 2249 LEU B CB   1 
ATOM   971  C  CG   . LEU B 2 5  ? -9.249  7.124   2.110   1.00 23.47 ? 2249 LEU B CG   1 
ATOM   972  C  CD1  . LEU B 2 5  ? -10.142 6.159   2.879   1.00 27.12 ? 2249 LEU B CD1  1 
ATOM   973  C  CD2  . LEU B 2 5  ? -10.049 8.272   1.556   1.00 30.35 ? 2249 LEU B CD2  1 
ATOM   974  H  H    . LEU B 2 5  ? -6.439  7.465   1.208   1.00 17.06 ? 2249 LEU B H    1 
ATOM   975  H  HA   . LEU B 2 5  ? -7.846  9.535   2.210   1.00 15.46 ? 2249 LEU B HA   1 
ATOM   976  H  HB2  . LEU B 2 5  ? -7.555  6.907   3.221   1.00 21.47 ? 2249 LEU B HB2  1 
ATOM   977  H  HB3  . LEU B 2 5  ? -8.547  7.989   3.816   1.00 21.47 ? 2249 LEU B HB3  1 
ATOM   978  H  HG   . LEU B 2 5  ? -8.856  6.642   1.365   1.00 28.16 ? 2249 LEU B HG   1 
ATOM   979  H  HD11 . LEU B 2 5  ? -10.834 5.841   2.295   1.00 32.54 ? 2249 LEU B HD11 1 
ATOM   980  H  HD12 . LEU B 2 5  ? -9.611  5.423   3.191   1.00 32.54 ? 2249 LEU B HD12 1 
ATOM   981  H  HD13 . LEU B 2 5  ? -10.531 6.622   3.626   1.00 32.54 ? 2249 LEU B HD13 1 
ATOM   982  H  HD21 . LEU B 2 5  ? -10.747 7.924   0.996   1.00 36.42 ? 2249 LEU B HD21 1 
ATOM   983  H  HD22 . LEU B 2 5  ? -10.429 8.768   2.285   1.00 36.42 ? 2249 LEU B HD22 1 
ATOM   984  H  HD23 . LEU B 2 5  ? -9.468  8.838   1.042   1.00 36.42 ? 2249 LEU B HD23 1 
ATOM   985  N  N    A PRO B 2 6  ? -6.632  10.004  4.426   0.43 16.24 ? 2250 PRO B N    1 
ATOM   986  N  N    B PRO B 2 6  ? -6.630  9.977   4.447   0.57 14.67 ? 2250 PRO B N    1 
ATOM   987  C  CA   A PRO B 2 6  ? -5.662  10.411  5.444   0.43 14.78 ? 2250 PRO B CA   1 
ATOM   988  C  CA   B PRO B 2 6  ? -5.656  10.409  5.454   0.57 14.28 ? 2250 PRO B CA   1 
ATOM   989  C  C    A PRO B 2 6  ? -4.944  9.202   6.025   0.43 15.37 ? 2250 PRO B C    1 
ATOM   990  C  C    B PRO B 2 6  ? -4.888  9.246   6.080   0.57 14.48 ? 2250 PRO B C    1 
ATOM   991  O  O    A PRO B 2 6  ? -5.543  8.141   6.213   0.43 16.69 ? 2250 PRO B O    1 
ATOM   992  O  O    B PRO B 2 6  ? -5.424  8.151   6.270   0.57 14.74 ? 2250 PRO B O    1 
ATOM   993  C  CB   A PRO B 2 6  ? -6.528  11.112  6.492   0.43 19.04 ? 2250 PRO B CB   1 
ATOM   994  C  CB   B PRO B 2 6  ? -6.527  11.129  6.490   0.57 19.54 ? 2250 PRO B CB   1 
ATOM   995  C  CG   A PRO B 2 6  ? -7.667  11.656  5.702   0.43 20.29 ? 2250 PRO B CG   1 
ATOM   996  C  CG   B PRO B 2 6  ? -7.664  11.655  5.685   0.57 20.79 ? 2250 PRO B CG   1 
ATOM   997  C  CD   A PRO B 2 6  ? -7.954  10.608  4.659   0.43 16.76 ? 2250 PRO B CD   1 
ATOM   998  C  CD   B PRO B 2 6  ? -7.953  10.579  4.675   0.57 17.39 ? 2250 PRO B CD   1 
ATOM   999  H  HA   A PRO B 2 6  ? -5.010  11.042  5.074   0.43 17.74 ? 2250 PRO B HA   1 
ATOM   1000 H  HA   B PRO B 2 6  ? -5.021  11.046  5.064   0.57 17.14 ? 2250 PRO B HA   1 
ATOM   1001 H  HB2  A PRO B 2 6  ? -6.837  10.469  7.149   0.43 22.84 ? 2250 PRO B HB2  1 
ATOM   1002 H  HB2  B PRO B 2 6  ? -6.836  10.499  7.158   0.57 23.44 ? 2250 PRO B HB2  1 
ATOM   1003 H  HB3  A PRO B 2 6  ? -6.025  11.826  6.913   0.43 22.84 ? 2250 PRO B HB3  1 
ATOM   1004 H  HB3  B PRO B 2 6  ? -6.026  11.853  6.898   0.57 23.44 ? 2250 PRO B HB3  1 
ATOM   1005 H  HG2  A PRO B 2 6  ? -8.436  11.783  6.281   0.43 24.35 ? 2250 PRO B HG2  1 
ATOM   1006 H  HG2  B PRO B 2 6  ? -8.430  11.803  6.259   0.57 24.94 ? 2250 PRO B HG2  1 
ATOM   1007 H  HG3  A PRO B 2 6  ? -7.408  12.493  5.287   0.43 24.35 ? 2250 PRO B HG3  1 
ATOM   1008 H  HG3  B PRO B 2 6  ? -7.400  12.478  5.244   0.57 24.94 ? 2250 PRO B HG3  1 
ATOM   1009 H  HD2  A PRO B 2 6  ? -8.573  9.946   5.003   0.43 20.11 ? 2250 PRO B HD2  1 
ATOM   1010 H  HD2  B PRO B 2 6  ? -8.566  9.923   5.043   0.57 20.86 ? 2250 PRO B HD2  1 
ATOM   1011 H  HD3  A PRO B 2 6  ? -8.286  11.021  3.846   0.43 20.11 ? 2250 PRO B HD3  1 
ATOM   1012 H  HD3  B PRO B 2 6  ? -8.296  10.967  3.855   0.57 20.86 ? 2250 PRO B HD3  1 
ATOM   1013 N  N    A LYS B 2 7  ? -3.655  9.364   6.280   0.43 17.07 ? 2251 LYS B N    1 
ATOM   1014 N  N    B LYS B 2 7  ? -3.619  9.494   6.381   0.57 15.06 ? 2251 LYS B N    1 
ATOM   1015 C  CA   A LYS B 2 7  ? -2.837  8.260   6.752   0.43 17.43 ? 2251 LYS B CA   1 
ATOM   1016 C  CA   B LYS B 2 7  ? -2.766  8.483   6.989   0.57 16.04 ? 2251 LYS B CA   1 
ATOM   1017 C  C    A LYS B 2 7  ? -2.664  8.328   8.261   0.43 14.75 ? 2251 LYS B C    1 
ATOM   1018 C  C    B LYS B 2 7  ? -3.179  8.288   8.437   0.57 23.28 ? 2251 LYS B C    1 
ATOM   1019 O  O    A LYS B 2 7  ? -2.312  9.376   8.811   0.43 15.78 ? 2251 LYS B O    1 
ATOM   1020 O  O    B LYS B 2 7  ? -3.778  9.178   9.039   0.57 23.43 ? 2251 LYS B O    1 
ATOM   1021 C  CB   A LYS B 2 7  ? -1.481  8.261   6.044   0.43 17.57 ? 2251 LYS B CB   1 
ATOM   1022 C  CB   B LYS B 2 7  ? -1.291  8.916   6.940   0.57 22.63 ? 2251 LYS B CB   1 
ATOM   1023 C  CG   A LYS B 2 7  ? -0.572  7.115   6.443   0.43 20.67 ? 2251 LYS B CG   1 
ATOM   1024 C  CG   B LYS B 2 7  ? -0.698  9.044   5.544   0.57 24.50 ? 2251 LYS B CG   1 
ATOM   1025 C  CD   A LYS B 2 7  ? 0.700   7.110   5.623   0.43 22.28 ? 2251 LYS B CD   1 
ATOM   1026 C  CD   B LYS B 2 7  ? -0.194  7.711   5.017   0.57 17.65 ? 2251 LYS B CD   1 
ATOM   1027 C  CE   A LYS B 2 7  ? 1.455   8.414   5.773   0.43 25.75 ? 2251 LYS B CE   1 
ATOM   1028 C  CE   B LYS B 2 7  ? 1.128   7.312   5.645   0.57 18.83 ? 2251 LYS B CE   1 
ATOM   1029 N  NZ   A LYS B 2 7  ? 2.742   8.358   5.043   0.43 25.25 1 2251 LYS B NZ   1 
ATOM   1030 N  NZ   B LYS B 2 7  ? 2.203   8.278   5.288   0.57 16.93 1 2251 LYS B NZ   1 
ATOM   1031 N  N    A PRO B 2 8  ? -2.916  7.206   8.945   0.43 20.21 ? 2252 PRO B N    1 
ATOM   1032 N  N    B PRO B 2 8  ? -2.907  7.110   9.003   0.57 18.79 ? 2252 PRO B N    1 
ATOM   1033 C  CA   A PRO B 2 8  ? -2.934  7.222   10.408  0.43 23.82 ? 2252 PRO B CA   1 
ATOM   1034 C  CA   B PRO B 2 8  ? -2.977  7.111   10.465  0.57 23.29 ? 2252 PRO B CA   1 
ATOM   1035 C  C    A PRO B 2 8  ? -1.537  7.173   11.021  0.43 23.70 ? 2252 PRO B C    1 
ATOM   1036 C  C    B PRO B 2 8  ? -1.585  7.062   11.096  0.57 25.04 ? 2252 PRO B C    1 
ATOM   1037 O  O    A PRO B 2 8  ? -0.624  6.565   10.453  0.43 28.47 ? 2252 PRO B O    1 
ATOM   1038 O  O    B PRO B 2 8  ? -0.707  6.348   10.596  0.57 29.05 ? 2252 PRO B O    1 
ATOM   1039 C  CB   A PRO B 2 8  ? -3.702  5.945   10.743  0.43 27.53 ? 2252 PRO B CB   1 
ATOM   1040 C  CB   B PRO B 2 8  ? -3.745  5.827   10.764  0.57 29.25 ? 2252 PRO B CB   1 
ATOM   1041 C  CG   A PRO B 2 8  ? -3.315  5.002   9.652   0.43 26.11 ? 2252 PRO B CG   1 
ATOM   1042 C  CG   B PRO B 2 8  ? -3.309  4.892   9.681   0.57 25.65 ? 2252 PRO B CG   1 
ATOM   1043 C  CD   A PRO B 2 8  ? -3.155  5.857   8.406   0.43 26.08 ? 2252 PRO B CD   1 
ATOM   1044 C  CD   B PRO B 2 8  ? -3.069  5.756   8.447   0.57 28.26 ? 2252 PRO B CD   1 
ATOM   1045 H  HA   A PRO B 2 8  ? -3.421  8.002   10.744  0.43 28.58 ? 2252 PRO B HA   1 
ATOM   1046 H  HA   B PRO B 2 8  ? -3.475  7.887   10.796  0.57 27.94 ? 2252 PRO B HA   1 
ATOM   1047 H  HB2  A PRO B 2 8  ? -3.422  5.609   11.609  0.43 33.03 ? 2252 PRO B HB2  1 
ATOM   1048 H  HB2  B PRO B 2 8  ? -3.495  5.488   11.638  0.57 35.10 ? 2252 PRO B HB2  1 
ATOM   1049 H  HB3  A PRO B 2 8  ? -4.656  6.120   10.729  0.43 33.03 ? 2252 PRO B HB3  1 
ATOM   1050 H  HB3  B PRO B 2 8  ? -4.699  5.993   10.716  0.57 35.10 ? 2252 PRO B HB3  1 
ATOM   1051 H  HG2  A PRO B 2 8  ? -2.476  4.569   9.879   0.43 31.33 ? 2252 PRO B HG2  1 
ATOM   1052 H  HG2  B PRO B 2 8  ? -2.489  4.446   9.948   0.57 30.78 ? 2252 PRO B HG2  1 
ATOM   1053 H  HG3  A PRO B 2 8  ? -4.016  4.344   9.527   0.43 31.33 ? 2252 PRO B HG3  1 
ATOM   1054 H  HG3  B PRO B 2 8  ? -4.009  4.244   9.512   0.57 30.78 ? 2252 PRO B HG3  1 
ATOM   1055 H  HD2  A PRO B 2 8  ? -2.391  5.559   7.887   0.43 31.30 ? 2252 PRO B HD2  1 
ATOM   1056 H  HD2  B PRO B 2 8  ? -2.259  5.479   7.992   0.57 33.92 ? 2252 PRO B HD2  1 
ATOM   1057 H  HD3  A PRO B 2 8  ? -3.969  5.842   7.879   0.43 31.30 ? 2252 PRO B HD3  1 
ATOM   1058 H  HD3  B PRO B 2 8  ? -3.839  5.723   7.856   0.57 33.92 ? 2252 PRO B HD3  1 
ATOM   1059 N  N    . LYS B 2 9  ? -1.373  7.813   12.172  0.83 28.50 ? 2253 LYS B N    1 
ATOM   1060 C  CA   . LYS B 2 9  ? -0.167  7.638   12.972  0.59 33.56 ? 2253 LYS B CA   1 
ATOM   1061 C  C    . LYS B 2 9  ? -0.487  6.494   13.924  0.84 36.56 ? 2253 LYS B C    1 
ATOM   1062 O  O    . LYS B 2 9  ? -1.398  6.606   14.744  1.00 38.31 ? 2253 LYS B O    1 
ATOM   1063 C  CB   . LYS B 2 9  ? 0.176   8.903   13.755  0.84 38.24 ? 2253 LYS B CB   1 
ATOM   1064 N  N    . LEU B 2 10 ? 0.237   5.386   13.803  1.00 41.04 ? 2254 LEU B N    1 
ATOM   1065 C  CA   . LEU B 2 10 ? -0.136  4.168   14.522  1.00 41.24 ? 2254 LEU B CA   1 
ATOM   1066 C  C    . LEU B 2 10 ? 0.515   4.045   15.899  0.59 43.58 ? 2254 LEU B C    1 
ATOM   1067 O  O    . LEU B 2 10 ? 1.690   4.367   16.068  1.00 37.94 ? 2254 LEU B O    1 
ATOM   1068 C  CB   . LEU B 2 10 ? 0.180   2.933   13.672  1.00 41.22 ? 2254 LEU B CB   1 
ATOM   1069 N  N    . PRO B 2 11 ? -0.253  3.564   16.892  0.84 44.26 ? 2255 PRO B N    1 
ATOM   1070 C  CA   . PRO B 2 11 ? -1.657  3.161   16.761  0.85 46.08 ? 2255 PRO B CA   1 
ATOM   1071 C  C    . PRO B 2 11 ? -2.618  4.320   17.020  1.00 41.85 ? 2255 PRO B C    1 
ATOM   1072 O  O    . PRO B 2 11 ? -3.827  4.130   16.874  1.00 52.19 ? 2255 PRO B O    1 
ATOM   1073 C  CB   . PRO B 2 11 ? -1.818  2.093   17.854  1.00 45.44 ? 2255 PRO B CB   1 
ATOM   1074 C  CG   . PRO B 2 11 ? -0.519  2.103   18.653  1.00 44.99 ? 2255 PRO B CG   1 
ATOM   1075 C  CD   . PRO B 2 11 ? 0.254   3.307   18.249  1.00 44.99 ? 2255 PRO B CD   1 
HETATM 1076 ZN ZN   . ZN  C 3 .  ? 7.924   12.738  6.015   1.00 15.55 ? 1101 ZN  A ZN   1 
HETATM 1077 O  O    . HOH D 4 .  ? 0.583   -8.203  11.051  1.00 15.93 ? 1201 HOH A O    1 
HETATM 1078 O  O    . HOH D 4 .  ? 9.061   -0.199  -3.668  1.00 15.52 ? 1202 HOH A O    1 
HETATM 1079 O  O    . HOH D 4 .  ? 4.061   -4.939  -11.911 1.00 17.84 ? 1203 HOH A O    1 
HETATM 1080 O  O    . HOH D 4 .  ? -8.955  -1.742  -3.531  1.00 17.54 ? 1204 HOH A O    1 
HETATM 1081 O  O    . HOH D 4 .  ? -7.989  -6.819  3.197   1.00 23.67 ? 1205 HOH A O    1 
HETATM 1082 O  O    . HOH D 4 .  ? -9.370  -7.135  1.110   1.00 27.92 ? 1206 HOH A O    1 
HETATM 1083 O  O    . HOH D 4 .  ? -8.667  -6.031  -1.415  1.00 27.38 ? 1207 HOH A O    1 
HETATM 1084 O  O    . HOH D 4 .  ? -7.597  -3.549  -0.182  1.00 29.26 ? 1208 HOH A O    1 
HETATM 1085 O  O    . HOH D 4 .  ? 11.202  -3.946  -12.253 1.00 24.41 ? 1209 HOH A O    1 
HETATM 1086 O  O    . HOH D 4 .  ? -10.630 -5.022  -7.077  1.00 32.55 ? 1210 HOH A O    1 
HETATM 1087 O  O    . HOH D 4 .  ? 6.220   -4.060  -13.569 1.00 33.41 ? 1211 HOH A O    1 
HETATM 1088 O  O    . HOH D 4 .  ? 11.850  -1.889  3.333   1.00 30.39 ? 1212 HOH A O    1 
HETATM 1089 O  O    . HOH D 4 .  ? 4.297   5.942   -10.082 1.00 38.99 ? 1213 HOH A O    1 
HETATM 1090 O  O    . HOH D 4 .  ? -1.780  10.962  -7.213  1.00 43.89 ? 1214 HOH A O    1 
HETATM 1091 O  O    . HOH D 4 .  ? 5.752   -6.888  -6.464  1.00 11.76 ? 1215 HOH A O    1 
HETATM 1092 O  O    . HOH D 4 .  ? 9.555   2.053   -2.081  1.00 16.40 ? 1216 HOH A O    1 
HETATM 1093 O  O    . HOH D 4 .  ? 8.111   0.820   -8.157  1.00 19.17 ? 1217 HOH A O    1 
HETATM 1094 O  O    . HOH D 4 .  ? 3.039   13.551  2.115   1.00 29.32 ? 1218 HOH A O    1 
HETATM 1095 O  O    . HOH D 4 .  ? -5.856  5.563   0.727   1.00 18.88 ? 1219 HOH A O    1 
HETATM 1096 O  O    . HOH D 4 .  ? 11.578  -5.199  3.270   1.00 24.40 ? 1220 HOH A O    1 
HETATM 1097 O  O    . HOH D 4 .  ? 1.527   8.308   -6.619  1.00 30.22 ? 1221 HOH A O    1 
HETATM 1098 O  O    . HOH D 4 .  ? 10.667  0.014   -9.669  1.00 22.87 ? 1222 HOH A O    1 
HETATM 1099 O  O    . HOH D 4 .  ? 3.321   0.200   -14.425 1.00 47.79 ? 1223 HOH A O    1 
HETATM 1100 O  O    . HOH D 4 .  ? 0.248   10.105  1.834   1.00 25.80 ? 1224 HOH A O    1 
HETATM 1101 O  O    . HOH D 4 .  ? -1.332  -12.010 -11.516 1.00 15.42 ? 1225 HOH A O    1 
HETATM 1102 O  O    . HOH D 4 .  ? 10.308  1.358   -6.026  1.00 22.16 ? 1226 HOH A O    1 
HETATM 1103 O  O    . HOH D 4 .  ? -0.118  -17.660 -3.209  1.00 24.65 ? 1227 HOH A O    1 
HETATM 1104 O  O    . HOH D 4 .  ? -5.808  -0.578  13.128  1.00 36.18 ? 1228 HOH A O    1 
HETATM 1105 O  O    . HOH D 4 .  ? 6.006   3.359   -8.927  1.00 44.30 ? 1229 HOH A O    1 
HETATM 1106 O  O    . HOH D 4 .  ? -1.557  3.149   -12.831 1.00 21.36 ? 1230 HOH A O    1 
HETATM 1107 O  O    . HOH D 4 .  ? 6.016   12.380  10.224  1.00 36.04 ? 1231 HOH A O    1 
HETATM 1108 O  O    . HOH D 4 .  ? 10.350  1.042   2.920   1.00 32.08 ? 1232 HOH A O    1 
HETATM 1109 O  O    . HOH D 4 .  ? -9.734  -3.165  6.440   1.00 44.11 ? 1233 HOH A O    1 
HETATM 1110 O  O    . HOH D 4 .  ? 9.586   5.747   0.531   1.00 42.70 ? 1234 HOH A O    1 
HETATM 1111 O  O    . HOH D 4 .  ? 7.478   5.587   -8.263  1.00 40.85 ? 1235 HOH A O    1 
HETATM 1112 O  O    . HOH D 4 .  ? 1.550   -13.135 1.786   1.00 16.36 ? 1236 HOH A O    1 
HETATM 1113 O  O    . HOH D 4 .  ? 11.085  -11.176 -5.593  1.00 32.37 ? 1237 HOH A O    1 
HETATM 1114 O  O    . HOH D 4 .  ? -0.062  6.827   -9.260  1.00 24.79 ? 1238 HOH A O    1 
HETATM 1115 O  O    . HOH D 4 .  ? 2.978   -2.342  -14.523 1.00 32.97 ? 1239 HOH A O    1 
HETATM 1116 O  O    . HOH D 4 .  ? 2.638   5.793   -13.119 1.00 44.34 ? 1240 HOH A O    1 
HETATM 1117 O  O    . HOH D 4 .  ? 1.217   -14.602 4.420   1.00 32.51 ? 1241 HOH A O    1 
HETATM 1118 O  O    . HOH D 4 .  ? -7.691  -1.839  4.819   1.00 43.84 ? 1242 HOH A O    1 
HETATM 1119 O  O    . HOH D 4 .  ? -7.159  -4.116  2.672   1.00 42.86 ? 1243 HOH A O    1 
HETATM 1120 O  O    . HOH D 4 .  ? 6.687   13.078  7.824   1.00 32.78 ? 1244 HOH A O    1 
HETATM 1121 O  O    . HOH D 4 .  ? -6.082  -12.717 -11.806 1.00 38.85 ? 1245 HOH A O    1 
HETATM 1122 O  O    . HOH D 4 .  ? 2.212   11.234  5.679   1.00 36.22 ? 1246 HOH A O    1 
HETATM 1123 O  O    . HOH D 4 .  ? 2.221   13.632  4.426   1.00 36.09 ? 1247 HOH A O    1 
HETATM 1124 O  O    . HOH D 4 .  ? -7.139  -0.857  -12.536 1.00 48.89 ? 1248 HOH A O    1 
HETATM 1125 O  O    . HOH D 4 .  ? 1.148   -16.570 -1.156  1.00 37.85 ? 1249 HOH A O    1 
HETATM 1126 O  O    . HOH D 4 .  ? -0.725  -10.796 1.817   1.00 22.52 ? 1250 HOH A O    1 
HETATM 1127 O  O    . HOH D 4 .  ? -4.543  -9.472  4.841   1.00 29.56 ? 1251 HOH A O    1 
HETATM 1128 O  O    . HOH D 4 .  ? 1.077   -10.374 9.303   1.00 25.79 ? 1252 HOH A O    1 
HETATM 1129 O  O    . HOH D 4 .  ? -1.275  8.469   -6.412  1.00 38.77 ? 1253 HOH A O    1 
HETATM 1130 O  O    . HOH D 4 .  ? -5.961  -13.057 3.247   1.00 41.43 ? 1254 HOH A O    1 
HETATM 1131 O  O    . HOH D 4 .  ? -1.569  -12.694 4.831   1.00 40.04 ? 1255 HOH A O    1 
HETATM 1132 O  O    . HOH D 4 .  ? -0.684  -11.640 6.450   1.00 44.41 ? 1256 HOH A O    1 
HETATM 1133 O  O    . HOH D 4 .  ? -1.370  11.438  2.964   1.00 38.57 ? 1257 HOH A O    1 
HETATM 1134 O  O    . HOH D 4 .  ? -1.768  -10.403 8.620   1.00 35.62 ? 1258 HOH A O    1 
HETATM 1135 O  O    . HOH D 4 .  ? -1.798  -14.371 2.305   1.00 33.91 ? 1259 HOH A O    1 
HETATM 1136 O  O    . HOH D 4 .  ? -1.025  14.178  -1.322  1.00 51.52 ? 1260 HOH A O    1 
HETATM 1137 O  O    . HOH D 4 .  ? -11.124 5.014   9.406   1.00 53.51 ? 1261 HOH A O    1 
HETATM 1138 O  O    . HOH D 4 .  ? 6.291   14.009  -0.310  1.00 48.09 ? 1262 HOH A O    1 
HETATM 1139 O  O    . HOH D 4 .  ? 2.031   -17.230 1.527   1.00 46.12 ? 1263 HOH A O    1 
HETATM 1140 O  O    . HOH D 4 .  ? 14.177  -8.787  -1.545  1.00 36.10 ? 1264 HOH A O    1 
HETATM 1141 O  O    . HOH D 4 .  ? 2.053   -18.878 3.747   1.00 40.20 ? 1265 HOH A O    1 
HETATM 1142 O  O    . HOH D 4 .  ? 14.758  -6.308  0.650   1.00 47.97 ? 1266 HOH A O    1 
HETATM 1143 O  O    . HOH D 4 .  ? 10.768  14.377  3.198   1.00 59.44 ? 1267 HOH A O    1 
HETATM 1144 O  O    . HOH D 4 .  ? -0.525  -16.388 2.674   1.00 30.90 ? 1268 HOH A O    1 
HETATM 1145 O  O    . HOH D 4 .  ? -7.067  6.708   7.875   1.00 44.43 ? 1269 HOH A O    1 
HETATM 1146 O  O    . HOH D 4 .  ? -5.608  -13.873 5.335   1.00 47.31 ? 1270 HOH A O    1 
HETATM 1147 O  O    . HOH D 4 .  ? 0.033   -17.136 1.042   1.00 45.20 ? 1271 HOH A O    1 
HETATM 1148 O  O    . HOH D 4 .  ? 11.543  -9.203  -2.486  1.00 29.77 ? 1272 HOH A O    1 
HETATM 1149 O  O    . HOH D 4 .  ? -4.283  -6.167  -10.190 1.00 34.80 ? 1273 HOH A O    1 
HETATM 1150 O  O    . HOH D 4 .  ? -1.789  1.169   -14.897 1.00 41.86 ? 1274 HOH A O    1 
HETATM 1151 O  O    . HOH D 4 .  ? -2.943  -5.707  -11.981 1.00 42.00 ? 1275 HOH A O    1 
HETATM 1152 O  O    . HOH D 4 .  ? -10.708 -1.027  8.284   1.00 44.23 ? 1276 HOH A O    1 
HETATM 1153 O  O    . HOH D 4 .  ? -4.279  -2.492  -14.704 1.00 13.31 ? 1277 HOH A O    1 
HETATM 1154 O  O    . HOH D 4 .  ? 8.837   1.385   5.788   1.00 35.86 ? 1278 HOH A O    1 
HETATM 1155 O  O    . HOH D 4 .  ? -5.326  -2.541  -12.975 1.00 42.53 ? 1279 HOH A O    1 
HETATM 1156 O  O    . HOH D 4 .  ? 6.166   9.028   8.770   1.00 47.26 ? 1280 HOH A O    1 
HETATM 1157 O  O    . HOH D 4 .  ? -9.245  1.149   -12.981 1.00 39.19 ? 1281 HOH A O    1 
HETATM 1158 O  O    . HOH D 4 .  ? 9.031   3.193   3.552   1.00 34.20 ? 1282 HOH A O    1 
HETATM 1159 O  O    . HOH D 4 .  ? 10.175  2.254   0.666   1.00 41.61 ? 1283 HOH A O    1 
HETATM 1160 O  O    . HOH D 4 .  ? -3.564  -13.122 1.735   1.00 43.44 ? 1284 HOH A O    1 
HETATM 1161 O  O    . HOH D 4 .  ? -5.545  -1.432  -15.772 1.00 43.60 ? 1285 HOH A O    1 
HETATM 1162 O  O    . HOH D 4 .  ? 8.382   10.833  -1.149  1.00 44.88 ? 1286 HOH A O    1 
HETATM 1163 O  O    . HOH D 4 .  ? 8.716   10.767  8.423   1.00 49.90 ? 1287 HOH A O    1 
HETATM 1164 O  O    . HOH E 4 .  ? -10.253 7.369   -2.890  1.00 25.75 ? 2301 HOH B O    1 
HETATM 1165 O  O    . HOH E 4 .  ? -3.464  10.665  1.902   1.00 25.16 ? 2302 HOH B O    1 
HETATM 1166 O  O    . HOH E 4 .  ? -1.436  10.531  -3.975  1.00 49.48 ? 2303 HOH B O    1 
HETATM 1167 O  O    . HOH E 4 .  ? -5.136  13.145  2.488   1.00 34.48 ? 2304 HOH B O    1 
HETATM 1168 O  O    . HOH E 4 .  ? -0.867  9.796   -1.001  1.00 23.11 ? 2305 HOH B O    1 
HETATM 1169 O  O    . HOH E 4 .  ? -2.418  11.961  5.878   1.00 26.77 ? 2306 HOH B O    1 
HETATM 1170 O  O    . HOH E 4 .  ? -6.507  5.761   -13.197 1.00 32.98 ? 2307 HOH B O    1 
HETATM 1171 O  O    . HOH E 4 .  ? -7.342  12.556  1.694   1.00 39.89 ? 2308 HOH B O    1 
HETATM 1172 O  O    . HOH E 4 .  ? -3.975  14.004  5.023   1.00 31.49 ? 2309 HOH B O    1 
HETATM 1173 O  O    . HOH E 4 .  ? 3.684   4.316   14.301  1.00 38.00 ? 2310 HOH B O    1 
HETATM 1174 O  O    . HOH E 4 .  ? -5.558  15.021  6.630   1.00 32.95 ? 2311 HOH B O    1 
HETATM 1175 O  O    . HOH E 4 .  ? -4.590  11.641  -2.996  1.00 40.34 ? 2312 HOH B O    1 
HETATM 1176 O  O    . HOH E 4 .  ? -4.379  13.613  8.572   1.00 45.94 ? 2313 HOH B O    1 
HETATM 1177 O  O    . HOH E 4 .  ? -2.555  12.916  -0.954  1.00 46.42 ? 2314 HOH B O    1 
HETATM 1178 O  O    . HOH E 4 .  ? -2.995  9.249   13.574  1.00 51.31 ? 2315 HOH B O    1 
HETATM 1179 O  O    . HOH E 4 .  ? -6.363  4.954   15.754  1.00 45.10 ? 2316 HOH B O    1 
HETATM 1180 O  O    . HOH E 4 .  ? -6.591  8.815   9.657   1.00 40.30 ? 2317 HOH B O    1 
# 
loop_
_atom_site_anisotrop.id 
_atom_site_anisotrop.type_symbol 
_atom_site_anisotrop.pdbx_label_atom_id 
_atom_site_anisotrop.pdbx_label_alt_id 
_atom_site_anisotrop.pdbx_label_comp_id 
_atom_site_anisotrop.pdbx_label_asym_id 
_atom_site_anisotrop.pdbx_label_seq_id 
_atom_site_anisotrop.pdbx_PDB_ins_code 
_atom_site_anisotrop.U[1][1] 
_atom_site_anisotrop.U[2][2] 
_atom_site_anisotrop.U[3][3] 
_atom_site_anisotrop.U[1][2] 
_atom_site_anisotrop.U[1][3] 
_atom_site_anisotrop.U[2][3] 
_atom_site_anisotrop.pdbx_auth_seq_id 
_atom_site_anisotrop.pdbx_auth_comp_id 
_atom_site_anisotrop.pdbx_auth_asym_id 
_atom_site_anisotrop.pdbx_auth_atom_id 
1    N  N   . THR A 8  ? 0.2769 0.2234 0.2407 -0.0347 0.0797  0.0591  958  THR A N   
2    C  CA  . THR A 8  ? 0.2692 0.2052 0.2979 0.0028  0.0557  0.0077  958  THR A CA  
3    C  C   . THR A 8  ? 0.2292 0.1962 0.3582 0.0060  0.0905  0.0045  958  THR A C   
4    O  O   . THR A 8  ? 0.2577 0.1597 0.4556 -0.0311 0.1150  -0.0008 958  THR A O   
5    C  CB  . THR A 8  ? 0.2828 0.2644 0.2543 0.0231  -0.0041 -0.0133 958  THR A CB  
6    O  OG1 . THR A 8  ? 0.3286 0.2848 0.2797 0.0451  0.0056  -0.0298 958  THR A OG1 
7    C  CG2 . THR A 8  ? 0.2397 0.2911 0.2306 0.0227  -0.0048 -0.0297 958  THR A CG2 
14   N  N   . TYR A 9  ? 0.1797 0.1962 0.2772 0.0208  0.0738  0.0379  959  TYR A N   
15   C  CA  . TYR A 9  ? 0.1440 0.1740 0.1986 0.0008  0.0318  0.0141  959  TYR A CA  
16   C  C   . TYR A 9  ? 0.1231 0.1524 0.1806 -0.0135 0.0161  -0.0143 959  TYR A C   
17   O  O   . TYR A 9  ? 0.1393 0.1746 0.1791 -0.0070 0.0158  0.0016  959  TYR A O   
18   C  CB  . TYR A 9  ? 0.1454 0.2168 0.1791 -0.0146 0.0092  -0.0072 959  TYR A CB  
19   C  CG  . TYR A 9  ? 0.1697 0.2420 0.2058 -0.0322 0.0093  -0.0034 959  TYR A CG  
20   C  CD1 . TYR A 9  ? 0.1683 0.2813 0.2254 -0.0291 0.0135  0.0109  959  TYR A CD1 
21   C  CD2 . TYR A 9  ? 0.1744 0.2415 0.2383 -0.0276 0.0314  -0.0035 959  TYR A CD2 
22   C  CE1 . TYR A 9  ? 0.1902 0.3125 0.2481 -0.0414 0.0443  0.0162  959  TYR A CE1 
23   C  CE2 . TYR A 9  ? 0.1917 0.2701 0.2559 -0.0332 0.0549  -0.0106 959  TYR A CE2 
24   C  CZ  . TYR A 9  ? 0.2139 0.2927 0.2709 -0.0699 0.0779  0.0018  959  TYR A CZ  
25   O  OH  . TYR A 9  ? 0.2700 0.3507 0.2754 -0.0732 0.1143  0.0026  959  TYR A OH  
35   N  N   . ARG A 10 ? 0.1237 0.1442 0.1818 -0.0143 0.0163  -0.0084 960  ARG A N   
36   C  CA  . ARG A 10 ? 0.1295 0.1436 0.1754 -0.0077 0.0011  -0.0356 960  ARG A CA  
37   C  C   . ARG A 10 ? 0.1205 0.1422 0.1531 -0.0047 -0.0131 -0.0310 960  ARG A C   
38   O  O   . ARG A 10 ? 0.1190 0.1578 0.1852 0.0047  -0.0083 -0.0045 960  ARG A O   
39   C  CB  . ARG A 10 ? 0.1803 0.1607 0.1941 -0.0080 0.0041  -0.0301 960  ARG A CB  
40   C  CG  . ARG A 10 ? 0.2100 0.1916 0.2058 -0.0102 0.0217  -0.0408 960  ARG A CG  
41   C  CD  . ARG A 10 ? 0.2317 0.2158 0.2463 -0.0099 0.0053  -0.0483 960  ARG A CD  
42   N  NE  . ARG A 10 ? 0.2373 0.2536 0.2488 -0.0089 -0.0529 -0.0577 960  ARG A NE  
43   C  CZ  . ARG A 10 ? 0.2565 0.2733 0.3192 -0.0032 -0.0423 -0.0825 960  ARG A CZ  
44   N  NH1 . ARG A 10 ? 0.2620 0.3158 0.3567 0.0069  -0.0295 -0.0790 960  ARG A NH1 
45   N  NH2 . ARG A 10 ? 0.2742 0.2822 0.3397 -0.0220 -0.0299 -0.0813 960  ARG A NH2 
59   N  N   . ALA A 11 ? 0.1185 0.1361 0.1372 0.0096  -0.0025 -0.0253 961  ALA A N   
60   C  CA  . ALA A 11 ? 0.1283 0.1386 0.1371 0.0072  -0.0098 -0.0123 961  ALA A CA  
61   C  C   . ALA A 11 ? 0.1361 0.1463 0.1376 -0.0016 -0.0027 -0.0047 961  ALA A C   
62   O  O   . ALA A 11 ? 0.1479 0.1752 0.1469 0.0144  -0.0132 -0.0267 961  ALA A O   
63   C  CB  . ALA A 11 ? 0.1259 0.1382 0.1547 0.0002  -0.0082 0.0072  961  ALA A CB  
69   N  N   . MET A 12 ? 0.1377 0.1692 0.1335 0.0107  -0.0095 -0.0026 962  MET A N   
70   C  CA  . MET A 12 ? 0.1388 0.2003 0.1593 -0.0001 -0.0164 0.0050  962  MET A CA  
71   C  C   . MET A 12 ? 0.1422 0.1878 0.1270 0.0166  -0.0115 0.0001  962  MET A C   
72   O  O   . MET A 12 ? 0.1698 0.1956 0.1437 0.0193  -0.0295 0.0080  962  MET A O   
73   C  CB  . MET A 12 ? 0.1488 0.2717 0.1984 0.0037  -0.0387 0.0444  962  MET A CB  
74   C  CG  . MET A 12 ? 0.1593 0.2831 0.2466 0.0183  -0.0114 0.0267  962  MET A CG  
75   S  SD  . MET A 12 ? 0.1430 0.2824 0.2682 0.0184  0.0028  0.0147  962  MET A SD  
76   C  CE  . MET A 12 ? 0.1930 0.3047 0.2768 0.0244  0.0339  0.0213  962  MET A CE  
86   N  N   . TYR A 13 ? 0.1388 0.1600 0.1206 0.0202  -0.0014 -0.0042 963  TYR A N   
87   C  CA  . TYR A 13 ? 0.1425 0.1760 0.1492 0.0240  0.0075  0.0079  963  TYR A CA  
88   C  C   . TYR A 13 ? 0.1403 0.1639 0.1335 0.0266  0.0089  0.0209  963  TYR A C   
89   O  O   . TYR A 13 ? 0.1348 0.1754 0.1570 0.0170  0.0039  0.0236  963  TYR A O   
90   C  CB  . TYR A 13 ? 0.1459 0.1720 0.1644 0.0186  0.0062  0.0058  963  TYR A CB  
91   C  CG  . TYR A 13 ? 0.1342 0.1706 0.1502 0.0297  0.0007  0.0120  963  TYR A CG  
92   C  CD1 . TYR A 13 ? 0.1412 0.1922 0.1404 0.0243  0.0091  0.0282  963  TYR A CD1 
93   C  CD2 . TYR A 13 ? 0.1361 0.1506 0.1518 0.0158  0.0076  0.0080  963  TYR A CD2 
94   C  CE1 . TYR A 13 ? 0.1458 0.2072 0.1255 0.0365  0.0035  0.0308  963  TYR A CE1 
95   C  CE2 . TYR A 13 ? 0.1399 0.1679 0.1329 0.0033  0.0255  0.0084  963  TYR A CE2 
96   C  CZ  . TYR A 13 ? 0.1378 0.1902 0.1187 0.0160  0.0029  0.0133  963  TYR A CZ  
97   O  OH  . TYR A 13 ? 0.1392 0.2154 0.1341 0.0195  -0.0013 -0.0064 963  TYR A OH  
107  N  N   . ASP A 14 ? 0.1459 0.1658 0.1268 0.0209  -0.0005 0.0256  964  ASP A N   
108  C  CA  . ASP A 14 ? 0.1471 0.1620 0.1461 0.0228  0.0039  0.0227  964  ASP A CA  
109  C  C   . ASP A 14 ? 0.1422 0.1460 0.1550 0.0129  0.0118  0.0117  964  ASP A C   
110  O  O   . ASP A 14 ? 0.1458 0.1648 0.1547 0.0313  0.0128  0.0096  964  ASP A O   
111  C  CB  . ASP A 14 ? 0.1617 0.1757 0.1536 0.0305  0.0248  0.0319  964  ASP A CB  
112  C  CG  . ASP A 14 ? 0.2219 0.2042 0.1437 0.0284  0.0391  0.0346  964  ASP A CG  
113  O  OD1 . ASP A 14 ? 0.2066 0.2174 0.1386 0.0288  0.0149  0.0252  964  ASP A OD1 
114  O  OD2 . ASP A 14 ? 0.3221 0.2309 0.1999 -0.0075 0.0980  0.0260  964  ASP A OD2 
119  N  N   . TYR A 15 ? 0.1421 0.1551 0.1519 0.0146  -0.0011 0.0145  965  TYR A N   
120  C  CA  . TYR A 15 ? 0.1507 0.1321 0.1657 0.0113  0.0023  0.0061  965  TYR A CA  
121  C  C   . TYR A 15 ? 0.1599 0.1340 0.1722 0.0012  0.0111  0.0151  965  TYR A C   
122  O  O   . TYR A 15 ? 0.1466 0.1519 0.1777 -0.0045 0.0000  0.0182  965  TYR A O   
123  C  CB  . TYR A 15 ? 0.1406 0.1386 0.1663 0.0054  0.0144  0.0101  965  TYR A CB  
124  C  CG  . TYR A 15 ? 0.1449 0.1425 0.1541 0.0066  0.0140  0.0115  965  TYR A CG  
125  C  CD1 . TYR A 15 ? 0.1509 0.1560 0.1434 0.0203  -0.0034 0.0122  965  TYR A CD1 
126  C  CD2 . TYR A 15 ? 0.1443 0.1597 0.1421 0.0012  0.0054  0.0040  965  TYR A CD2 
127  C  CE1 . TYR A 15 ? 0.1323 0.1525 0.1817 0.0297  -0.0082 0.0102  965  TYR A CE1 
128  C  CE2 . TYR A 15 ? 0.1330 0.1793 0.1564 -0.0014 0.0040  0.0203  965  TYR A CE2 
129  C  CZ  . TYR A 15 ? 0.1406 0.1470 0.1708 0.0210  0.0002  -0.0067 965  TYR A CZ  
130  O  OH  . TYR A 15 ? 0.1682 0.1697 0.1863 0.0146  0.0002  -0.0113 965  TYR A OH  
140  N  N   . SER A 16 ? 0.1793 0.1425 0.2053 -0.0087 0.0073  0.0243  966  SER A N   
141  C  CA  . SER A 16 ? 0.2053 0.1629 0.2338 -0.0367 0.0155  0.0276  966  SER A CA  
142  C  C   . SER A 16 ? 0.1803 0.1342 0.2457 -0.0228 0.0020  0.0100  966  SER A C   
143  O  O   . SER A 16 ? 0.2044 0.1333 0.2691 -0.0051 -0.0013 0.0054  966  SER A O   
144  C  CB  . SER A 16 ? 0.2644 0.2247 0.2628 -0.0622 0.0282  0.0280  966  SER A CB  
145  O  OG  . SER A 16 ? 0.3234 0.2856 0.3048 -0.0777 0.0608  0.0449  966  SER A OG  
151  N  N   . ALA A 17 ? 0.1724 0.1539 0.2385 -0.0250 0.0114  -0.0127 967  ALA A N   
152  C  CA  . ALA A 17 ? 0.1788 0.1553 0.2251 -0.0495 -0.0026 -0.0077 967  ALA A CA  
153  C  C   . ALA A 17 ? 0.1996 0.1427 0.2584 -0.0414 -0.0067 -0.0169 967  ALA A C   
154  O  O   . ALA A 17 ? 0.2051 0.1648 0.2883 -0.0535 -0.0065 -0.0108 967  ALA A O   
155  C  CB  . ALA A 17 ? 0.1840 0.1856 0.2132 -0.0439 -0.0117 -0.0012 967  ALA A CB  
161  N  N   . GLN A 18 ? 0.2213 0.1468 0.2621 -0.0282 -0.0129 -0.0205 968  GLN A N   
162  C  CA  . GLN A 18 ? 0.2519 0.1467 0.2768 0.0086  -0.0318 -0.0094 968  GLN A CA  
163  C  C   . GLN A 18 ? 0.2521 0.1321 0.2758 -0.0078 -0.0414 -0.0167 968  GLN A C   
164  O  O   . GLN A 18 ? 0.2672 0.1362 0.2845 -0.0097 -0.0296 -0.0241 968  GLN A O   
165  C  CB  . GLN A 18 ? 0.2769 0.1753 0.3110 0.0292  -0.0505 -0.0095 968  GLN A CB  
166  C  CG  . GLN A 18 ? 0.3167 0.2146 0.3322 0.0339  -0.0520 0.0073  968  GLN A CG  
167  C  CD  . GLN A 18 ? 0.3757 0.2367 0.4025 0.0196  -0.0504 0.0067  968  GLN A CD  
168  O  OE1 . GLN A 18 ? 0.4236 0.2528 0.4453 0.0239  -0.0550 0.0185  968  GLN A OE1 
169  N  NE2 . GLN A 18 ? 0.3896 0.2718 0.4052 -0.0054 -0.0361 0.0056  968  GLN A NE2 
178  N  N   . ASP A 19 ? 0.2267 0.1206 0.2649 -0.0198 -0.0427 -0.0276 969  ASP A N   
179  C  CA  . ASP A 19 ? 0.2091 0.1370 0.2518 -0.0355 -0.0300 -0.0214 969  ASP A CA  
180  C  C   . ASP A 19 ? 0.2141 0.1374 0.2637 -0.0286 -0.0337 -0.0316 969  ASP A C   
181  O  O   . ASP A 19 ? 0.2458 0.1241 0.2706 -0.0014 -0.0327 -0.0312 969  ASP A O   
182  C  CB  . ASP A 19 ? 0.2048 0.1785 0.2691 -0.0331 -0.0380 -0.0412 969  ASP A CB  
183  C  CG  . ASP A 19 ? 0.2573 0.2270 0.2946 -0.0138 -0.0188 -0.0313 969  ASP A CG  
184  O  OD1 . ASP A 19 ? 0.2652 0.1476 0.2941 -0.0234 -0.0267 -0.0327 969  ASP A OD1 
185  O  OD2 . ASP A 19 ? 0.2941 0.2993 0.3089 0.0029  -0.0150 -0.0482 969  ASP A OD2 
190  N  N   . GLU A 20 ? 0.1932 0.1626 0.2928 -0.0304 -0.0552 -0.0361 970  GLU A N   
191  C  CA  . GLU A 20 ? 0.1955 0.1583 0.3202 -0.0311 -0.0538 -0.0264 970  GLU A CA  
192  C  C   . GLU A 20 ? 0.2014 0.1585 0.2706 -0.0062 -0.0469 -0.0406 970  GLU A C   
193  O  O   . GLU A 20 ? 0.2196 0.1608 0.3332 0.0092  -0.0278 -0.0234 970  GLU A O   
194  C  CB  . GLU A 20 ? 0.2148 0.1586 0.4107 -0.0067 -0.0711 -0.0201 970  GLU A CB  
195  C  CG  . GLU A 20 ? 0.2531 0.2142 0.4359 -0.0168 -0.0673 -0.0206 970  GLU A CG  
196  C  CD  . GLU A 20 ? 0.2912 0.2591 0.4148 -0.0317 -0.0666 0.0037  970  GLU A CD  
197  O  OE1 . GLU A 20 ? 0.2653 0.2345 0.3858 -0.0371 -0.0746 -0.0128 970  GLU A OE1 
198  O  OE2 . GLU A 20 ? 0.3310 0.2855 0.4190 -0.0466 -0.0526 0.0320  970  GLU A OE2 
205  N  N   . ASP A 21 ? 0.2052 0.1413 0.2386 -0.0171 -0.0520 -0.0309 971  ASP A N   
206  C  CA  . ASP A 21 ? 0.2131 0.1544 0.2145 -0.0154 -0.0502 -0.0288 971  ASP A CA  
207  C  C   . ASP A 21 ? 0.1911 0.1427 0.1860 -0.0015 -0.0561 -0.0208 971  ASP A C   
208  O  O   . ASP A 21 ? 0.2193 0.1522 0.1962 -0.0235 -0.0706 -0.0051 971  ASP A O   
209  C  CB  . ASP A 21 ? 0.2356 0.1886 0.2353 -0.0391 -0.0443 -0.0316 971  ASP A CB  
210  C  CG  . ASP A 21 ? 0.2342 0.2442 0.2452 -0.0292 -0.0213 -0.0200 971  ASP A CG  
211  O  OD1 . ASP A 21 ? 0.2181 0.1986 0.2255 -0.0084 -0.0116 -0.0342 971  ASP A OD1 
212  O  OD2 . ASP A 21 ? 0.2695 0.3149 0.3140 -0.0366 -0.0075 0.0013  971  ASP A OD2 
217  N  N   . GLU A 22 ? 0.1712 0.1199 0.1901 -0.0130 -0.0299 -0.0300 972  GLU A N   
218  C  CA  . GLU A 22 ? 0.1634 0.1246 0.1927 -0.0001 -0.0182 -0.0304 972  GLU A CA  
219  C  C   . GLU A 22 ? 0.1408 0.1280 0.1882 -0.0170 -0.0213 -0.0207 972  GLU A C   
220  O  O   . GLU A 22 ? 0.1547 0.1568 0.2319 -0.0203 -0.0073 -0.0305 972  GLU A O   
221  C  CB  . GLU A 22 ? 0.1656 0.1239 0.1919 -0.0084 -0.0152 -0.0323 972  GLU A CB  
222  C  CG  . GLU A 22 ? 0.1660 0.1339 0.1978 -0.0119 -0.0080 -0.0316 972  GLU A CG  
223  C  CD  . GLU A 22 ? 0.1739 0.1370 0.1956 -0.0025 -0.0146 -0.0293 972  GLU A CD  
224  O  OE1 . GLU A 22 ? 0.1789 0.1412 0.2004 0.0046  -0.0217 -0.0122 972  GLU A OE1 
225  O  OE2 . GLU A 22 ? 0.1945 0.1646 0.2192 0.0256  -0.0136 -0.0203 972  GLU A OE2 
232  N  N   . VAL A 23 ? 0.1336 0.1216 0.1764 -0.0109 -0.0170 -0.0157 973  VAL A N   
233  C  CA  . VAL A 23 ? 0.1478 0.1274 0.1860 -0.0080 -0.0091 -0.0128 973  VAL A CA  
234  C  C   . VAL A 23 ? 0.1271 0.1407 0.1673 -0.0074 -0.0066 0.0022  973  VAL A C   
235  O  O   . VAL A 23 ? 0.1464 0.1978 0.1689 -0.0002 -0.0001 0.0165  973  VAL A O   
236  C  CB  . VAL A 23 ? 0.1918 0.1475 0.1718 0.0061  0.0302  0.0013  973  VAL A CB  
237  C  CG1 . VAL A 23 ? 0.2084 0.1905 0.1651 0.0347  0.0196  0.0135  973  VAL A CG1 
238  C  CG2 . VAL A 23 ? 0.2128 0.1199 0.2039 -0.0068 0.0413  -0.0067 973  VAL A CG2 
248  N  N   . SER A 24 ? 0.1185 0.1367 0.1867 -0.0038 -0.0125 -0.0048 974  SER A N   
249  C  CA  . SER A 24 ? 0.1218 0.1365 0.1699 -0.0106 -0.0076 0.0020  974  SER A CA  
250  C  C   . SER A 24 ? 0.1268 0.1379 0.1671 -0.0004 0.0001  0.0135  974  SER A C   
251  O  O   . SER A 24 ? 0.1308 0.1385 0.1804 0.0045  -0.0162 0.0094  974  SER A O   
252  C  CB  . SER A 24 ? 0.1375 0.1449 0.2113 -0.0168 0.0099  0.0055  974  SER A CB  
253  O  OG  . SER A 24 ? 0.1683 0.1437 0.2357 -0.0290 0.0188  0.0073  974  SER A OG  
259  N  N   . PHE A 25 ? 0.1240 0.1411 0.1441 0.0014  0.0053  0.0166  975  PHE A N   
260  C  CA  . PHE A 25 ? 0.1230 0.1323 0.1616 -0.0048 -0.0044 0.0106  975  PHE A CA  
261  C  C   . PHE A 25 ? 0.1344 0.1400 0.1471 0.0049  0.0044  0.0135  975  PHE A C   
262  O  O   . PHE A 25 ? 0.1402 0.1332 0.1555 0.0109  0.0055  0.0095  975  PHE A O   
263  C  CB  . PHE A 25 ? 0.1175 0.1375 0.1513 -0.0055 0.0036  0.0138  975  PHE A CB  
264  C  CG  . PHE A 25 ? 0.1198 0.1210 0.1501 -0.0085 0.0076  0.0113  975  PHE A CG  
265  C  CD1 . PHE A 25 ? 0.1236 0.1301 0.1579 -0.0099 -0.0098 0.0049  975  PHE A CD1 
266  C  CD2 . PHE A 25 ? 0.1217 0.1565 0.1247 -0.0075 0.0031  0.0234  975  PHE A CD2 
267  C  CE1 . PHE A 25 ? 0.1191 0.1527 0.1521 -0.0012 -0.0084 0.0132  975  PHE A CE1 
268  C  CE2 . PHE A 25 ? 0.1328 0.1677 0.1340 -0.0048 0.0095  0.0213  975  PHE A CE2 
269  C  CZ  . PHE A 25 ? 0.1248 0.1635 0.1454 -0.0013 0.0091  0.0134  975  PHE A CZ  
279  N  N   . ARG A 26 ? 0.1611 0.1527 0.1324 0.0114  -0.0050 0.0115  976  ARG A N   
280  C  CA  . ARG A 26 ? 0.1761 0.1546 0.1358 0.0192  -0.0016 0.0135  976  ARG A CA  
281  C  C   . ARG A 26 ? 0.1704 0.1508 0.1317 0.0092  -0.0209 0.0110  976  ARG A C   
282  O  O   . ARG A 26 ? 0.1676 0.1541 0.1442 0.0092  -0.0223 0.0084  976  ARG A O   
283  C  CB  . ARG A 26 ? 0.1948 0.1662 0.1608 0.0082  -0.0098 0.0107  976  ARG A CB  
284  C  CG  . ARG A 26 ? 0.2155 0.2263 0.1729 -0.0036 0.0106  0.0171  976  ARG A CG  
285  C  CD  . ARG A 26 ? 0.2760 0.3487 0.2700 0.0089  0.0041  0.0277  976  ARG A CD  
286  N  NE  . ARG A 26 ? 0.3379 0.4523 0.3326 0.0278  0.0225  0.0339  976  ARG A NE  
287  C  CZ  . ARG A 26 ? 0.3812 0.5027 0.3749 0.0411  0.0273  0.0144  976  ARG A CZ  
288  N  NH1 . ARG A 26 ? 0.3904 0.5350 0.3929 0.0507  0.0042  0.0107  976  ARG A NH1 
289  N  NH2 . ARG A 26 ? 0.3924 0.5042 0.3743 0.0171  0.0481  0.0134  976  ARG A NH2 
303  N  N   . ASP A 27 ? 0.1785 0.1687 0.1465 0.0130  -0.0218 0.0090  977  ASP A N   
304  C  CA  . ASP A 27 ? 0.1710 0.1890 0.1347 0.0229  -0.0137 0.0053  977  ASP A CA  
305  C  C   . ASP A 27 ? 0.1641 0.1855 0.1191 0.0139  0.0020  0.0128  977  ASP A C   
306  O  O   . ASP A 27 ? 0.1829 0.1635 0.1577 -0.0024 0.0258  -0.0059 977  ASP A O   
307  C  CB  . ASP A 27 ? 0.2051 0.2196 0.1501 0.0402  -0.0431 0.0098  977  ASP A CB  
308  C  CG  . ASP A 27 ? 0.2259 0.2864 0.1634 0.0564  -0.0543 0.0148  977  ASP A CG  
309  O  OD1 . ASP A 27 ? 0.2235 0.2852 0.1878 0.0282  -0.0468 -0.0054 977  ASP A OD1 
310  O  OD2 . ASP A 27 ? 0.2632 0.3654 0.2045 0.0808  -0.0730 0.0194  977  ASP A OD2 
315  N  N   . GLY A 28 ? 0.1428 0.1816 0.1149 0.0119  -0.0078 -0.0031 978  GLY A N   
316  C  CA  . GLY A 28 ? 0.1388 0.1723 0.1240 -0.0037 -0.0090 -0.0135 978  GLY A CA  
317  C  C   . GLY A 28 ? 0.1393 0.1578 0.1368 0.0019  -0.0094 -0.0243 978  GLY A C   
318  O  O   . GLY A 28 ? 0.1558 0.1513 0.1582 0.0004  -0.0152 -0.0303 978  GLY A O   
322  N  N   . ASP A 29 ? 0.1306 0.1216 0.1437 0.0126  -0.0142 -0.0154 979  ASP A N   
323  C  CA  . ASP A 29 ? 0.1202 0.1247 0.1393 0.0040  -0.0182 0.0018  979  ASP A CA  
324  C  C   . ASP A 29 ? 0.1265 0.1150 0.1267 -0.0031 -0.0137 -0.0149 979  ASP A C   
325  O  O   . ASP A 29 ? 0.1261 0.1415 0.1482 0.0063  -0.0010 -0.0117 979  ASP A O   
326  C  CB  . ASP A 29 ? 0.1125 0.1252 0.1462 -0.0011 -0.0139 -0.0010 979  ASP A CB  
327  C  CG  . ASP A 29 ? 0.1350 0.1408 0.1661 -0.0048 -0.0173 -0.0013 979  ASP A CG  
328  O  OD1 . ASP A 29 ? 0.1499 0.1781 0.1575 -0.0206 -0.0010 0.0103  979  ASP A OD1 
329  O  OD2 . ASP A 29 ? 0.1383 0.1305 0.2017 -0.0047 -0.0182 0.0163  979  ASP A OD2 
334  N  N   . TYR A 30 ? 0.1367 0.1324 0.1143 0.0155  -0.0002 -0.0106 980  TYR A N   
335  C  CA  . TYR A 30 ? 0.1332 0.1380 0.1023 0.0101  0.0050  -0.0166 980  TYR A CA  
336  C  C   . TYR A 30 ? 0.1253 0.1343 0.1119 -0.0179 0.0046  -0.0112 980  TYR A C   
337  O  O   . TYR A 30 ? 0.1322 0.1501 0.1212 -0.0161 0.0100  -0.0212 980  TYR A O   
338  C  CB  . TYR A 30 ? 0.1384 0.1399 0.1219 -0.0101 -0.0006 -0.0224 980  TYR A CB  
339  C  CG  . TYR A 30 ? 0.1501 0.1356 0.1210 -0.0002 -0.0037 -0.0004 980  TYR A CG  
340  C  CD1 . TYR A 30 ? 0.1725 0.1613 0.1426 -0.0430 0.0110  -0.0074 980  TYR A CD1 
341  C  CD2 . TYR A 30 ? 0.1424 0.1244 0.1295 0.0129  -0.0128 -0.0331 980  TYR A CD2 
342  C  CE1 . TYR A 30 ? 0.1668 0.1698 0.1424 -0.0430 0.0007  -0.0314 980  TYR A CE1 
343  C  CE2 . TYR A 30 ? 0.1608 0.1270 0.1193 0.0059  -0.0233 -0.0133 980  TYR A CE2 
344  C  CZ  . TYR A 30 ? 0.1621 0.1389 0.1323 -0.0028 -0.0257 -0.0206 980  TYR A CZ  
345  O  OH  . TYR A 30 ? 0.1701 0.1543 0.1570 -0.0198 -0.0324 -0.0199 980  TYR A OH  
355  N  N   . ILE A 31 ? 0.1295 0.1360 0.1106 -0.0186 0.0145  -0.0168 981  ILE A N   
356  C  CA  . ILE A 31 ? 0.1527 0.1289 0.1144 -0.0111 0.0132  -0.0194 981  ILE A CA  
357  C  C   . ILE A 31 ? 0.1492 0.1286 0.1179 -0.0137 0.0217  -0.0154 981  ILE A C   
358  O  O   . ILE A 31 ? 0.1444 0.1557 0.1477 -0.0213 0.0305  0.0043  981  ILE A O   
359  C  CB  . ILE A 31 ? 0.1752 0.1346 0.1314 -0.0039 0.0114  -0.0189 981  ILE A CB  
360  C  CG1 . ILE A 31 ? 0.1653 0.1508 0.1415 0.0065  0.0063  -0.0215 981  ILE A CG1 
361  C  CG2 . ILE A 31 ? 0.2147 0.1472 0.1278 -0.0016 0.0251  -0.0182 981  ILE A CG2 
362  C  CD1 . ILE A 31 ? 0.1581 0.1709 0.1568 -0.0062 -0.0121 0.0156  981  ILE A CD1 
374  N  N   . VAL A 32 ? 0.1640 0.1282 0.1061 -0.0253 0.0077  -0.0093 982  VAL A N   
375  C  CA  . VAL A 32 ? 0.1942 0.1310 0.1206 -0.0113 0.0225  -0.0142 982  VAL A CA  
376  C  C   . VAL A 32 ? 0.1736 0.1222 0.1139 0.0044  0.0176  -0.0137 982  VAL A C   
377  O  O   . VAL A 32 ? 0.1832 0.1324 0.1206 -0.0059 0.0029  -0.0213 982  VAL A O   
378  C  CB  . VAL A 32 ? 0.2483 0.1398 0.1503 0.0159  0.0421  -0.0195 982  VAL A CB  
379  C  CG1 . VAL A 32 ? 0.2857 0.1557 0.1726 0.0296  0.0450  -0.0428 982  VAL A CG1 
380  C  CG2 . VAL A 32 ? 0.2381 0.1543 0.1921 0.0106  0.0478  -0.0259 982  VAL A CG2 
390  N  N   . ASN A 33 ? 0.1928 0.1185 0.1059 0.0095  0.0167  -0.0133 983  ASN A N   
391  C  CA  . ASN A 33 ? 0.2167 0.1379 0.1098 0.0301  0.0147  0.0029  983  ASN A CA  
392  C  C   . ASN A 33 ? 0.1991 0.1318 0.0977 0.0151  0.0052  -0.0003 983  ASN A C   
393  O  O   . ASN A 33 ? 0.1987 0.1577 0.1105 0.0147  -0.0040 -0.0243 983  ASN A O   
394  C  CB  . ASN A 33 ? 0.2212 0.1482 0.1398 0.0438  0.0021  0.0005  983  ASN A CB  
395  C  CG  . ASN A 33 ? 0.2170 0.1816 0.1488 0.0224  0.0074  0.0097  983  ASN A CG  
396  O  OD1 . ASN A 33 ? 0.2387 0.2182 0.1651 0.0074  0.0102  0.0259  983  ASN A OD1 
397  N  ND2 . ASN A 33 ? 0.2226 0.2081 0.1569 0.0331  0.0034  0.0052  983  ASN A ND2 
404  N  N   . VAL A 34 ? 0.1913 0.1191 0.1108 -0.0085 0.0049  -0.0109 984  VAL A N   
405  C  CA  . VAL A 34 ? 0.1773 0.1315 0.1252 0.0115  0.0234  0.0003  984  VAL A CA  
406  C  C   . VAL A 34 ? 0.1749 0.1456 0.1524 -0.0210 0.0234  -0.0145 984  VAL A C   
407  O  O   . VAL A 34 ? 0.2239 0.1652 0.1766 -0.0565 0.0551  -0.0381 984  VAL A O   
408  C  CB  . VAL A 34 ? 0.1841 0.1613 0.1433 0.0180  0.0165  -0.0120 984  VAL A CB  
409  C  CG1 . VAL A 34 ? 0.2004 0.2209 0.2019 0.0365  0.0087  -0.0287 984  VAL A CG1 
410  C  CG2 . VAL A 34 ? 0.2062 0.1776 0.1162 0.0068  0.0108  -0.0035 984  VAL A CG2 
420  N  N   . GLN A 35 ? 0.1509 0.1292 0.1250 -0.0164 0.0245  -0.0056 985  GLN A N   
421  C  CA  . GLN A 35 ? 0.1534 0.1549 0.1021 0.0050  0.0170  -0.0025 985  GLN A CA  
422  C  C   . GLN A 35 ? 0.1545 0.1599 0.1065 0.0122  0.0165  0.0110  985  GLN A C   
423  O  O   . GLN A 35 ? 0.1651 0.1529 0.1357 -0.0026 0.0259  0.0175  985  GLN A O   
424  C  CB  . GLN A 35 ? 0.1685 0.1791 0.1213 0.0196  0.0093  -0.0095 985  GLN A CB  
425  C  CG  . GLN A 35 ? 0.1791 0.2183 0.1352 0.0223  0.0167  0.0053  985  GLN A CG  
426  C  CD  . GLN A 35 ? 0.1817 0.2200 0.1451 0.0294  0.0265  0.0107  985  GLN A CD  
427  O  OE1 . GLN A 35 ? 0.1883 0.2322 0.1811 0.0272  0.0181  0.0340  985  GLN A OE1 
428  N  NE2 . GLN A 35 ? 0.1592 0.2011 0.1687 0.0172  0.0235  0.0405  985  GLN A NE2 
437  N  N   . PRO A 36 ? 0.1643 0.1531 0.1633 0.0069  0.0107  0.0170  986  PRO A N   
438  C  CA  . PRO A 36 ? 0.1835 0.1815 0.1844 0.0313  0.0410  0.0360  986  PRO A CA  
439  C  C   . PRO A 36 ? 0.2174 0.1694 0.1895 0.0595  0.0779  0.0375  986  PRO A C   
440  O  O   . PRO A 36 ? 0.2136 0.1526 0.1936 0.0268  0.0697  0.0336  986  PRO A O   
441  C  CB  . PRO A 36 ? 0.1851 0.2688 0.2425 0.0267  0.0194  0.0251  986  PRO A CB  
442  C  CG  . PRO A 36 ? 0.1957 0.2583 0.2930 0.0197  0.0106  0.0012  986  PRO A CG  
443  C  CD  . PRO A 36 ? 0.1560 0.1915 0.2231 -0.0027 -0.0100 0.0228  986  PRO A CD  
451  N  N   . ILE A 37 ? 0.2954 0.1739 0.2001 0.0514  0.0971  0.0310  987  ILE A N   
452  C  CA  . ILE A 37 ? 0.3114 0.2097 0.2282 0.0380  0.1159  0.0141  987  ILE A CA  
453  C  C   . ILE A 37 ? 0.3163 0.2052 0.2656 0.0185  0.1194  0.0178  987  ILE A C   
454  O  O   . ILE A 37 ? 0.3573 0.2152 0.2517 0.0138  0.1252  0.0029  987  ILE A O   
455  C  CB  . ILE A 37 ? 0.3210 0.2115 0.2112 0.0337  0.0790  0.0010  987  ILE A CB  
456  C  CG1 . ILE A 37 ? 0.3190 0.2089 0.1915 0.0388  0.0304  -0.0091 987  ILE A CG1 
457  C  CG2 . ILE A 37 ? 0.3382 0.2065 0.2420 0.0171  0.0859  0.0032  987  ILE A CG2 
458  C  CD1 . ILE A 37 ? 0.3032 0.2190 0.1606 0.0224  -0.0005 -0.0136 987  ILE A CD1 
470  N  N   . ASP A 38 ? 0.2742 0.2019 0.2782 0.0555  0.1030  0.0091  988  ASP A N   
471  C  CA  . ASP A 38 ? 0.2770 0.2172 0.2933 0.0500  0.0775  -0.0058 988  ASP A CA  
472  C  C   . ASP A 38 ? 0.2585 0.2330 0.2951 0.0241  0.0771  -0.0155 988  ASP A C   
473  O  O   . ASP A 38 ? 0.2669 0.2185 0.3596 -0.0412 0.1002  -0.0282 988  ASP A O   
474  C  CB  . ASP A 38 ? 0.2963 0.1944 0.2980 0.0317  0.0721  -0.0030 988  ASP A CB  
475  C  CG  . ASP A 38 ? 0.3215 0.1934 0.2835 0.0089  0.0774  -0.0093 988  ASP A CG  
476  O  OD1 . ASP A 38 ? 0.3094 0.2013 0.2629 0.0357  0.0858  0.0031  988  ASP A OD1 
477  O  OD2 . ASP A 38 ? 0.3595 0.2360 0.3152 0.0038  0.0651  -0.0215 988  ASP A OD2 
482  N  N   . ASP A 39 ? 0.2595 0.2853 0.3182 0.0260  0.0810  -0.0048 989  ASP A N   
483  C  CA  . ASP A 39 ? 0.2584 0.3015 0.3150 0.0405  0.0188  -0.0028 989  ASP A CA  
484  C  C   . ASP A 39 ? 0.2571 0.2936 0.2850 0.0623  -0.0116 -0.0442 989  ASP A C   
485  O  O   . ASP A 39 ? 0.2936 0.3230 0.2775 0.0834  -0.0454 -0.0736 989  ASP A O   
486  C  CB  . ASP A 39 ? 0.2911 0.3459 0.3435 0.0501  0.0307  0.0003  989  ASP A CB  
487  C  CG  . ASP A 39 ? 0.3318 0.3575 0.3972 0.0861  0.0158  0.0009  989  ASP A CG  
488  O  OD1 . ASP A 39 ? 0.3517 0.3393 0.4222 0.1008  0.0188  -0.0240 989  ASP A OD1 
489  O  OD2 . ASP A 39 ? 0.3844 0.3827 0.4228 0.0505  0.0190  0.0215  989  ASP A OD2 
494  N  N   . GLY A 40 ? 0.2053 0.2645 0.2796 0.0581  0.0149  -0.0396 990  GLY A N   
495  C  CA  . GLY A 40 ? 0.1774 0.2022 0.2930 0.0565  -0.0079 -0.0274 990  GLY A CA  
496  C  C   . GLY A 40 ? 0.1630 0.1587 0.2338 0.0216  -0.0311 -0.0298 990  GLY A C   
497  O  O   . GLY A 40 ? 0.1815 0.1538 0.1897 0.0542  -0.0616 -0.0440 990  GLY A O   
501  N  N   . TRP A 41 ? 0.1450 0.1609 0.2154 0.0097  0.0091  -0.0017 991  TRP A N   
502  C  CA  . TRP A 41 ? 0.1403 0.1460 0.1531 0.0135  0.0195  0.0028  991  TRP A CA  
503  C  C   . TRP A 41 ? 0.1475 0.1283 0.1726 0.0051  0.0207  0.0147  991  TRP A C   
504  O  O   . TRP A 41 ? 0.1909 0.1325 0.2166 0.0236  0.0805  0.0129  991  TRP A O   
505  C  CB  . TRP A 41 ? 0.1665 0.1323 0.1501 0.0078  0.0023  -0.0056 991  TRP A CB  
506  C  CG  . TRP A 41 ? 0.1580 0.1143 0.1573 0.0107  -0.0109 -0.0110 991  TRP A CG  
507  C  CD1 . TRP A 41 ? 0.1726 0.1183 0.1959 0.0030  0.0053  -0.0128 991  TRP A CD1 
508  C  CD2 . TRP A 41 ? 0.1466 0.1108 0.1621 0.0080  -0.0237 -0.0103 991  TRP A CD2 
509  N  NE1 . TRP A 41 ? 0.1513 0.1236 0.2159 0.0236  -0.0263 -0.0189 991  TRP A NE1 
510  C  CE2 . TRP A 41 ? 0.1468 0.1255 0.1965 -0.0021 -0.0310 -0.0176 991  TRP A CE2 
511  C  CE3 . TRP A 41 ? 0.1462 0.1339 0.1582 0.0023  -0.0131 -0.0221 991  TRP A CE3 
512  C  CZ2 . TRP A 41 ? 0.1878 0.1355 0.1731 -0.0035 -0.0279 -0.0084 991  TRP A CZ2 
513  C  CZ3 . TRP A 41 ? 0.1530 0.1569 0.1755 -0.0011 -0.0065 -0.0248 991  TRP A CZ3 
514  C  CH2 . TRP A 41 ? 0.1896 0.1478 0.1762 -0.0099 -0.0124 -0.0183 991  TRP A CH2 
525  N  N   . MET A 42 ? 0.1429 0.1215 0.1285 0.0054  0.0105  0.0149  992  MET A N   
526  C  CA  . MET A 42 ? 0.1573 0.1275 0.1277 0.0125  -0.0040 0.0036  992  MET A CA  
527  C  C   . MET A 42 ? 0.1443 0.1302 0.1115 0.0064  0.0110  0.0035  992  MET A C   
528  O  O   . MET A 42 ? 0.1509 0.1387 0.1390 0.0008  0.0022  0.0300  992  MET A O   
529  C  CB  B MET A 42 ? 0.1575 0.1357 0.1262 0.0088  -0.0124 0.0132  992  MET A CB  
530  C  CB  C MET A 42 ? 0.1816 0.1721 0.1598 0.0497  -0.0356 -0.0226 992  MET A CB  
531  C  CG  B MET A 42 ? 0.1783 0.1406 0.1679 -0.0012 -0.0187 0.0031  992  MET A CG  
532  C  CG  C MET A 42 ? 0.2223 0.2258 0.2292 0.0599  -0.0732 -0.0710 992  MET A CG  
533  S  SD  B MET A 42 ? 0.2362 0.1677 0.1610 0.0020  0.0003  0.0172  992  MET A SD  
534  S  SD  C MET A 42 ? 0.2067 0.2655 0.3866 0.0494  -0.0532 -0.1295 992  MET A SD  
535  C  CE  B MET A 42 ? 0.2659 0.2340 0.2376 0.0112  0.0099  0.0136  992  MET A CE  
536  C  CE  C MET A 42 ? 0.2201 0.3185 0.3679 0.0269  -0.0961 -0.0734 992  MET A CE  
553  N  N   . TYR A 43 ? 0.1387 0.1219 0.1197 0.0167  0.0111  0.0101  993  TYR A N   
554  C  CA  . TYR A 43 ? 0.1384 0.1207 0.1161 0.0009  -0.0014 0.0080  993  TYR A CA  
555  C  C   . TYR A 43 ? 0.1213 0.1233 0.1217 0.0096  -0.0100 0.0076  993  TYR A C   
556  O  O   . TYR A 43 ? 0.1539 0.1262 0.1487 0.0053  0.0307  -0.0115 993  TYR A O   
557  C  CB  . TYR A 43 ? 0.1732 0.1698 0.1247 -0.0005 -0.0209 0.0061  993  TYR A CB  
558  C  CG  . TYR A 43 ? 0.2416 0.1671 0.1607 0.0179  -0.0387 0.0048  993  TYR A CG  
559  C  CD1 . TYR A 43 ? 0.2638 0.2321 0.1725 0.0012  -0.0805 0.0173  993  TYR A CD1 
560  C  CD2 . TYR A 43 ? 0.3012 0.2029 0.1525 0.0360  -0.0447 -0.0146 993  TYR A CD2 
561  C  CE1 . TYR A 43 ? 0.3272 0.2213 0.2193 -0.0124 -0.0929 -0.0095 993  TYR A CE1 
562  C  CE2 . TYR A 43 ? 0.3309 0.2023 0.2025 0.0280  -0.0624 -0.0511 993  TYR A CE2 
563  C  CZ  . TYR A 43 ? 0.3595 0.2165 0.2229 -0.0208 -0.1089 -0.0469 993  TYR A CZ  
564  O  OH  . TYR A 43 ? 0.4321 0.2810 0.2496 -0.0217 -0.1190 -0.0433 993  TYR A OH  
574  N  N   . GLY A 44 ? 0.1155 0.1249 0.1255 0.0069  -0.0120 -0.0009 994  GLY A N   
575  C  CA  . GLY A 44 ? 0.1359 0.1241 0.1180 0.0039  -0.0039 0.0008  994  GLY A CA  
576  C  C   . GLY A 44 ? 0.1315 0.1216 0.1059 -0.0090 -0.0109 -0.0020 994  GLY A C   
577  O  O   . GLY A 44 ? 0.1273 0.1240 0.1258 -0.0005 -0.0026 -0.0101 994  GLY A O   
581  N  N   . THR A 45 ? 0.1369 0.1235 0.1173 -0.0135 0.0139  -0.0124 995  THR A N   
582  C  CA  . THR A 45 ? 0.1445 0.1290 0.1299 -0.0020 0.0067  -0.0064 995  THR A CA  
583  C  C   . THR A 45 ? 0.1308 0.1082 0.1229 -0.0055 0.0086  -0.0164 995  THR A C   
584  O  O   . THR A 45 ? 0.1447 0.1257 0.1301 -0.0117 0.0135  -0.0097 995  THR A O   
585  C  CB  . THR A 45 ? 0.1667 0.1599 0.1248 0.0135  0.0021  0.0022  995  THR A CB  
586  O  OG1 . THR A 45 ? 0.1975 0.1508 0.1229 0.0291  0.0036  0.0062  995  THR A OG1 
587  C  CG2 . THR A 45 ? 0.1788 0.1789 0.1366 0.0336  0.0109  0.0188  995  THR A CG2 
595  N  N   . VAL A 46 ? 0.1170 0.1207 0.1102 -0.0075 0.0068  -0.0136 996  VAL A N   
596  C  CA  . VAL A 46 ? 0.1205 0.1287 0.1024 0.0005  -0.0011 -0.0117 996  VAL A CA  
597  C  C   . VAL A 46 ? 0.1236 0.1356 0.1101 -0.0078 0.0091  0.0039  996  VAL A C   
598  O  O   . VAL A 46 ? 0.1128 0.1476 0.1293 0.0037  0.0086  -0.0017 996  VAL A O   
599  C  CB  . VAL A 46 ? 0.1298 0.1264 0.1138 -0.0084 0.0093  -0.0112 996  VAL A CB  
600  C  CG1 . VAL A 46 ? 0.1278 0.1357 0.1347 -0.0048 0.0098  -0.0050 996  VAL A CG1 
601  C  CG2 . VAL A 46 ? 0.1517 0.1292 0.1364 -0.0167 0.0066  -0.0148 996  VAL A CG2 
611  N  N   . GLN A 47 ? 0.1307 0.1175 0.1137 0.0135  0.0083  -0.0046 997  GLN A N   
612  C  CA  . GLN A 47 ? 0.1499 0.1197 0.1262 -0.0016 0.0135  -0.0032 997  GLN A CA  
613  C  C   . GLN A 47 ? 0.1418 0.1089 0.1156 0.0096  0.0017  -0.0040 997  GLN A C   
614  O  O   . GLN A 47 ? 0.1467 0.1460 0.1396 0.0270  0.0055  -0.0024 997  GLN A O   
615  C  CB  . GLN A 47 ? 0.1814 0.1362 0.1494 -0.0042 0.0345  -0.0001 997  GLN A CB  
616  C  CG  . GLN A 47 ? 0.2334 0.1477 0.2246 0.0304  0.0296  -0.0035 997  GLN A CG  
617  C  CD  . GLN A 47 ? 0.3095 0.1743 0.3157 0.0521  0.0169  0.0001  997  GLN A CD  
618  O  OE1 . GLN A 47 ? 0.3903 0.2487 0.3051 0.1022  -0.0021 0.0358  997  GLN A OE1 
619  N  NE2 . GLN A 47 ? 0.3244 0.2057 0.4020 0.0078  -0.0348 -0.0111 997  GLN A NE2 
628  N  N   . ARG A 48 ? 0.1309 0.1201 0.1247 0.0058  0.0037  -0.0125 998  ARG A N   
629  C  CA  . ARG A 48 ? 0.1215 0.1492 0.1128 0.0015  0.0169  -0.0075 998  ARG A CA  
630  C  C   . ARG A 48 ? 0.1165 0.1605 0.1061 0.0069  0.0045  0.0043  998  ARG A C   
631  O  O   . ARG A 48 ? 0.1213 0.1624 0.1309 0.0101  0.0121  -0.0027 998  ARG A O   
632  C  CB  . ARG A 48 ? 0.1301 0.1591 0.1183 -0.0069 -0.0003 0.0026  998  ARG A CB  
633  C  CG  . ARG A 48 ? 0.1512 0.1659 0.1471 -0.0139 0.0082  0.0043  998  ARG A CG  
634  C  CD  . ARG A 48 ? 0.1705 0.1889 0.1431 -0.0146 -0.0157 0.0155  998  ARG A CD  
635  N  NE  . ARG A 48 ? 0.1732 0.1907 0.1781 -0.0337 -0.0287 0.0311  998  ARG A NE  
636  C  CZ  . ARG A 48 ? 0.1466 0.1715 0.2024 -0.0210 -0.0421 0.0552  998  ARG A CZ  
637  N  NH1 . ARG A 48 ? 0.1375 0.1854 0.2098 -0.0185 -0.0239 0.0336  998  ARG A NH1 
638  N  NH2 . ARG A 48 ? 0.1584 0.1615 0.2597 -0.0083 -0.0368 0.0512  998  ARG A NH2 
652  N  N   . THR A 49 ? 0.1082 0.1631 0.1294 -0.0016 0.0115  -0.0141 999  THR A N   
653  C  CA  . THR A 49 ? 0.1180 0.1665 0.1177 -0.0159 0.0006  -0.0045 999  THR A CA  
654  C  C   . THR A 49 ? 0.1160 0.1602 0.1457 -0.0079 0.0159  -0.0034 999  THR A C   
655  O  O   . THR A 49 ? 0.1239 0.2025 0.1473 -0.0204 -0.0019 -0.0072 999  THR A O   
656  C  CB  . THR A 49 ? 0.1271 0.1590 0.1377 -0.0182 -0.0020 -0.0010 999  THR A CB  
657  O  OG1 . THR A 49 ? 0.1243 0.1406 0.1538 -0.0027 0.0134  0.0049  999  THR A OG1 
658  C  CG2 . THR A 49 ? 0.1605 0.1509 0.1709 -0.0170 0.0124  0.0038  999  THR A CG2 
666  N  N   . GLY A 50 ? 0.1261 0.1553 0.1209 0.0126  0.0082  -0.0068 1000 GLY A N   
667  C  CA  . GLY A 50 ? 0.1278 0.1799 0.1347 0.0288  -0.0024 -0.0026 1000 GLY A CA  
668  C  C   . GLY A 50 ? 0.1395 0.1886 0.1198 0.0127  0.0026  0.0080  1000 GLY A C   
669  O  O   . GLY A 50 ? 0.1920 0.2226 0.1279 0.0518  -0.0150 -0.0102 1000 GLY A O   
673  N  N   . ARG A 51 ? 0.1241 0.1760 0.1155 0.0091  -0.0059 0.0051  1001 ARG A N   
674  C  CA  . ARG A 51 ? 0.1275 0.1674 0.1222 -0.0043 0.0026  -0.0100 1001 ARG A CA  
675  C  C   . ARG A 51 ? 0.1244 0.1667 0.1232 0.0003  0.0025  -0.0006 1001 ARG A C   
676  O  O   . ARG A 51 ? 0.1384 0.1708 0.1157 -0.0057 -0.0018 -0.0156 1001 ARG A O   
677  C  CB  . ARG A 51 ? 0.1335 0.1733 0.1399 -0.0169 0.0121  -0.0035 1001 ARG A CB  
678  C  CG  . ARG A 51 ? 0.1543 0.2044 0.1734 -0.0287 0.0160  -0.0083 1001 ARG A CG  
679  C  CD  . ARG A 51 ? 0.1925 0.2855 0.2295 -0.0503 0.0322  -0.0126 1001 ARG A CD  
680  N  NE  . ARG A 51 ? 0.2863 0.3236 0.3005 -0.0864 0.0366  -0.0236 1001 ARG A NE  
681  C  CZ  . ARG A 51 ? 0.3787 0.3750 0.3470 -0.0670 0.0602  -0.0267 1001 ARG A CZ  
682  N  NH1 . ARG A 51 ? 0.4029 0.4033 0.3684 -0.0508 0.0720  -0.0346 1001 ARG A NH1 
683  N  NH2 . ARG A 51 ? 0.4174 0.3835 0.3602 -0.0813 0.0764  -0.0194 1001 ARG A NH2 
697  N  N   . THR A 52 ? 0.1026 0.1936 0.1149 -0.0034 -0.0106 -0.0027 1002 THR A N   
698  C  CA  . THR A 52 ? 0.1137 0.1530 0.1369 -0.0183 -0.0103 -0.0083 1002 THR A CA  
699  C  C   . THR A 52 ? 0.1269 0.1524 0.1327 -0.0111 -0.0033 -0.0329 1002 THR A C   
700  O  O   . THR A 52 ? 0.1281 0.1691 0.1671 -0.0105 -0.0161 -0.0430 1002 THR A O   
701  C  CB  . THR A 52 ? 0.1555 0.1735 0.1248 0.0156  -0.0043 0.0002  1002 THR A CB  
702  O  OG1 . THR A 52 ? 0.1850 0.1741 0.1412 0.0325  -0.0002 -0.0115 1002 THR A OG1 
703  C  CG2 . THR A 52 ? 0.1610 0.1899 0.1398 0.0009  0.0018  0.0071  1002 THR A CG2 
711  N  N   . GLY A 53 ? 0.1199 0.1364 0.1189 -0.0115 -0.0084 -0.0196 1003 GLY A N   
712  C  CA  . GLY A 53 ? 0.1328 0.1374 0.1272 -0.0065 -0.0023 -0.0154 1003 GLY A CA  
713  C  C   . GLY A 53 ? 0.1329 0.1212 0.1230 -0.0018 -0.0129 -0.0138 1003 GLY A C   
714  O  O   . GLY A 53 ? 0.1324 0.1243 0.1333 -0.0068 -0.0093 -0.0132 1003 GLY A O   
718  N  N   . MET A 54 ? 0.1210 0.1229 0.1354 -0.0098 -0.0123 -0.0136 1004 MET A N   
719  C  CA  . MET A 54 ? 0.1373 0.1448 0.1260 -0.0041 -0.0030 0.0010  1004 MET A CA  
720  C  C   . MET A 54 ? 0.1238 0.1164 0.1316 -0.0044 0.0071  -0.0042 1004 MET A C   
721  O  O   . MET A 54 ? 0.1276 0.1248 0.1410 -0.0025 0.0026  -0.0041 1004 MET A O   
722  C  CB  A MET A 54 ? 0.1632 0.1816 0.1361 -0.0024 0.0086  -0.0053 1004 MET A CB  
723  C  CB  B MET A 54 ? 0.1566 0.1635 0.1425 -0.0016 -0.0104 0.0066  1004 MET A CB  
724  C  CG  A MET A 54 ? 0.2274 0.2107 0.1744 0.0111  0.0192  -0.0398 1004 MET A CG  
725  C  CG  B MET A 54 ? 0.2030 0.1796 0.1791 0.0213  -0.0272 -0.0016 1004 MET A CG  
726  S  SD  A MET A 54 ? 0.3157 0.2325 0.1984 0.0237  0.0446  -0.0726 1004 MET A SD  
727  S  SD  B MET A 54 ? 0.2445 0.1901 0.1971 0.0285  -0.0028 0.0048  1004 MET A SD  
728  C  CE  A MET A 54 ? 0.3138 0.1856 0.2181 0.0481  0.0510  -0.0764 1004 MET A CE  
729  C  CE  B MET A 54 ? 0.2335 0.1475 0.1977 0.0421  -0.0318 0.0007  1004 MET A CE  
746  N  N   . LEU A 55 ? 0.1267 0.1335 0.1203 -0.0019 -0.0007 0.0107  1005 LEU A N   
747  C  CA  . LEU A 55 ? 0.1394 0.1407 0.1035 0.0057  -0.0078 0.0116  1005 LEU A CA  
748  C  C   . LEU A 55 ? 0.1211 0.1118 0.1161 -0.0018 -0.0096 0.0061  1005 LEU A C   
749  O  O   . LEU A 55 ? 0.1277 0.1093 0.1191 0.0016  -0.0079 0.0040  1005 LEU A O   
750  C  CB  . LEU A 55 ? 0.1694 0.1753 0.1255 0.0422  -0.0090 0.0033  1005 LEU A CB  
751  C  CG  . LEU A 55 ? 0.2096 0.1463 0.1794 0.0076  -0.0105 -0.0060 1005 LEU A CG  
752  C  CD1 . LEU A 55 ? 0.2246 0.1282 0.1673 0.0396  -0.0429 -0.0127 1005 LEU A CD1 
753  C  CD2 . LEU A 55 ? 0.2382 0.1528 0.1651 0.0116  0.0136  0.0152  1005 LEU A CD2 
765  N  N   . PRO A 56 ? 0.1277 0.1135 0.1191 0.0010  -0.0036 0.0018  1006 PRO A N   
766  C  CA  . PRO A 56 ? 0.1327 0.1242 0.1307 0.0112  -0.0059 0.0079  1006 PRO A CA  
767  C  C   . PRO A 56 ? 0.1224 0.1144 0.1318 0.0112  -0.0112 -0.0090 1006 PRO A C   
768  O  O   . PRO A 56 ? 0.1233 0.1574 0.1438 0.0048  -0.0058 -0.0251 1006 PRO A O   
769  C  CB  . PRO A 56 ? 0.1698 0.1453 0.1635 0.0156  -0.0065 0.0074  1006 PRO A CB  
770  C  CG  . PRO A 56 ? 0.1771 0.1576 0.1629 0.0049  -0.0031 0.0489  1006 PRO A CG  
771  C  CD  . PRO A 56 ? 0.1464 0.1036 0.1435 -0.0038 -0.0026 0.0152  1006 PRO A CD  
779  N  N   . ALA A 57 ? 0.1475 0.1286 0.1287 -0.0038 -0.0085 -0.0043 1007 ALA A N   
780  C  CA  . ALA A 57 ? 0.1772 0.1339 0.1418 -0.0202 -0.0245 0.0169  1007 ALA A CA  
781  C  C   . ALA A 57 ? 0.1530 0.1182 0.1420 -0.0119 -0.0104 0.0073  1007 ALA A C   
782  O  O   . ALA A 57 ? 0.1776 0.1180 0.1622 -0.0094 -0.0412 0.0067  1007 ALA A O   
783  C  CB  . ALA A 57 ? 0.2068 0.1812 0.1639 -0.0521 -0.0302 0.0337  1007 ALA A CB  
789  N  N   . ASN A 58 ? 0.1359 0.1183 0.1356 0.0019  -0.0073 -0.0038 1008 ASN A N   
790  C  CA  . ASN A 58 ? 0.1268 0.1389 0.1366 0.0103  -0.0142 -0.0156 1008 ASN A CA  
791  C  C   . ASN A 58 ? 0.1200 0.1525 0.1336 0.0133  -0.0257 -0.0224 1008 ASN A C   
792  O  O   . ASN A 58 ? 0.1439 0.2306 0.1469 0.0313  -0.0355 -0.0324 1008 ASN A O   
793  C  CB  . ASN A 58 ? 0.1228 0.1365 0.1345 -0.0020 0.0013  -0.0107 1008 ASN A CB  
794  C  CG  . ASN A 58 ? 0.1277 0.1454 0.1289 0.0096  -0.0001 -0.0064 1008 ASN A CG  
795  O  OD1 . ASN A 58 ? 0.1361 0.1423 0.1464 0.0146  -0.0221 0.0031  1008 ASN A OD1 
796  N  ND2 . ASN A 58 ? 0.1255 0.1640 0.1563 -0.0134 -0.0171 0.0343  1008 ASN A ND2 
803  N  N   . TYR A 59 ? 0.1219 0.1461 0.1148 0.0004  -0.0176 0.0049  1009 TYR A N   
804  C  CA  . TYR A 59 ? 0.1365 0.1297 0.1235 0.0018  -0.0052 -0.0011 1009 TYR A CA  
805  C  C   . TYR A 59 ? 0.1456 0.1512 0.1279 0.0013  -0.0032 -0.0200 1009 TYR A C   
806  O  O   . TYR A 59 ? 0.1912 0.1610 0.1359 0.0092  0.0065  -0.0342 1009 TYR A O   
807  C  CB  . TYR A 59 ? 0.1434 0.1535 0.1260 -0.0039 0.0028  0.0044  1009 TYR A CB  
808  C  CG  . TYR A 59 ? 0.1374 0.1437 0.1235 0.0029  -0.0067 0.0001  1009 TYR A CG  
809  C  CD1 . TYR A 59 ? 0.1488 0.1553 0.1295 0.0092  0.0055  0.0021  1009 TYR A CD1 
810  C  CD2 . TYR A 59 ? 0.1329 0.1552 0.1477 0.0207  -0.0002 0.0080  1009 TYR A CD2 
811  C  CE1 . TYR A 59 ? 0.1441 0.1607 0.1379 0.0162  -0.0090 0.0074  1009 TYR A CE1 
812  C  CE2 . TYR A 59 ? 0.1330 0.1676 0.1576 0.0121  0.0066  0.0135  1009 TYR A CE2 
813  C  CZ  . TYR A 59 ? 0.1618 0.1456 0.1605 0.0106  0.0019  0.0029  1009 TYR A CZ  
814  O  OH  . TYR A 59 ? 0.1768 0.1561 0.1791 0.0129  0.0131  0.0201  1009 TYR A OH  
824  N  N   . ILE A 60 ? 0.1321 0.1640 0.1417 0.0072  0.0097  -0.0156 1010 ILE A N   
825  C  CA  A ILE A 60 ? 0.1332 0.1675 0.1805 0.0067  0.0052  -0.0158 1010 ILE A CA  
826  C  CA  B ILE A 60 ? 0.1222 0.1259 0.1513 0.0140  0.0105  -0.0254 1010 ILE A CA  
827  C  C   . ILE A 60 ? 0.1319 0.1461 0.2160 0.0043  0.0121  -0.0267 1010 ILE A C   
828  O  O   . ILE A 60 ? 0.1429 0.1666 0.2493 0.0068  0.0188  -0.0234 1010 ILE A O   
829  C  CB  A ILE A 60 ? 0.1691 0.1968 0.1986 0.0037  -0.0052 0.0069  1010 ILE A CB  
830  C  CB  B ILE A 60 ? 0.1220 0.0786 0.1152 0.0173  0.0018  -0.0257 1010 ILE A CB  
831  C  CG1 A ILE A 60 ? 0.1922 0.2256 0.1965 0.0067  -0.0196 0.0491  1010 ILE A CG1 
832  C  CG1 B ILE A 60 ? 0.1352 0.0963 0.1422 0.0295  0.0166  -0.0003 1010 ILE A CG1 
833  C  CG2 A ILE A 60 ? 0.1909 0.2343 0.2133 -0.0046 -0.0114 0.0267  1010 ILE A CG2 
834  C  CG2 B ILE A 60 ? 0.1113 0.0902 0.0622 0.0264  0.0148  -0.0269 1010 ILE A CG2 
835  C  CD1 A ILE A 60 ? 0.1911 0.2489 0.1637 -0.0092 -0.0128 0.0453  1010 ILE A CD1 
836  C  CD1 B ILE A 60 ? 0.1742 0.1544 0.1392 0.0189  0.0626  0.0145  1010 ILE A CD1 
859  N  N   . GLU A 61 ? 0.1407 0.1701 0.2637 -0.0318 0.0263  -0.0672 1011 GLU A N   
860  C  CA  . GLU A 61 ? 0.1667 0.1878 0.3180 -0.0263 0.0147  -0.0665 1011 GLU A CA  
861  C  C   . GLU A 61 ? 0.1591 0.1891 0.2910 -0.0552 0.0260  -0.0436 1011 GLU A C   
862  O  O   . GLU A 61 ? 0.1354 0.1853 0.2308 -0.0230 0.0172  -0.0066 1011 GLU A O   
863  C  CB  . GLU A 61 ? 0.2093 0.2314 0.3496 -0.0196 -0.0256 -0.0541 1011 GLU A CB  
864  C  CG  . GLU A 61 ? 0.2652 0.3032 0.3512 -0.0130 -0.0487 -0.0607 1011 GLU A CG  
865  C  CD  . GLU A 61 ? 0.3207 0.4099 0.3965 0.0175  -0.0702 -0.0642 1011 GLU A CD  
866  O  OE1 . GLU A 61 ? 0.3605 0.4404 0.3517 0.0038  -0.0930 -0.0837 1011 GLU A OE1 
867  O  OE2 . GLU A 61 ? 0.3385 0.4552 0.4543 0.0547  -0.0894 -0.0550 1011 GLU A OE2 
874  N  N   . PHE A 62 ? 0.2148 0.2142 0.3166 -0.0767 0.0891  -0.0341 1012 PHE A N   
875  C  CA  . PHE A 62 ? 0.3122 0.2458 0.3217 -0.1177 0.1192  -0.0390 1012 PHE A CA  
876  C  C   . PHE A 62 ? 0.3723 0.2811 0.3477 -0.1251 0.1021  -0.0234 1012 PHE A C   
877  O  O   . PHE A 62 ? 0.3696 0.2780 0.3205 -0.1443 0.0421  -0.0386 1012 PHE A O   
878  C  CB  . PHE A 62 ? 0.3678 0.2877 0.3400 -0.1157 0.1543  -0.0254 1012 PHE A CB  
879  C  CG  . PHE A 62 ? 0.4314 0.3052 0.4010 -0.1225 0.1712  -0.0396 1012 PHE A CG  
880  C  CD1 . PHE A 62 ? 0.4780 0.3122 0.4526 -0.1000 0.1688  -0.0503 1012 PHE A CD1 
881  C  CD2 . PHE A 62 ? 0.4698 0.3523 0.4659 -0.1063 0.1548  -0.0307 1012 PHE A CD2 
882  C  CE1 . PHE A 62 ? 0.5026 0.3693 0.5052 -0.0819 0.1516  -0.0369 1012 PHE A CE1 
883  C  CE2 . PHE A 62 ? 0.4943 0.3683 0.5185 -0.0931 0.1375  -0.0335 1012 PHE A CE2 
884  C  CZ  . PHE A 62 ? 0.5039 0.3706 0.5344 -0.0927 0.1384  -0.0393 1012 PHE A CZ  
894  N  N   . VAL A 63 ? 0.4397 0.2801 0.4149 -0.1049 0.1129  -0.0416 1013 VAL A N   
895  C  CA  . VAL A 63 ? 0.5106 0.3654 0.5123 -0.1057 0.0899  -0.0531 1013 VAL A CA  
896  C  C   . VAL A 63 ? 0.5473 0.4024 0.5476 -0.1067 0.0792  -0.0622 1013 VAL A C   
897  O  O   . VAL A 63 ? 0.5675 0.4377 0.5719 -0.0966 0.0770  -0.0646 1013 VAL A O   
898  C  CB  . VAL A 63 ? 0.5530 0.4187 0.5617 -0.0900 0.0789  -0.0547 1013 VAL A CB  
899  C  CG1 . VAL A 63 ? 0.5655 0.4331 0.5865 -0.1038 0.0520  -0.0456 1013 VAL A CG1 
900  C  CG2 . VAL A 63 ? 0.5705 0.4554 0.5823 -0.0664 0.0802  -0.0634 1013 VAL A CG2 
1076 ZN ZN  . ZN  C .  ? 0.2353 0.1383 0.2172 -0.0063 -0.0247 -0.0107 1101 ZN  A ZN  
1077 O  O   . HOH D .  ? 0.1700 0.2885 0.1469 0.0225  0.0099  -0.0295 1201 HOH A O   
1078 O  O   . HOH D .  ? 0.1726 0.1944 0.2226 0.0411  -0.0368 -0.0281 1202 HOH A O   
1079 O  O   . HOH D .  ? 0.2186 0.2584 0.2010 -0.0061 0.0095  -0.0033 1203 HOH A O   
1080 O  O   . HOH D .  ? 0.1871 0.1868 0.2927 -0.0110 -0.0369 -0.0040 1204 HOH A O   
1081 O  O   . HOH D .  ? 0.3183 0.3076 0.2734 -0.0358 0.0539  0.0300  1205 HOH A O   
1082 O  O   . HOH D .  ? 0.4007 0.3770 0.2832 -0.0831 0.0157  0.0096  1206 HOH A O   
1083 O  O   . HOH D .  ? 0.3070 0.3767 0.3566 0.0302  0.0618  -0.0236 1207 HOH A O   
1084 O  O   . HOH D .  ? 0.4450 0.3145 0.3524 -0.0839 0.0954  0.1040  1208 HOH A O   
1085 O  O   . HOH D .  ? 0.2424 0.3215 0.3636 -0.0688 0.0400  -0.0768 1209 HOH A O   
1086 O  O   . HOH D .  ? 0.2335 0.3755 0.6276 0.0552  -0.0402 0.0645  1210 HOH A O   
1087 O  O   . HOH D .  ? 0.4195 0.5521 0.2980 -0.1156 0.1490  -0.0423 1211 HOH A O   
1088 O  O   . HOH D .  ? 0.2000 0.6263 0.3282 -0.0925 -0.0097 -0.1137 1212 HOH A O   
1089 O  O   . HOH D .  ? 0.4783 0.3455 0.6578 -0.1215 -0.1258 0.1962  1213 HOH A O   
1090 O  O   . HOH D .  ? 0.7363 0.3689 0.5623 -0.1694 -0.1303 0.0487  1214 HOH A O   
1091 O  O   . HOH D .  ? 0.1222 0.1836 0.1410 -0.0033 -0.0020 0.0006  1215 HOH A O   
1092 O  O   . HOH D .  ? 0.1616 0.1906 0.2711 0.0209  -0.0238 -0.0127 1216 HOH A O   
1093 O  O   . HOH D .  ? 0.1932 0.2168 0.3185 -0.0298 0.0364  -0.0291 1217 HOH A O   
1094 O  O   . HOH D .  ? 0.3386 0.2568 0.5186 0.0552  -0.0572 -0.0666 1218 HOH A O   
1095 O  O   . HOH D .  ? 0.3744 0.1593 0.1835 0.1002  -0.0815 -0.0478 1219 HOH A O   
1096 O  O   . HOH D .  ? 0.2283 0.4783 0.2206 0.1573  0.0464  0.0472  1220 HOH A O   
1097 O  O   . HOH D .  ? 0.2801 0.2119 0.6563 0.0416  0.0533  0.1141  1221 HOH A O   
1098 O  O   . HOH D .  ? 0.3280 0.1696 0.3715 -0.0002 0.0672  -0.0099 1222 HOH A O   
1099 O  O   . HOH D .  ? 0.9983 0.4401 0.3772 -0.1292 0.2566  -0.0231 1223 HOH A O   
1100 O  O   . HOH D .  ? 0.3092 0.2786 0.3925 0.0814  -0.0662 -0.0122 1224 HOH A O   
1101 O  O   . HOH D .  ? 0.2148 0.1898 0.1814 0.0029  -0.0222 -0.0261 1225 HOH A O   
1102 O  O   . HOH D .  ? 0.2204 0.2860 0.3355 0.0779  0.0890  -0.0102 1226 HOH A O   
1103 O  O   . HOH D .  ? 0.4899 0.2547 0.1919 0.0591  0.0209  -0.0288 1227 HOH A O   
1104 O  O   . HOH D .  ? 0.4594 0.3884 0.5270 0.1409  -0.0968 -0.0624 1228 HOH A O   
1105 O  O   . HOH D .  ? 0.4612 0.6384 0.5836 -0.1750 0.2136  0.1370  1229 HOH A O   
1106 O  O   . HOH D .  ? 0.2723 0.3273 0.2120 0.0599  -0.0632 0.0557  1230 HOH A O   
1107 O  O   . HOH D .  ? 0.4745 0.4441 0.4506 0.1821  0.1239  0.1121  1231 HOH A O   
1108 O  O   . HOH D .  ? 0.4620 0.4047 0.3521 -0.0858 0.0704  -0.0135 1232 HOH A O   
1109 O  O   . HOH D .  ? 0.5007 0.5291 0.6462 -0.1193 -0.2025 0.3168  1233 HOH A O   
1110 O  O   . HOH D .  ? 0.3283 0.6612 0.6331 -0.1671 -0.0503 0.2640  1234 HOH A O   
1111 O  O   . HOH D .  ? 0.5943 0.5254 0.4322 0.0766  0.2139  -0.0434 1235 HOH A O   
1112 O  O   . HOH D .  ? 0.2604 0.1429 0.2183 0.0138  0.0109  -0.0303 1236 HOH A O   
1113 O  O   . HOH D .  ? 0.3690 0.4264 0.4346 0.0165  0.1298  -0.0529 1237 HOH A O   
1114 O  O   . HOH D .  ? 0.3626 0.1970 0.3823 0.0007  -0.0234 0.0950  1238 HOH A O   
1115 O  O   . HOH D .  ? 0.6201 0.3813 0.2514 -0.1135 0.1301  -0.0243 1239 HOH A O   
1116 O  O   . HOH D .  ? 0.8657 0.2854 0.5336 0.0026  0.3782  0.0076  1240 HOH A O   
1117 O  O   . HOH D .  ? 0.3920 0.5535 0.2897 -0.1123 0.0023  0.0924  1241 HOH A O   
1118 O  O   . HOH D .  ? 0.9767 0.3952 0.2940 -0.2838 0.0882  -0.0379 1242 HOH A O   
1119 O  O   . HOH D .  ? 0.7716 0.4425 0.4144 0.1848  0.2854  0.1110  1243 HOH A O   
1120 O  O   . HOH D .  ? 0.4440 0.4386 0.3628 -0.1597 -0.1040 0.0895  1244 HOH A O   
1121 O  O   . HOH D .  ? 0.3035 0.3361 0.8367 -0.0237 -0.0527 -0.0831 1245 HOH A O   
1122 O  O   . HOH D .  ? 0.4477 0.3250 0.6037 -0.0271 0.0497  -0.2028 1246 HOH A O   
1123 O  O   . HOH D .  ? 0.5075 0.2686 0.5950 -0.0977 -0.0358 -0.0572 1247 HOH A O   
1124 O  O   . HOH D .  ? 0.3379 0.5205 0.9993 -0.0563 -0.2103 0.0520  1248 HOH A O   
1125 O  O   . HOH D .  ? 0.5142 0.5076 0.4162 -0.0780 0.1144  -0.2204 1249 HOH A O   
1126 O  O   . HOH D .  ? 0.2791 0.2795 0.2969 0.0762  -0.0304 -0.0525 1250 HOH A O   
1127 O  O   . HOH D .  ? 0.4196 0.4336 0.2699 -0.1613 -0.0248 0.0752  1251 HOH A O   
1128 O  O   . HOH D .  ? 0.2694 0.4321 0.2784 0.0257  0.0182  -0.1198 1252 HOH A O   
1129 O  O   . HOH D .  ? 0.2949 0.3984 0.7797 -0.0796 -0.0992 0.2708  1253 HOH A O   
1130 O  O   . HOH D .  ? 0.5319 0.4547 0.5877 0.0699  -0.0005 -0.2195 1254 HOH A O   
1131 O  O   . HOH D .  ? 0.3616 0.2545 0.9052 0.0178  -0.0314 -0.0267 1255 HOH A O   
1132 O  O   . HOH D .  ? 0.5648 0.5349 0.5877 -0.0456 0.0933  0.1493  1256 HOH A O   
1133 O  O   . HOH D .  ? 0.5168 0.3394 0.6092 -0.0160 -0.0130 -0.0434 1257 HOH A O   
1134 O  O   . HOH D .  ? 0.3124 0.3169 0.7239 0.0810  -0.1418 -0.0124 1258 HOH A O   
1135 O  O   . HOH D .  ? 0.4203 0.4370 0.4314 0.1862  0.1748  0.0773  1259 HOH A O   
1136 O  O   . HOH D .  ? 0.6228 0.4056 0.9290 0.0665  -0.0217 -0.2454 1260 HOH A O   
1137 O  O   . HOH D .  ? 0.6604 0.8507 0.5220 -0.1099 -0.0846 0.2541  1261 HOH A O   
1138 O  O   . HOH D .  ? 0.7340 0.3252 0.7682 -0.1867 -0.0783 -0.1333 1262 HOH A O   
1139 O  O   . HOH D .  ? 0.5784 0.2765 0.8974 0.0123  -0.3147 -0.0063 1263 HOH A O   
1140 O  O   . HOH D .  ? 0.6035 0.4087 0.3595 0.1012  0.0772  0.0252  1264 HOH A O   
1141 O  O   . HOH D .  ? 0.4731 0.4853 0.5689 -0.0321 -0.0654 0.1088  1265 HOH A O   
1142 O  O   . HOH D .  ? 0.5830 0.6192 0.6203 0.1657  -0.2770 0.1143  1266 HOH A O   
1143 O  O   . HOH D .  ? 0.6063 0.7252 0.9269 0.3223  -0.0340 -0.1589 1267 HOH A O   
1144 O  O   . HOH D .  ? 0.5157 0.1986 0.4599 0.0031  0.0993  -0.0135 1268 HOH A O   
1145 O  O   . HOH D .  ? 0.7245 0.4064 0.5573 0.1269  0.2720  0.1140  1269 HOH A O   
1146 O  O   . HOH D .  ? 0.7015 0.6453 0.4506 0.1370  0.1146  -0.0340 1270 HOH A O   
1147 O  O   . HOH D .  ? 0.5045 0.3027 0.9101 0.0783  -0.0905 0.0781  1271 HOH A O   
1148 O  O   . HOH D .  ? 0.4975 0.2519 0.3818 -0.0078 -0.2294 0.0668  1272 HOH A O   
1149 O  O   . HOH D .  ? 0.3930 0.2737 0.6557 -0.0431 -0.2290 -0.0580 1273 HOH A O   
1150 O  O   . HOH D .  ? 0.6532 0.5039 0.4334 0.1023  -0.1756 -0.0847 1274 HOH A O   
1151 O  O   . HOH D .  ? 0.4221 0.5169 0.6569 -0.0112 -0.0972 -0.1535 1275 HOH A O   
1152 O  O   . HOH D .  ? 0.4155 0.5808 0.6844 -0.0152 0.0897  0.0191  1276 HOH A O   
1153 O  O   . HOH D .  ? 0.1920 0.1963 0.1172 0.0172  -0.0322 -0.0082 1277 HOH A O   
1154 O  O   . HOH D .  ? 0.3863 0.3938 0.5824 0.0541  -0.1887 -0.2299 1278 HOH A O   
1155 O  O   . HOH D .  ? 0.5607 0.5895 0.4659 -0.2798 -0.1438 -0.0126 1279 HOH A O   
1156 O  O   . HOH D .  ? 0.5473 0.5365 0.7119 -0.0957 -0.0737 -0.0439 1280 HOH A O   
1157 O  O   . HOH D .  ? 0.4947 0.6397 0.3544 -0.1700 -0.0578 -0.1020 1281 HOH A O   
1158 O  O   . HOH D .  ? 0.4323 0.3254 0.5416 0.0856  -0.2018 -0.1113 1282 HOH A O   
1159 O  O   . HOH D .  ? 0.5602 0.5702 0.4505 -0.1783 -0.1743 0.0053  1283 HOH A O   
1160 O  O   . HOH D .  ? 0.5751 0.5897 0.4856 -0.0711 0.0930  0.2519  1284 HOH A O   
1161 O  O   . HOH D .  ? 0.5909 0.6066 0.4594 -0.0252 -0.1509 -0.0137 1285 HOH A O   
1162 O  O   . HOH D .  ? 0.5475 0.4831 0.6746 -0.1680 -0.0310 -0.0458 1286 HOH A O   
1163 O  O   . HOH D .  ? 0.6180 0.7080 0.5701 -0.0632 -0.0050 0.0831  1287 HOH A O   
1164 O  O   . HOH E .  ? 0.1718 0.2333 0.5732 -0.0158 0.0590  -0.1480 2301 HOH B O   
1165 O  O   . HOH E .  ? 0.3768 0.3283 0.2511 -0.0394 0.0697  -0.0539 2302 HOH B O   
1166 O  O   . HOH E .  ? 0.5370 0.4044 0.9389 -0.0256 0.1892  -0.2230 2303 HOH B O   
1167 O  O   . HOH E .  ? 0.4684 0.3417 0.4999 0.1314  -0.0981 -0.0675 2304 HOH B O   
1168 O  O   . HOH E .  ? 0.2392 0.2324 0.4065 0.0426  0.0068  -0.0176 2305 HOH B O   
1169 O  O   . HOH E .  ? 0.3497 0.2611 0.4063 -0.0382 -0.0339 0.0646  2306 HOH B O   
1170 O  O   . HOH E .  ? 0.6312 0.4297 0.1920 -0.0283 -0.0184 0.0418  2307 HOH B O   
1171 O  O   . HOH E .  ? 0.4269 0.3647 0.7242 -0.0977 0.2651  -0.2199 2308 HOH B O   
1172 O  O   . HOH E .  ? 0.3556 0.2735 0.5675 -0.0119 0.0623  0.0051  2309 HOH B O   
1173 O  O   . HOH E .  ? 0.4057 0.5729 0.4651 0.2235  0.1176  0.1598  2310 HOH B O   
1174 O  O   . HOH E .  ? 0.4205 0.3697 0.4619 0.0716  -0.1082 -0.0021 2311 HOH B O   
1175 O  O   . HOH E .  ? 0.5120 0.3652 0.6554 -0.1847 -0.1988 0.1883  2312 HOH B O   
1176 O  O   . HOH E .  ? 0.7074 0.4423 0.5958 0.1691  0.0671  0.0221  2313 HOH B O   
1177 O  O   . HOH E .  ? 0.4331 0.5380 0.7925 -0.0675 -0.1328 0.1896  2314 HOH B O   
1178 O  O   . HOH E .  ? 0.5794 0.7262 0.6439 0.1824  -0.1677 -0.2266 2315 HOH B O   
1179 O  O   . HOH E .  ? 0.5617 0.5694 0.5825 -0.1902 -0.0057 -0.0615 2316 HOH B O   
1180 O  O   . HOH E .  ? 0.6899 0.3385 0.5030 -0.0311 0.0984  -0.0398 2317 HOH B O   
# 
